data_2PHY
# 
_entry.id   2PHY 
# 
_audit_conform.dict_name       mmcif_pdbx.dic 
_audit_conform.dict_version    5.403 
_audit_conform.dict_location   http://mmcif.pdb.org/dictionaries/ascii/mmcif_pdbx.dic 
# 
loop_
_database_2.database_id 
_database_2.database_code 
_database_2.pdbx_database_accession 
_database_2.pdbx_DOI 
PDB   2PHY         pdb_00002phy 10.2210/pdb2phy/pdb 
WWPDB D_1000178471 ?            ?                   
# 
loop_
_pdbx_audit_revision_history.ordinal 
_pdbx_audit_revision_history.data_content_type 
_pdbx_audit_revision_history.major_revision 
_pdbx_audit_revision_history.minor_revision 
_pdbx_audit_revision_history.revision_date 
_pdbx_audit_revision_history.part_number 
1 'Structure model' 1 0 1995-10-15 ? 
2 'Structure model' 1 1 2008-03-24 ? 
3 'Structure model' 1 2 2011-07-13 ? 
4 'Structure model' 1 3 2017-11-29 ? 
5 'Structure model' 1 4 2025-03-26 ? 
# 
_pdbx_audit_revision_details.ordinal             1 
_pdbx_audit_revision_details.revision_ordinal    1 
_pdbx_audit_revision_details.data_content_type   'Structure model' 
_pdbx_audit_revision_details.provider            repository 
_pdbx_audit_revision_details.type                'Initial release' 
_pdbx_audit_revision_details.description         ? 
_pdbx_audit_revision_details.details             ? 
# 
loop_
_pdbx_audit_revision_group.ordinal 
_pdbx_audit_revision_group.revision_ordinal 
_pdbx_audit_revision_group.data_content_type 
_pdbx_audit_revision_group.group 
1 2 'Structure model' 'Version format compliance' 
2 3 'Structure model' 'Version format compliance' 
3 4 'Structure model' 'Derived calculations'      
4 4 'Structure model' Other                       
5 5 'Structure model' 'Data collection'           
6 5 'Structure model' 'Database references'       
7 5 'Structure model' 'Derived calculations'      
8 5 'Structure model' 'Structure summary'         
# 
loop_
_pdbx_audit_revision_category.ordinal 
_pdbx_audit_revision_category.revision_ordinal 
_pdbx_audit_revision_category.data_content_type 
_pdbx_audit_revision_category.category 
1  4 'Structure model' pdbx_database_status      
2  4 'Structure model' struct_conf               
3  4 'Structure model' struct_conf_type          
4  5 'Structure model' chem_comp_atom            
5  5 'Structure model' chem_comp_bond            
6  5 'Structure model' database_2                
7  5 'Structure model' pdbx_entry_details        
8  5 'Structure model' pdbx_modification_feature 
9  5 'Structure model' struct_conn               
10 5 'Structure model' struct_site               
# 
loop_
_pdbx_audit_revision_item.ordinal 
_pdbx_audit_revision_item.revision_ordinal 
_pdbx_audit_revision_item.data_content_type 
_pdbx_audit_revision_item.item 
1 4 'Structure model' '_pdbx_database_status.process_site'           
2 5 'Structure model' '_database_2.pdbx_DOI'                         
3 5 'Structure model' '_database_2.pdbx_database_accession'          
4 5 'Structure model' '_pdbx_entry_details.has_protein_modification' 
5 5 'Structure model' '_struct_conn.pdbx_leaving_atom_flag'          
6 5 'Structure model' '_struct_site.pdbx_auth_asym_id'               
7 5 'Structure model' '_struct_site.pdbx_auth_comp_id'               
8 5 'Structure model' '_struct_site.pdbx_auth_seq_id'                
# 
_pdbx_database_PDB_obs_spr.id               SPRSDE 
_pdbx_database_PDB_obs_spr.date             1995-10-15 
_pdbx_database_PDB_obs_spr.pdb_id           2PHY 
_pdbx_database_PDB_obs_spr.replace_pdb_id   1PHY 
_pdbx_database_PDB_obs_spr.details          ? 
# 
_pdbx_database_status.status_code                     REL 
_pdbx_database_status.entry_id                        2PHY 
_pdbx_database_status.recvd_initial_deposition_date   1995-04-12 
_pdbx_database_status.deposit_site                    ? 
_pdbx_database_status.process_site                    BNL 
_pdbx_database_status.SG_entry                        . 
_pdbx_database_status.pdb_format_compatible           Y 
_pdbx_database_status.status_code_mr                  ? 
_pdbx_database_status.status_code_sf                  ? 
_pdbx_database_status.status_code_cs                  ? 
_pdbx_database_status.methods_development_category    ? 
_pdbx_database_status.status_code_nmr_data            ? 
# 
loop_
_audit_author.name 
_audit_author.pdbx_ordinal 
'Borgstahl, G.E.O.' 1 
'Getzoff, E.D.'     2 
# 
loop_
_citation.id 
_citation.title 
_citation.journal_abbrev 
_citation.journal_volume 
_citation.page_first 
_citation.page_last 
_citation.year 
_citation.journal_id_ASTM 
_citation.country 
_citation.journal_id_ISSN 
_citation.journal_id_CSD 
_citation.book_publisher 
_citation.pdbx_database_id_PubMed 
_citation.pdbx_database_id_DOI 
primary '1.4 A structure of photoactive yellow protein, a cytosolic photoreceptor: unusual fold, active site, and chromophore.' 
Biochemistry 34 6278  6287 1995 BICHAW US 0006-2960 0033 ? 7756254 10.1021/bi00019a004 
1       
;Complete Chemical Structure of Photoactive Yellow Protein: Novel Thioester-Linked 4-Hydroxycinnamyl Chromophore and Photocycle Chemistry
;
Biochemistry 33 14369 ?    1994 BICHAW US 0006-2960 0033 ? ?       ?                   
# 
loop_
_citation_author.citation_id 
_citation_author.name 
_citation_author.ordinal 
_citation_author.identifier_ORCID 
primary 'Borgstahl, G.E.'   1  ? 
primary 'Williams, D.R.'    2  ? 
primary 'Getzoff, E.D.'     3  ? 
1       'Baca, M.'          4  ? 
1       'Borgstahl, G.E.O.' 5  ? 
1       'Boissinot, M.'     6  ? 
1       'Burke, P.M.'       7  ? 
1       'Williams, D.R.'    8  ? 
1       'Slater, K.A.'      9  ? 
1       'Getzoff, E.D.'     10 ? 
# 
loop_
_entity.id 
_entity.type 
_entity.src_method 
_entity.pdbx_description 
_entity.formula_weight 
_entity.pdbx_number_of_molecules 
_entity.pdbx_ec 
_entity.pdbx_mutation 
_entity.pdbx_fragment 
_entity.details 
1 polymer     nat 'PHOTOACTIVE YELLOW PROTEIN' 13888.575 1  ? ? ? ? 
2 non-polymer syn 
;4'-HYDROXYCINNAMIC ACID
;
164.158   1  ? ? ? ? 
3 water       nat water                        18.015    92 ? ? ? ? 
# 
_entity_name_com.entity_id   1 
_entity_name_com.name        PYP 
# 
_entity_poly.entity_id                      1 
_entity_poly.type                           'polypeptide(L)' 
_entity_poly.nstd_linkage                   no 
_entity_poly.nstd_monomer                   no 
_entity_poly.pdbx_seq_one_letter_code       
;MEHVAFGSEDIENTLAKMDDGQLDGLAFGAIQLDGDGNILQYNAAEGDITGRDPKQVIGKNFFKDVAPCTDSPEFYGKFK
EGVASGNLNTMFEYTFDYQMTPTKVKVHMKKALSGDSYWVFVKRV
;
_entity_poly.pdbx_seq_one_letter_code_can   
;MEHVAFGSEDIENTLAKMDDGQLDGLAFGAIQLDGDGNILQYNAAEGDITGRDPKQVIGKNFFKDVAPCTDSPEFYGKFK
EGVASGNLNTMFEYTFDYQMTPTKVKVHMKKALSGDSYWVFVKRV
;
_entity_poly.pdbx_strand_id                 A 
_entity_poly.pdbx_target_identifier         ? 
# 
loop_
_pdbx_entity_nonpoly.entity_id 
_pdbx_entity_nonpoly.name 
_pdbx_entity_nonpoly.comp_id 
2 
;4'-HYDROXYCINNAMIC ACID
;
HC4 
3 water                     HOH 
# 
loop_
_entity_poly_seq.entity_id 
_entity_poly_seq.num 
_entity_poly_seq.mon_id 
_entity_poly_seq.hetero 
1 1   MET n 
1 2   GLU n 
1 3   HIS n 
1 4   VAL n 
1 5   ALA n 
1 6   PHE n 
1 7   GLY n 
1 8   SER n 
1 9   GLU n 
1 10  ASP n 
1 11  ILE n 
1 12  GLU n 
1 13  ASN n 
1 14  THR n 
1 15  LEU n 
1 16  ALA n 
1 17  LYS n 
1 18  MET n 
1 19  ASP n 
1 20  ASP n 
1 21  GLY n 
1 22  GLN n 
1 23  LEU n 
1 24  ASP n 
1 25  GLY n 
1 26  LEU n 
1 27  ALA n 
1 28  PHE n 
1 29  GLY n 
1 30  ALA n 
1 31  ILE n 
1 32  GLN n 
1 33  LEU n 
1 34  ASP n 
1 35  GLY n 
1 36  ASP n 
1 37  GLY n 
1 38  ASN n 
1 39  ILE n 
1 40  LEU n 
1 41  GLN n 
1 42  TYR n 
1 43  ASN n 
1 44  ALA n 
1 45  ALA n 
1 46  GLU n 
1 47  GLY n 
1 48  ASP n 
1 49  ILE n 
1 50  THR n 
1 51  GLY n 
1 52  ARG n 
1 53  ASP n 
1 54  PRO n 
1 55  LYS n 
1 56  GLN n 
1 57  VAL n 
1 58  ILE n 
1 59  GLY n 
1 60  LYS n 
1 61  ASN n 
1 62  PHE n 
1 63  PHE n 
1 64  LYS n 
1 65  ASP n 
1 66  VAL n 
1 67  ALA n 
1 68  PRO n 
1 69  CYS n 
1 70  THR n 
1 71  ASP n 
1 72  SER n 
1 73  PRO n 
1 74  GLU n 
1 75  PHE n 
1 76  TYR n 
1 77  GLY n 
1 78  LYS n 
1 79  PHE n 
1 80  LYS n 
1 81  GLU n 
1 82  GLY n 
1 83  VAL n 
1 84  ALA n 
1 85  SER n 
1 86  GLY n 
1 87  ASN n 
1 88  LEU n 
1 89  ASN n 
1 90  THR n 
1 91  MET n 
1 92  PHE n 
1 93  GLU n 
1 94  TYR n 
1 95  THR n 
1 96  PHE n 
1 97  ASP n 
1 98  TYR n 
1 99  GLN n 
1 100 MET n 
1 101 THR n 
1 102 PRO n 
1 103 THR n 
1 104 LYS n 
1 105 VAL n 
1 106 LYS n 
1 107 VAL n 
1 108 HIS n 
1 109 MET n 
1 110 LYS n 
1 111 LYS n 
1 112 ALA n 
1 113 LEU n 
1 114 SER n 
1 115 GLY n 
1 116 ASP n 
1 117 SER n 
1 118 TYR n 
1 119 TRP n 
1 120 VAL n 
1 121 PHE n 
1 122 VAL n 
1 123 LYS n 
1 124 ARG n 
1 125 VAL n 
# 
_entity_src_nat.entity_id                  1 
_entity_src_nat.pdbx_src_id                1 
_entity_src_nat.pdbx_alt_source_flag       sample 
_entity_src_nat.pdbx_beg_seq_num           ? 
_entity_src_nat.pdbx_end_seq_num           ? 
_entity_src_nat.common_name                ? 
_entity_src_nat.pdbx_organism_scientific   'Halorhodospira halophila' 
_entity_src_nat.pdbx_ncbi_taxonomy_id      1053 
_entity_src_nat.genus                      Halorhodospira 
_entity_src_nat.species                    ? 
_entity_src_nat.strain                     BN9626 
_entity_src_nat.tissue                     ? 
_entity_src_nat.tissue_fraction            ? 
_entity_src_nat.pdbx_secretion             ? 
_entity_src_nat.pdbx_fragment              ? 
_entity_src_nat.pdbx_variant               ? 
_entity_src_nat.pdbx_cell_line             ? 
_entity_src_nat.pdbx_atcc                  ? 
_entity_src_nat.pdbx_cellular_location     ? 
_entity_src_nat.pdbx_organ                 ? 
_entity_src_nat.pdbx_organelle             ? 
_entity_src_nat.pdbx_cell                  ? 
_entity_src_nat.pdbx_plasmid_name          ? 
_entity_src_nat.pdbx_plasmid_details       ? 
_entity_src_nat.details                    ? 
# 
loop_
_chem_comp.id 
_chem_comp.type 
_chem_comp.mon_nstd_flag 
_chem_comp.name 
_chem_comp.pdbx_synonyms 
_chem_comp.formula 
_chem_comp.formula_weight 
ALA 'L-peptide linking' y ALANINE                   ?                    'C3 H7 N O2'     89.093  
ARG 'L-peptide linking' y ARGININE                  ?                    'C6 H15 N4 O2 1' 175.209 
ASN 'L-peptide linking' y ASPARAGINE                ?                    'C4 H8 N2 O3'    132.118 
ASP 'L-peptide linking' y 'ASPARTIC ACID'           ?                    'C4 H7 N O4'     133.103 
CYS 'L-peptide linking' y CYSTEINE                  ?                    'C3 H7 N O2 S'   121.158 
GLN 'L-peptide linking' y GLUTAMINE                 ?                    'C5 H10 N2 O3'   146.144 
GLU 'L-peptide linking' y 'GLUTAMIC ACID'           ?                    'C5 H9 N O4'     147.129 
GLY 'peptide linking'   y GLYCINE                   ?                    'C2 H5 N O2'     75.067  
HC4 non-polymer         . 
;4'-HYDROXYCINNAMIC ACID
;
'PARA-COUMARIC ACID' 'C9 H8 O3'       164.158 
HIS 'L-peptide linking' y HISTIDINE                 ?                    'C6 H10 N3 O2 1' 156.162 
HOH non-polymer         . WATER                     ?                    'H2 O'           18.015  
ILE 'L-peptide linking' y ISOLEUCINE                ?                    'C6 H13 N O2'    131.173 
LEU 'L-peptide linking' y LEUCINE                   ?                    'C6 H13 N O2'    131.173 
LYS 'L-peptide linking' y LYSINE                    ?                    'C6 H15 N2 O2 1' 147.195 
MET 'L-peptide linking' y METHIONINE                ?                    'C5 H11 N O2 S'  149.211 
PHE 'L-peptide linking' y PHENYLALANINE             ?                    'C9 H11 N O2'    165.189 
PRO 'L-peptide linking' y PROLINE                   ?                    'C5 H9 N O2'     115.130 
SER 'L-peptide linking' y SERINE                    ?                    'C3 H7 N O3'     105.093 
THR 'L-peptide linking' y THREONINE                 ?                    'C4 H9 N O3'     119.119 
TRP 'L-peptide linking' y TRYPTOPHAN                ?                    'C11 H12 N2 O2'  204.225 
TYR 'L-peptide linking' y TYROSINE                  ?                    'C9 H11 N O3'    181.189 
VAL 'L-peptide linking' y VALINE                    ?                    'C5 H11 N O2'    117.146 
# 
loop_
_pdbx_poly_seq_scheme.asym_id 
_pdbx_poly_seq_scheme.entity_id 
_pdbx_poly_seq_scheme.seq_id 
_pdbx_poly_seq_scheme.mon_id 
_pdbx_poly_seq_scheme.ndb_seq_num 
_pdbx_poly_seq_scheme.pdb_seq_num 
_pdbx_poly_seq_scheme.auth_seq_num 
_pdbx_poly_seq_scheme.pdb_mon_id 
_pdbx_poly_seq_scheme.auth_mon_id 
_pdbx_poly_seq_scheme.pdb_strand_id 
_pdbx_poly_seq_scheme.pdb_ins_code 
_pdbx_poly_seq_scheme.hetero 
A 1 1   MET 1   1   1   MET MET A . n 
A 1 2   GLU 2   2   2   GLU GLU A . n 
A 1 3   HIS 3   3   3   HIS HIS A . n 
A 1 4   VAL 4   4   4   VAL VAL A . n 
A 1 5   ALA 5   5   5   ALA ALA A . n 
A 1 6   PHE 6   6   6   PHE PHE A . n 
A 1 7   GLY 7   7   7   GLY GLY A . n 
A 1 8   SER 8   8   8   SER SER A . n 
A 1 9   GLU 9   9   9   GLU GLU A . n 
A 1 10  ASP 10  10  10  ASP ASP A . n 
A 1 11  ILE 11  11  11  ILE ILE A . n 
A 1 12  GLU 12  12  12  GLU GLU A . n 
A 1 13  ASN 13  13  13  ASN ASN A . n 
A 1 14  THR 14  14  14  THR THR A . n 
A 1 15  LEU 15  15  15  LEU LEU A . n 
A 1 16  ALA 16  16  16  ALA ALA A . n 
A 1 17  LYS 17  17  17  LYS LYS A . n 
A 1 18  MET 18  18  18  MET MET A . n 
A 1 19  ASP 19  19  19  ASP ASP A . n 
A 1 20  ASP 20  20  20  ASP ASP A . n 
A 1 21  GLY 21  21  21  GLY GLY A . n 
A 1 22  GLN 22  22  22  GLN GLN A . n 
A 1 23  LEU 23  23  23  LEU LEU A . n 
A 1 24  ASP 24  24  24  ASP ASP A . n 
A 1 25  GLY 25  25  25  GLY GLY A . n 
A 1 26  LEU 26  26  26  LEU LEU A . n 
A 1 27  ALA 27  27  27  ALA ALA A . n 
A 1 28  PHE 28  28  28  PHE PHE A . n 
A 1 29  GLY 29  29  29  GLY GLY A . n 
A 1 30  ALA 30  30  30  ALA ALA A . n 
A 1 31  ILE 31  31  31  ILE ILE A . n 
A 1 32  GLN 32  32  32  GLN GLN A . n 
A 1 33  LEU 33  33  33  LEU LEU A . n 
A 1 34  ASP 34  34  34  ASP ASP A . n 
A 1 35  GLY 35  35  35  GLY GLY A . n 
A 1 36  ASP 36  36  36  ASP ASP A . n 
A 1 37  GLY 37  37  37  GLY GLY A . n 
A 1 38  ASN 38  38  38  ASN ASN A . n 
A 1 39  ILE 39  39  39  ILE ILE A . n 
A 1 40  LEU 40  40  40  LEU LEU A . n 
A 1 41  GLN 41  41  41  GLN GLN A . n 
A 1 42  TYR 42  42  42  TYR TYR A . n 
A 1 43  ASN 43  43  43  ASN ASN A . n 
A 1 44  ALA 44  44  44  ALA ALA A . n 
A 1 45  ALA 45  45  45  ALA ALA A . n 
A 1 46  GLU 46  46  46  GLU GLU A . n 
A 1 47  GLY 47  47  47  GLY GLY A . n 
A 1 48  ASP 48  48  48  ASP ASP A . n 
A 1 49  ILE 49  49  49  ILE ILE A . n 
A 1 50  THR 50  50  50  THR THR A . n 
A 1 51  GLY 51  51  51  GLY GLY A . n 
A 1 52  ARG 52  52  52  ARG ARG A . n 
A 1 53  ASP 53  53  53  ASP ASP A . n 
A 1 54  PRO 54  54  54  PRO PRO A . n 
A 1 55  LYS 55  55  55  LYS LYS A . n 
A 1 56  GLN 56  56  56  GLN GLN A . n 
A 1 57  VAL 57  57  57  VAL VAL A . n 
A 1 58  ILE 58  58  58  ILE ILE A . n 
A 1 59  GLY 59  59  59  GLY GLY A . n 
A 1 60  LYS 60  60  60  LYS LYS A . n 
A 1 61  ASN 61  61  61  ASN ASN A . n 
A 1 62  PHE 62  62  62  PHE PHE A . n 
A 1 63  PHE 63  63  63  PHE PHE A . n 
A 1 64  LYS 64  64  64  LYS LYS A . n 
A 1 65  ASP 65  65  65  ASP ASP A . n 
A 1 66  VAL 66  66  66  VAL VAL A . n 
A 1 67  ALA 67  67  67  ALA ALA A . n 
A 1 68  PRO 68  68  68  PRO PRO A . n 
A 1 69  CYS 69  69  69  CYS CYS A . n 
A 1 70  THR 70  70  70  THR THR A . n 
A 1 71  ASP 71  71  71  ASP ASP A . n 
A 1 72  SER 72  72  72  SER SER A . n 
A 1 73  PRO 73  73  73  PRO PRO A . n 
A 1 74  GLU 74  74  74  GLU GLU A . n 
A 1 75  PHE 75  75  75  PHE PHE A . n 
A 1 76  TYR 76  76  76  TYR TYR A . n 
A 1 77  GLY 77  77  77  GLY GLY A . n 
A 1 78  LYS 78  78  78  LYS LYS A . n 
A 1 79  PHE 79  79  79  PHE PHE A . n 
A 1 80  LYS 80  80  80  LYS LYS A . n 
A 1 81  GLU 81  81  81  GLU GLU A . n 
A 1 82  GLY 82  82  82  GLY GLY A . n 
A 1 83  VAL 83  83  83  VAL VAL A . n 
A 1 84  ALA 84  84  84  ALA ALA A . n 
A 1 85  SER 85  85  85  SER SER A . n 
A 1 86  GLY 86  86  86  GLY GLY A . n 
A 1 87  ASN 87  87  87  ASN ASN A . n 
A 1 88  LEU 88  88  88  LEU LEU A . n 
A 1 89  ASN 89  89  89  ASN ASN A . n 
A 1 90  THR 90  90  90  THR THR A . n 
A 1 91  MET 91  91  91  MET MET A . n 
A 1 92  PHE 92  92  92  PHE PHE A . n 
A 1 93  GLU 93  93  93  GLU GLU A . n 
A 1 94  TYR 94  94  94  TYR TYR A . n 
A 1 95  THR 95  95  95  THR THR A . n 
A 1 96  PHE 96  96  96  PHE PHE A . n 
A 1 97  ASP 97  97  97  ASP ASP A . n 
A 1 98  TYR 98  98  98  TYR TYR A . n 
A 1 99  GLN 99  99  99  GLN GLN A . n 
A 1 100 MET 100 100 100 MET MET A . n 
A 1 101 THR 101 101 101 THR THR A . n 
A 1 102 PRO 102 102 102 PRO PRO A . n 
A 1 103 THR 103 103 103 THR THR A . n 
A 1 104 LYS 104 104 104 LYS LYS A . n 
A 1 105 VAL 105 105 105 VAL VAL A . n 
A 1 106 LYS 106 106 106 LYS LYS A . n 
A 1 107 VAL 107 107 107 VAL VAL A . n 
A 1 108 HIS 108 108 108 HIS HIS A . n 
A 1 109 MET 109 109 109 MET MET A . n 
A 1 110 LYS 110 110 110 LYS LYS A . n 
A 1 111 LYS 111 111 111 LYS LYS A . n 
A 1 112 ALA 112 112 112 ALA ALA A . n 
A 1 113 LEU 113 113 113 LEU LEU A . n 
A 1 114 SER 114 114 114 SER SER A . n 
A 1 115 GLY 115 115 115 GLY GLY A . n 
A 1 116 ASP 116 116 116 ASP ASP A . n 
A 1 117 SER 117 117 117 SER SER A . n 
A 1 118 TYR 118 118 118 TYR TYR A . n 
A 1 119 TRP 119 119 119 TRP TRP A . n 
A 1 120 VAL 120 120 120 VAL VAL A . n 
A 1 121 PHE 121 121 121 PHE PHE A . n 
A 1 122 VAL 122 122 122 VAL VAL A . n 
A 1 123 LYS 123 123 123 LYS LYS A . n 
A 1 124 ARG 124 124 124 ARG ARG A . n 
A 1 125 VAL 125 125 125 VAL VAL A . n 
# 
loop_
_pdbx_nonpoly_scheme.asym_id 
_pdbx_nonpoly_scheme.entity_id 
_pdbx_nonpoly_scheme.mon_id 
_pdbx_nonpoly_scheme.ndb_seq_num 
_pdbx_nonpoly_scheme.pdb_seq_num 
_pdbx_nonpoly_scheme.auth_seq_num 
_pdbx_nonpoly_scheme.pdb_mon_id 
_pdbx_nonpoly_scheme.auth_mon_id 
_pdbx_nonpoly_scheme.pdb_strand_id 
_pdbx_nonpoly_scheme.pdb_ins_code 
B 2 HC4 1  126 69  HC4 HC4 A . 
C 3 HOH 1  200 200 HOH HOH A . 
C 3 HOH 2  201 201 HOH HOH A . 
C 3 HOH 3  202 202 HOH HOH A . 
C 3 HOH 4  203 203 HOH HOH A . 
C 3 HOH 5  204 204 HOH HOH A . 
C 3 HOH 6  205 205 HOH HOH A . 
C 3 HOH 7  206 206 HOH HOH A . 
C 3 HOH 8  207 207 HOH HOH A . 
C 3 HOH 9  208 208 HOH HOH A . 
C 3 HOH 10 209 209 HOH HOH A . 
C 3 HOH 11 210 210 HOH HOH A . 
C 3 HOH 12 211 211 HOH HOH A . 
C 3 HOH 13 212 212 HOH HOH A . 
C 3 HOH 14 213 213 HOH HOH A . 
C 3 HOH 15 214 214 HOH HOH A . 
C 3 HOH 16 215 215 HOH HOH A . 
C 3 HOH 17 216 216 HOH HOH A . 
C 3 HOH 18 217 217 HOH HOH A . 
C 3 HOH 19 218 218 HOH HOH A . 
C 3 HOH 20 219 219 HOH HOH A . 
C 3 HOH 21 220 220 HOH HOH A . 
C 3 HOH 22 221 221 HOH HOH A . 
C 3 HOH 23 222 222 HOH HOH A . 
C 3 HOH 24 223 223 HOH HOH A . 
C 3 HOH 25 224 224 HOH HOH A . 
C 3 HOH 26 225 225 HOH HOH A . 
C 3 HOH 27 226 226 HOH HOH A . 
C 3 HOH 28 227 227 HOH HOH A . 
C 3 HOH 29 228 228 HOH HOH A . 
C 3 HOH 30 229 229 HOH HOH A . 
C 3 HOH 31 230 230 HOH HOH A . 
C 3 HOH 32 231 231 HOH HOH A . 
C 3 HOH 33 232 232 HOH HOH A . 
C 3 HOH 34 233 233 HOH HOH A . 
C 3 HOH 35 234 234 HOH HOH A . 
C 3 HOH 36 235 235 HOH HOH A . 
C 3 HOH 37 236 236 HOH HOH A . 
C 3 HOH 38 237 237 HOH HOH A . 
C 3 HOH 39 238 238 HOH HOH A . 
C 3 HOH 40 239 239 HOH HOH A . 
C 3 HOH 41 240 240 HOH HOH A . 
C 3 HOH 42 241 241 HOH HOH A . 
C 3 HOH 43 242 242 HOH HOH A . 
C 3 HOH 44 243 243 HOH HOH A . 
C 3 HOH 45 244 244 HOH HOH A . 
C 3 HOH 46 245 245 HOH HOH A . 
C 3 HOH 47 246 246 HOH HOH A . 
C 3 HOH 48 247 247 HOH HOH A . 
C 3 HOH 49 248 248 HOH HOH A . 
C 3 HOH 50 249 249 HOH HOH A . 
C 3 HOH 51 250 250 HOH HOH A . 
C 3 HOH 52 251 251 HOH HOH A . 
C 3 HOH 53 252 252 HOH HOH A . 
C 3 HOH 54 253 253 HOH HOH A . 
C 3 HOH 55 254 254 HOH HOH A . 
C 3 HOH 56 255 255 HOH HOH A . 
C 3 HOH 57 256 256 HOH HOH A . 
C 3 HOH 58 257 257 HOH HOH A . 
C 3 HOH 59 258 258 HOH HOH A . 
C 3 HOH 60 259 259 HOH HOH A . 
C 3 HOH 61 260 260 HOH HOH A . 
C 3 HOH 62 261 261 HOH HOH A . 
C 3 HOH 63 262 262 HOH HOH A . 
C 3 HOH 64 263 263 HOH HOH A . 
C 3 HOH 65 264 264 HOH HOH A . 
C 3 HOH 66 265 265 HOH HOH A . 
C 3 HOH 67 266 266 HOH HOH A . 
C 3 HOH 68 267 267 HOH HOH A . 
C 3 HOH 69 268 268 HOH HOH A . 
C 3 HOH 70 269 269 HOH HOH A . 
C 3 HOH 71 270 270 HOH HOH A . 
C 3 HOH 72 271 271 HOH HOH A . 
C 3 HOH 73 272 272 HOH HOH A . 
C 3 HOH 74 273 273 HOH HOH A . 
C 3 HOH 75 274 274 HOH HOH A . 
C 3 HOH 76 275 275 HOH HOH A . 
C 3 HOH 77 276 276 HOH HOH A . 
C 3 HOH 78 277 277 HOH HOH A . 
C 3 HOH 79 278 278 HOH HOH A . 
C 3 HOH 80 279 279 HOH HOH A . 
C 3 HOH 81 280 280 HOH HOH A . 
C 3 HOH 82 281 281 HOH HOH A . 
C 3 HOH 83 282 282 HOH HOH A . 
C 3 HOH 84 283 283 HOH HOH A . 
C 3 HOH 85 284 284 HOH HOH A . 
C 3 HOH 86 285 285 HOH HOH A . 
C 3 HOH 87 286 286 HOH HOH A . 
C 3 HOH 88 287 287 HOH HOH A . 
C 3 HOH 89 288 288 HOH HOH A . 
C 3 HOH 90 289 289 HOH HOH A . 
C 3 HOH 91 290 290 HOH HOH A . 
C 3 HOH 92 291 291 HOH HOH A . 
# 
loop_
_software.name 
_software.classification 
_software.version 
_software.citation_id 
_software.pdbx_ordinal 
X-PLOR 'model building' 3.1 ? 1 
X-PLOR refinement       3.1 ? 2 
XENGEN 'data reduction' .   ? 3 
X-PLOR phasing          3.1 ? 4 
# 
_cell.entry_id           2PHY 
_cell.length_a           66.900 
_cell.length_b           66.900 
_cell.length_c           40.800 
_cell.angle_alpha        90.00 
_cell.angle_beta         90.00 
_cell.angle_gamma        120.00 
_cell.Z_PDB              6 
_cell.pdbx_unique_axis   ? 
# 
_symmetry.entry_id                         2PHY 
_symmetry.space_group_name_H-M             'P 63' 
_symmetry.pdbx_full_space_group_name_H-M   ? 
_symmetry.cell_setting                     ? 
_symmetry.Int_Tables_number                173 
# 
_exptl.entry_id          2PHY 
_exptl.method            'X-RAY DIFFRACTION' 
_exptl.crystals_number   ? 
# 
_exptl_crystal.id                    1 
_exptl_crystal.density_meas          ? 
_exptl_crystal.density_Matthews      1.90 
_exptl_crystal.density_percent_sol   35.17 
_exptl_crystal.description           ? 
# 
_diffrn.id                     1 
_diffrn.ambient_temp           ? 
_diffrn.ambient_temp_details   ? 
_diffrn.crystal_id             1 
# 
_diffrn_detector.diffrn_id              1 
_diffrn_detector.detector               ? 
_diffrn_detector.type                   ? 
_diffrn_detector.pdbx_collection_date   1991-11-01 
_diffrn_detector.details                ? 
# 
_diffrn_radiation.diffrn_id                        1 
_diffrn_radiation.wavelength_id                    1 
_diffrn_radiation.pdbx_monochromatic_or_laue_m_l   M 
_diffrn_radiation.monochromator                    ? 
_diffrn_radiation.pdbx_diffrn_protocol             ? 
_diffrn_radiation.pdbx_scattering_type             x-ray 
# 
_diffrn_radiation_wavelength.id           1 
_diffrn_radiation_wavelength.wavelength   . 
_diffrn_radiation_wavelength.wt           1.0 
# 
_reflns.entry_id                     2PHY 
_reflns.observed_criterion_sigma_I   0.0 
_reflns.observed_criterion_sigma_F   ? 
_reflns.d_resolution_low             ? 
_reflns.d_resolution_high            1.4 
_reflns.number_obs                   19756 
_reflns.number_all                   ? 
_reflns.percent_possible_obs         92.7 
_reflns.pdbx_Rmerge_I_obs            0.04 
_reflns.pdbx_Rsym_value              ? 
_reflns.pdbx_netI_over_sigmaI        ? 
_reflns.B_iso_Wilson_estimate        ? 
_reflns.pdbx_redundancy              3.3 
_reflns.pdbx_diffrn_id               1 
_reflns.pdbx_ordinal                 1 
# 
_refine.entry_id                                 2PHY 
_refine.ls_number_reflns_obs                     16794 
_refine.ls_number_reflns_all                     ? 
_refine.pdbx_ls_sigma_I                          ? 
_refine.pdbx_ls_sigma_F                          3. 
_refine.pdbx_data_cutoff_high_absF               ? 
_refine.pdbx_data_cutoff_low_absF                ? 
_refine.pdbx_data_cutoff_high_rms_absF           ? 
_refine.ls_d_res_low                             20.0 
_refine.ls_d_res_high                            1.4 
_refine.ls_percent_reflns_obs                    81.4 
_refine.ls_R_factor_obs                          0.186 
_refine.ls_R_factor_all                          ? 
_refine.ls_R_factor_R_work                       0.186 
_refine.ls_R_factor_R_free                       0.226 
_refine.ls_R_factor_R_free_error                 ? 
_refine.ls_R_factor_R_free_error_details         ? 
_refine.ls_percent_reflns_R_free                 10. 
_refine.ls_number_reflns_R_free                  ? 
_refine.ls_number_parameters                     ? 
_refine.ls_number_restraints                     ? 
_refine.occupancy_min                            ? 
_refine.occupancy_max                            ? 
_refine.B_iso_mean                               13.2 
_refine.aniso_B[1][1]                            ? 
_refine.aniso_B[2][2]                            ? 
_refine.aniso_B[3][3]                            ? 
_refine.aniso_B[1][2]                            ? 
_refine.aniso_B[1][3]                            ? 
_refine.aniso_B[2][3]                            ? 
_refine.solvent_model_details                    ? 
_refine.solvent_model_param_ksol                 ? 
_refine.solvent_model_param_bsol                 ? 
_refine.pdbx_ls_cross_valid_method               ? 
_refine.details                                  ? 
_refine.pdbx_starting_model                      ? 
_refine.pdbx_method_to_determine_struct          ? 
_refine.pdbx_isotropic_thermal_model             ? 
_refine.pdbx_stereochemistry_target_values       ? 
_refine.pdbx_stereochem_target_val_spec_case     ? 
_refine.pdbx_R_Free_selection_details            ? 
_refine.pdbx_overall_ESU_R                       ? 
_refine.pdbx_overall_ESU_R_Free                  ? 
_refine.overall_SU_ML                            ? 
_refine.overall_SU_B                             ? 
_refine.pdbx_refine_id                           'X-RAY DIFFRACTION' 
_refine.pdbx_diffrn_id                           1 
_refine.pdbx_TLS_residual_ADP_flag               ? 
_refine.correlation_coeff_Fo_to_Fc               ? 
_refine.correlation_coeff_Fo_to_Fc_free          ? 
_refine.pdbx_solvent_vdw_probe_radii             ? 
_refine.pdbx_solvent_ion_probe_radii             ? 
_refine.pdbx_solvent_shrinkage_radii             ? 
_refine.pdbx_overall_phase_error                 ? 
_refine.overall_SU_R_Cruickshank_DPI             ? 
_refine.pdbx_overall_SU_R_free_Cruickshank_DPI   ? 
_refine.pdbx_overall_SU_R_Blow_DPI               ? 
_refine.pdbx_overall_SU_R_free_Blow_DPI          ? 
# 
_refine_hist.pdbx_refine_id                   'X-RAY DIFFRACTION' 
_refine_hist.cycle_id                         LAST 
_refine_hist.pdbx_number_atoms_protein        1011 
_refine_hist.pdbx_number_atoms_nucleic_acid   0 
_refine_hist.pdbx_number_atoms_ligand         11 
_refine_hist.number_atoms_solvent             92 
_refine_hist.number_atoms_total               1114 
_refine_hist.d_res_high                       1.4 
_refine_hist.d_res_low                        20.0 
# 
loop_
_refine_ls_restr.type 
_refine_ls_restr.dev_ideal 
_refine_ls_restr.dev_ideal_target 
_refine_ls_restr.weight 
_refine_ls_restr.number 
_refine_ls_restr.pdbx_refine_id 
_refine_ls_restr.pdbx_restraint_function 
x_bond_d                0.012 ? ? ? 'X-RAY DIFFRACTION' ? 
x_bond_d_na             ?     ? ? ? 'X-RAY DIFFRACTION' ? 
x_bond_d_prot           ?     ? ? ? 'X-RAY DIFFRACTION' ? 
x_angle_d               ?     ? ? ? 'X-RAY DIFFRACTION' ? 
x_angle_d_na            ?     ? ? ? 'X-RAY DIFFRACTION' ? 
x_angle_d_prot          ?     ? ? ? 'X-RAY DIFFRACTION' ? 
x_angle_deg             1.57  ? ? ? 'X-RAY DIFFRACTION' ? 
x_angle_deg_na          ?     ? ? ? 'X-RAY DIFFRACTION' ? 
x_angle_deg_prot        ?     ? ? ? 'X-RAY DIFFRACTION' ? 
x_dihedral_angle_d      25.4  ? ? ? 'X-RAY DIFFRACTION' ? 
x_dihedral_angle_d_na   ?     ? ? ? 'X-RAY DIFFRACTION' ? 
x_dihedral_angle_d_prot ?     ? ? ? 'X-RAY DIFFRACTION' ? 
x_improper_angle_d      1.39  ? ? ? 'X-RAY DIFFRACTION' ? 
x_improper_angle_d_na   ?     ? ? ? 'X-RAY DIFFRACTION' ? 
x_improper_angle_d_prot ?     ? ? ? 'X-RAY DIFFRACTION' ? 
x_mcbond_it             ?     ? ? ? 'X-RAY DIFFRACTION' ? 
x_mcangle_it            ?     ? ? ? 'X-RAY DIFFRACTION' ? 
x_scbond_it             ?     ? ? ? 'X-RAY DIFFRACTION' ? 
x_scangle_it            ?     ? ? ? 'X-RAY DIFFRACTION' ? 
# 
_struct.entry_id                  2PHY 
_struct.title                     'PHOTOACTIVE YELLOW PROTEIN, DARK STATE (UNBLEACHED)' 
_struct.pdbx_model_details        ? 
_struct.pdbx_CASP_flag            ? 
_struct.pdbx_model_type_details   ? 
# 
_struct_keywords.entry_id        2PHY 
_struct_keywords.pdbx_keywords   PHOTORECEPTOR 
_struct_keywords.text            'LIGHT SENSOR FOR NEGATIVE PHOTOTAXIS, PHOTORECEPTOR' 
# 
loop_
_struct_asym.id 
_struct_asym.pdbx_blank_PDB_chainid_flag 
_struct_asym.pdbx_modified 
_struct_asym.entity_id 
_struct_asym.details 
A N N 1 ? 
B N N 2 ? 
C N N 3 ? 
# 
_struct_ref.id                         1 
_struct_ref.db_name                    UNP 
_struct_ref.db_code                    PYP_ECTHA 
_struct_ref.entity_id                  1 
_struct_ref.pdbx_db_accession          P16113 
_struct_ref.pdbx_align_begin           1 
_struct_ref.pdbx_seq_one_letter_code   
;MEHVAFGSEDIENTLAKMDDGQLDGLAFGAIQLDGDGNILQYNAAEGDITGRDPKQVIGKNFFKDVAPCTDSPEFYGKFK
EGVASGNLNTMFEYTFDYQMTPTKVKVHMKKALSGDSYWVFVKRV
;
_struct_ref.pdbx_db_isoform            ? 
# 
_struct_ref_seq.align_id                      1 
_struct_ref_seq.ref_id                        1 
_struct_ref_seq.pdbx_PDB_id_code              2PHY 
_struct_ref_seq.pdbx_strand_id                A 
_struct_ref_seq.seq_align_beg                 1 
_struct_ref_seq.pdbx_seq_align_beg_ins_code   ? 
_struct_ref_seq.seq_align_end                 125 
_struct_ref_seq.pdbx_seq_align_end_ins_code   ? 
_struct_ref_seq.pdbx_db_accession             P16113 
_struct_ref_seq.db_align_beg                  1 
_struct_ref_seq.pdbx_db_align_beg_ins_code    ? 
_struct_ref_seq.db_align_end                  125 
_struct_ref_seq.pdbx_db_align_end_ins_code    ? 
_struct_ref_seq.pdbx_auth_seq_align_beg       1 
_struct_ref_seq.pdbx_auth_seq_align_end       125 
# 
_pdbx_struct_assembly.id                   1 
_pdbx_struct_assembly.details              author_defined_assembly 
_pdbx_struct_assembly.method_details       ? 
_pdbx_struct_assembly.oligomeric_details   monomeric 
_pdbx_struct_assembly.oligomeric_count     1 
# 
_pdbx_struct_assembly_gen.assembly_id       1 
_pdbx_struct_assembly_gen.oper_expression   1 
_pdbx_struct_assembly_gen.asym_id_list      A,B,C 
# 
_pdbx_struct_oper_list.id                   1 
_pdbx_struct_oper_list.type                 'identity operation' 
_pdbx_struct_oper_list.name                 1_555 
_pdbx_struct_oper_list.symmetry_operation   x,y,z 
_pdbx_struct_oper_list.matrix[1][1]         1.0000000000 
_pdbx_struct_oper_list.matrix[1][2]         0.0000000000 
_pdbx_struct_oper_list.matrix[1][3]         0.0000000000 
_pdbx_struct_oper_list.vector[1]            0.0000000000 
_pdbx_struct_oper_list.matrix[2][1]         0.0000000000 
_pdbx_struct_oper_list.matrix[2][2]         1.0000000000 
_pdbx_struct_oper_list.matrix[2][3]         0.0000000000 
_pdbx_struct_oper_list.vector[2]            0.0000000000 
_pdbx_struct_oper_list.matrix[3][1]         0.0000000000 
_pdbx_struct_oper_list.matrix[3][2]         0.0000000000 
_pdbx_struct_oper_list.matrix[3][3]         1.0000000000 
_pdbx_struct_oper_list.vector[3]            0.0000000000 
# 
_struct_biol.id   1 
# 
loop_
_struct_conf.conf_type_id 
_struct_conf.id 
_struct_conf.pdbx_PDB_helix_id 
_struct_conf.beg_label_comp_id 
_struct_conf.beg_label_asym_id 
_struct_conf.beg_label_seq_id 
_struct_conf.pdbx_beg_PDB_ins_code 
_struct_conf.end_label_comp_id 
_struct_conf.end_label_asym_id 
_struct_conf.end_label_seq_id 
_struct_conf.pdbx_end_PDB_ins_code 
_struct_conf.beg_auth_comp_id 
_struct_conf.beg_auth_asym_id 
_struct_conf.beg_auth_seq_id 
_struct_conf.end_auth_comp_id 
_struct_conf.end_auth_asym_id 
_struct_conf.end_auth_seq_id 
_struct_conf.pdbx_PDB_helix_class 
_struct_conf.details 
_struct_conf.pdbx_PDB_helix_length 
HELX_P HELX_P1 A-1 ILE A 11 ? LEU A 15 ? ILE A 11 LEU A 15 1 ? 5  
HELX_P HELX_P2 A-2 ASP A 19 ? LEU A 23 ? ASP A 19 LEU A 23 1 ? 5  
HELX_P HELX_P3 A-3 ASN A 43 ? THR A 50 ? ASN A 43 THR A 50 1 ? 8  
HELX_P HELX_P4 A-4 ASP A 53 ? VAL A 57 ? ASP A 53 VAL A 57 1 ? 5  
HELX_P HELX_P5 A-5 PHE A 75 ? GLY A 86 ? PHE A 75 GLY A 86 1 ? 12 
HELX_P HELX_P6 PI  ASN A 61 ? ALA A 67 ? ASN A 61 ALA A 67 3 ? 7  
# 
_struct_conf_type.id          HELX_P 
_struct_conf_type.criteria    ? 
_struct_conf_type.reference   ? 
# 
_struct_conn.id                            covale1 
_struct_conn.conn_type_id                  covale 
_struct_conn.pdbx_leaving_atom_flag        one 
_struct_conn.pdbx_PDB_id                   ? 
_struct_conn.ptnr1_label_asym_id           A 
_struct_conn.ptnr1_label_comp_id           CYS 
_struct_conn.ptnr1_label_seq_id            69 
_struct_conn.ptnr1_label_atom_id           SG 
_struct_conn.pdbx_ptnr1_label_alt_id       ? 
_struct_conn.pdbx_ptnr1_PDB_ins_code       ? 
_struct_conn.pdbx_ptnr1_standard_comp_id   ? 
_struct_conn.ptnr1_symmetry                1_555 
_struct_conn.ptnr2_label_asym_id           B 
_struct_conn.ptnr2_label_comp_id           HC4 
_struct_conn.ptnr2_label_seq_id            . 
_struct_conn.ptnr2_label_atom_id           C1 
_struct_conn.pdbx_ptnr2_label_alt_id       ? 
_struct_conn.pdbx_ptnr2_PDB_ins_code       ? 
_struct_conn.ptnr1_auth_asym_id            A 
_struct_conn.ptnr1_auth_comp_id            CYS 
_struct_conn.ptnr1_auth_seq_id             69 
_struct_conn.ptnr2_auth_asym_id            A 
_struct_conn.ptnr2_auth_comp_id            HC4 
_struct_conn.ptnr2_auth_seq_id             126 
_struct_conn.ptnr2_symmetry                1_555 
_struct_conn.pdbx_ptnr3_label_atom_id      ? 
_struct_conn.pdbx_ptnr3_label_seq_id       ? 
_struct_conn.pdbx_ptnr3_label_comp_id      ? 
_struct_conn.pdbx_ptnr3_label_asym_id      ? 
_struct_conn.pdbx_ptnr3_label_alt_id       ? 
_struct_conn.pdbx_ptnr3_PDB_ins_code       ? 
_struct_conn.details                       ? 
_struct_conn.pdbx_dist_value               1.750 
_struct_conn.pdbx_value_order              ? 
_struct_conn.pdbx_role                     ? 
# 
_struct_conn_type.id          covale 
_struct_conn_type.criteria    ? 
_struct_conn_type.reference   ? 
# 
_pdbx_modification_feature.ordinal                            1 
_pdbx_modification_feature.label_comp_id                      HC4 
_pdbx_modification_feature.label_asym_id                      B 
_pdbx_modification_feature.label_seq_id                       . 
_pdbx_modification_feature.label_alt_id                       ? 
_pdbx_modification_feature.modified_residue_label_comp_id     CYS 
_pdbx_modification_feature.modified_residue_label_asym_id     A 
_pdbx_modification_feature.modified_residue_label_seq_id      69 
_pdbx_modification_feature.modified_residue_label_alt_id      ? 
_pdbx_modification_feature.auth_comp_id                       HC4 
_pdbx_modification_feature.auth_asym_id                       A 
_pdbx_modification_feature.auth_seq_id                        126 
_pdbx_modification_feature.PDB_ins_code                       ? 
_pdbx_modification_feature.symmetry                           1_555 
_pdbx_modification_feature.modified_residue_auth_comp_id      CYS 
_pdbx_modification_feature.modified_residue_auth_asym_id      A 
_pdbx_modification_feature.modified_residue_auth_seq_id       69 
_pdbx_modification_feature.modified_residue_PDB_ins_code      ? 
_pdbx_modification_feature.modified_residue_symmetry          1_555 
_pdbx_modification_feature.comp_id_linking_atom               C1 
_pdbx_modification_feature.modified_residue_id_linking_atom   SG 
_pdbx_modification_feature.modified_residue_id                CYS 
_pdbx_modification_feature.ref_pcm_id                         1 
_pdbx_modification_feature.ref_comp_id                        HC4 
_pdbx_modification_feature.type                               None 
_pdbx_modification_feature.category                           'Covalent chemical modification' 
# 
_struct_sheet.id               B-1 
_struct_sheet.type             ? 
_struct_sheet.number_strands   6 
_struct_sheet.details          ? 
# 
loop_
_struct_sheet_order.sheet_id 
_struct_sheet_order.range_id_1 
_struct_sheet_order.range_id_2 
_struct_sheet_order.offset 
_struct_sheet_order.sense 
B-1 1 2 ? anti-parallel 
B-1 2 3 ? anti-parallel 
B-1 3 4 ? anti-parallel 
B-1 4 5 ? anti-parallel 
B-1 5 6 ? anti-parallel 
# 
loop_
_struct_sheet_range.sheet_id 
_struct_sheet_range.id 
_struct_sheet_range.beg_label_comp_id 
_struct_sheet_range.beg_label_asym_id 
_struct_sheet_range.beg_label_seq_id 
_struct_sheet_range.pdbx_beg_PDB_ins_code 
_struct_sheet_range.end_label_comp_id 
_struct_sheet_range.end_label_asym_id 
_struct_sheet_range.end_label_seq_id 
_struct_sheet_range.pdbx_end_PDB_ins_code 
_struct_sheet_range.beg_auth_comp_id 
_struct_sheet_range.beg_auth_asym_id 
_struct_sheet_range.beg_auth_seq_id 
_struct_sheet_range.end_auth_comp_id 
_struct_sheet_range.end_auth_asym_id 
_struct_sheet_range.end_auth_seq_id 
B-1 1 LYS A 60  ? PHE A 62  ? LYS A 60  PHE A 62  
B-1 2 GLY A 37  ? GLN A 41  ? GLY A 37  GLN A 41  
B-1 3 GLY A 29  ? ASP A 34  ? GLY A 29  ASP A 34  
B-1 4 SER A 117 ? VAL A 125 ? SER A 117 VAL A 125 
B-1 5 THR A 103 ? ALA A 112 ? THR A 103 ALA A 112 
B-1 6 LEU A 88  ? PHE A 96  ? LEU A 88  PHE A 96  
# 
loop_
_pdbx_struct_sheet_hbond.sheet_id 
_pdbx_struct_sheet_hbond.range_id_1 
_pdbx_struct_sheet_hbond.range_id_2 
_pdbx_struct_sheet_hbond.range_1_label_atom_id 
_pdbx_struct_sheet_hbond.range_1_label_comp_id 
_pdbx_struct_sheet_hbond.range_1_label_asym_id 
_pdbx_struct_sheet_hbond.range_1_label_seq_id 
_pdbx_struct_sheet_hbond.range_1_PDB_ins_code 
_pdbx_struct_sheet_hbond.range_1_auth_atom_id 
_pdbx_struct_sheet_hbond.range_1_auth_comp_id 
_pdbx_struct_sheet_hbond.range_1_auth_asym_id 
_pdbx_struct_sheet_hbond.range_1_auth_seq_id 
_pdbx_struct_sheet_hbond.range_2_label_atom_id 
_pdbx_struct_sheet_hbond.range_2_label_comp_id 
_pdbx_struct_sheet_hbond.range_2_label_asym_id 
_pdbx_struct_sheet_hbond.range_2_label_seq_id 
_pdbx_struct_sheet_hbond.range_2_PDB_ins_code 
_pdbx_struct_sheet_hbond.range_2_auth_atom_id 
_pdbx_struct_sheet_hbond.range_2_auth_comp_id 
_pdbx_struct_sheet_hbond.range_2_auth_asym_id 
_pdbx_struct_sheet_hbond.range_2_auth_seq_id 
B-1 1 2 N PHE A 62  ? N PHE A 62  O GLY A 37  ? O GLY A 37  
B-1 2 3 N LEU A 40  ? N LEU A 40  O GLN A 32  ? O GLN A 32  
B-1 3 4 N ILE A 31  ? N ILE A 31  O VAL A 120 ? O VAL A 120 
B-1 4 5 N PHE A 121 ? N PHE A 121 O HIS A 108 ? O HIS A 108 
B-1 5 6 N MET A 109 ? N MET A 109 O THR A 90  ? O THR A 90  
# 
_struct_site.id                   AC1 
_struct_site.pdbx_evidence_code   Software 
_struct_site.pdbx_auth_asym_id    A 
_struct_site.pdbx_auth_comp_id    HC4 
_struct_site.pdbx_auth_seq_id     126 
_struct_site.pdbx_auth_ins_code   ? 
_struct_site.pdbx_num_residues    9 
_struct_site.details              'BINDING SITE FOR RESIDUE HC4 A 126' 
# 
loop_
_struct_site_gen.id 
_struct_site_gen.site_id 
_struct_site_gen.pdbx_num_res 
_struct_site_gen.label_comp_id 
_struct_site_gen.label_asym_id 
_struct_site_gen.label_seq_id 
_struct_site_gen.pdbx_auth_ins_code 
_struct_site_gen.auth_comp_id 
_struct_site_gen.auth_asym_id 
_struct_site_gen.auth_seq_id 
_struct_site_gen.label_atom_id 
_struct_site_gen.label_alt_id 
_struct_site_gen.symmetry 
_struct_site_gen.details 
1 AC1 9 TYR A 42 ? TYR A 42 . ? 1_555 ? 
2 AC1 9 GLU A 46 ? GLU A 46 . ? 1_555 ? 
3 AC1 9 THR A 50 ? THR A 50 . ? 1_555 ? 
4 AC1 9 ARG A 52 ? ARG A 52 . ? 1_555 ? 
5 AC1 9 ALA A 67 ? ALA A 67 . ? 1_555 ? 
6 AC1 9 PRO A 68 ? PRO A 68 . ? 1_555 ? 
7 AC1 9 CYS A 69 ? CYS A 69 . ? 1_555 ? 
8 AC1 9 PHE A 96 ? PHE A 96 . ? 1_555 ? 
9 AC1 9 TYR A 98 ? TYR A 98 . ? 1_555 ? 
# 
_pdbx_entry_details.entry_id                   2PHY 
_pdbx_entry_details.compound_details           
;COMPND
  MOLECULE: PHOTOACTIVE YELLOW PROTEIN. 4-HYDROXYCINNAMYL
  CHROMOPHORE COVALENTLY LINKED TO CYSTEINE 69 BY A
  THIOESTER BOND.

TURN
  KABSCH AND SANDER ALGORITHM CHECKED BY HAND ON THE
  GRAPHICS DISPLAY.
;
_pdbx_entry_details.source_details             ? 
_pdbx_entry_details.nonpolymer_details         
;4-HYDROXYCINNAMYL CHROMOPHORE, O(C6H4)CH=CH(C=O), IS
COVALENTLY LINKED TO CYSTEINE 69 BY A THIOESTER BOND.
SPECTROSCOPICALLY, THE CHROMOPHORE APPEARS TO BE NEGATIVELY
CHARGED IN THE CONTEXT OF THE FOLDED PROTEIN IN THE DARK
STATE.  DURING REFINEMENT, CYS 69 AND THE COVALENTLY BOUND
CHROMOPHORE WERE TREATED TOGETHER AS ONE RESIDUE.
;
_pdbx_entry_details.sequence_details           ? 
_pdbx_entry_details.has_ligand_of_interest     ? 
_pdbx_entry_details.has_protein_modification   Y 
# 
loop_
_pdbx_validate_torsion.id 
_pdbx_validate_torsion.PDB_model_num 
_pdbx_validate_torsion.auth_comp_id 
_pdbx_validate_torsion.auth_asym_id 
_pdbx_validate_torsion.auth_seq_id 
_pdbx_validate_torsion.PDB_ins_code 
_pdbx_validate_torsion.label_alt_id 
_pdbx_validate_torsion.phi 
_pdbx_validate_torsion.psi 
1 1 PHE A 75  ? ? -130.59 -74.27 
2 1 ASN A 89  ? ? -163.00 94.56  
3 1 ASP A 97  ? ? -141.79 18.54  
4 1 ASP A 116 ? ? -107.86 58.81  
# 
loop_
_pdbx_database_remark.id 
_pdbx_database_remark.text 
650 
;HELIX
HELIX
 DETERMINATION METHOD:
  KABSCH AND SANDER ALGORITHM CHECKED BY HAND ON THE
  GRAPHICS DISPLAY.
;
700 
;SHEET
SHEET
 SHEET_ID: B-1; DETERMINATION METHOD: KABSCH AND SANDER
 ALGORITHM CHECKED BY HAND ON THE GRAPHICS DISPLAY.
;
# 
loop_
_chem_comp_atom.comp_id 
_chem_comp_atom.atom_id 
_chem_comp_atom.type_symbol 
_chem_comp_atom.pdbx_aromatic_flag 
_chem_comp_atom.pdbx_stereo_config 
_chem_comp_atom.pdbx_ordinal 
ALA N      N N N 1   
ALA CA     C N S 2   
ALA C      C N N 3   
ALA O      O N N 4   
ALA CB     C N N 5   
ALA OXT    O N N 6   
ALA H      H N N 7   
ALA H2     H N N 8   
ALA HA     H N N 9   
ALA HB1    H N N 10  
ALA HB2    H N N 11  
ALA HB3    H N N 12  
ALA HXT    H N N 13  
ARG N      N N N 14  
ARG CA     C N S 15  
ARG C      C N N 16  
ARG O      O N N 17  
ARG CB     C N N 18  
ARG CG     C N N 19  
ARG CD     C N N 20  
ARG NE     N N N 21  
ARG CZ     C N N 22  
ARG NH1    N N N 23  
ARG NH2    N N N 24  
ARG OXT    O N N 25  
ARG H      H N N 26  
ARG H2     H N N 27  
ARG HA     H N N 28  
ARG HB2    H N N 29  
ARG HB3    H N N 30  
ARG HG2    H N N 31  
ARG HG3    H N N 32  
ARG HD2    H N N 33  
ARG HD3    H N N 34  
ARG HE     H N N 35  
ARG HH11   H N N 36  
ARG HH12   H N N 37  
ARG HH21   H N N 38  
ARG HH22   H N N 39  
ARG HXT    H N N 40  
ASN N      N N N 41  
ASN CA     C N S 42  
ASN C      C N N 43  
ASN O      O N N 44  
ASN CB     C N N 45  
ASN CG     C N N 46  
ASN OD1    O N N 47  
ASN ND2    N N N 48  
ASN OXT    O N N 49  
ASN H      H N N 50  
ASN H2     H N N 51  
ASN HA     H N N 52  
ASN HB2    H N N 53  
ASN HB3    H N N 54  
ASN HD21   H N N 55  
ASN HD22   H N N 56  
ASN HXT    H N N 57  
ASP N      N N N 58  
ASP CA     C N S 59  
ASP C      C N N 60  
ASP O      O N N 61  
ASP CB     C N N 62  
ASP CG     C N N 63  
ASP OD1    O N N 64  
ASP OD2    O N N 65  
ASP OXT    O N N 66  
ASP H      H N N 67  
ASP H2     H N N 68  
ASP HA     H N N 69  
ASP HB2    H N N 70  
ASP HB3    H N N 71  
ASP HD2    H N N 72  
ASP HXT    H N N 73  
CYS N      N N N 74  
CYS CA     C N R 75  
CYS C      C N N 76  
CYS O      O N N 77  
CYS CB     C N N 78  
CYS SG     S N N 79  
CYS OXT    O N N 80  
CYS H      H N N 81  
CYS H2     H N N 82  
CYS HA     H N N 83  
CYS HB2    H N N 84  
CYS HB3    H N N 85  
CYS HG     H N N 86  
CYS HXT    H N N 87  
GLN N      N N N 88  
GLN CA     C N S 89  
GLN C      C N N 90  
GLN O      O N N 91  
GLN CB     C N N 92  
GLN CG     C N N 93  
GLN CD     C N N 94  
GLN OE1    O N N 95  
GLN NE2    N N N 96  
GLN OXT    O N N 97  
GLN H      H N N 98  
GLN H2     H N N 99  
GLN HA     H N N 100 
GLN HB2    H N N 101 
GLN HB3    H N N 102 
GLN HG2    H N N 103 
GLN HG3    H N N 104 
GLN HE21   H N N 105 
GLN HE22   H N N 106 
GLN HXT    H N N 107 
GLU N      N N N 108 
GLU CA     C N S 109 
GLU C      C N N 110 
GLU O      O N N 111 
GLU CB     C N N 112 
GLU CG     C N N 113 
GLU CD     C N N 114 
GLU OE1    O N N 115 
GLU OE2    O N N 116 
GLU OXT    O N N 117 
GLU H      H N N 118 
GLU H2     H N N 119 
GLU HA     H N N 120 
GLU HB2    H N N 121 
GLU HB3    H N N 122 
GLU HG2    H N N 123 
GLU HG3    H N N 124 
GLU HE2    H N N 125 
GLU HXT    H N N 126 
GLY N      N N N 127 
GLY CA     C N N 128 
GLY C      C N N 129 
GLY O      O N N 130 
GLY OXT    O N N 131 
GLY H      H N N 132 
GLY H2     H N N 133 
GLY HA2    H N N 134 
GLY HA3    H N N 135 
GLY HXT    H N N 136 
HC4 C1     C N N 137 
HC4 O1     O N N 138 
HC4 O2     O N N 139 
HC4 C2     C N N 140 
HC4 C3     C N N 141 
HC4 "C1'"  C Y N 142 
HC4 "C2'"  C Y N 143 
HC4 "C3'"  C Y N 144 
HC4 "C4'"  C Y N 145 
HC4 "C5'"  C Y N 146 
HC4 "C6'"  C Y N 147 
HC4 "O4'"  O N N 148 
HC4 HO2    H N N 149 
HC4 H2     H N N 150 
HC4 H3     H N N 151 
HC4 "H2'"  H N N 152 
HC4 "H3'"  H N N 153 
HC4 "H5'"  H N N 154 
HC4 "H6'"  H N N 155 
HC4 "HO4'" H N N 156 
HIS N      N N N 157 
HIS CA     C N S 158 
HIS C      C N N 159 
HIS O      O N N 160 
HIS CB     C N N 161 
HIS CG     C Y N 162 
HIS ND1    N Y N 163 
HIS CD2    C Y N 164 
HIS CE1    C Y N 165 
HIS NE2    N Y N 166 
HIS OXT    O N N 167 
HIS H      H N N 168 
HIS H2     H N N 169 
HIS HA     H N N 170 
HIS HB2    H N N 171 
HIS HB3    H N N 172 
HIS HD1    H N N 173 
HIS HD2    H N N 174 
HIS HE1    H N N 175 
HIS HE2    H N N 176 
HIS HXT    H N N 177 
HOH O      O N N 178 
HOH H1     H N N 179 
HOH H2     H N N 180 
ILE N      N N N 181 
ILE CA     C N S 182 
ILE C      C N N 183 
ILE O      O N N 184 
ILE CB     C N S 185 
ILE CG1    C N N 186 
ILE CG2    C N N 187 
ILE CD1    C N N 188 
ILE OXT    O N N 189 
ILE H      H N N 190 
ILE H2     H N N 191 
ILE HA     H N N 192 
ILE HB     H N N 193 
ILE HG12   H N N 194 
ILE HG13   H N N 195 
ILE HG21   H N N 196 
ILE HG22   H N N 197 
ILE HG23   H N N 198 
ILE HD11   H N N 199 
ILE HD12   H N N 200 
ILE HD13   H N N 201 
ILE HXT    H N N 202 
LEU N      N N N 203 
LEU CA     C N S 204 
LEU C      C N N 205 
LEU O      O N N 206 
LEU CB     C N N 207 
LEU CG     C N N 208 
LEU CD1    C N N 209 
LEU CD2    C N N 210 
LEU OXT    O N N 211 
LEU H      H N N 212 
LEU H2     H N N 213 
LEU HA     H N N 214 
LEU HB2    H N N 215 
LEU HB3    H N N 216 
LEU HG     H N N 217 
LEU HD11   H N N 218 
LEU HD12   H N N 219 
LEU HD13   H N N 220 
LEU HD21   H N N 221 
LEU HD22   H N N 222 
LEU HD23   H N N 223 
LEU HXT    H N N 224 
LYS N      N N N 225 
LYS CA     C N S 226 
LYS C      C N N 227 
LYS O      O N N 228 
LYS CB     C N N 229 
LYS CG     C N N 230 
LYS CD     C N N 231 
LYS CE     C N N 232 
LYS NZ     N N N 233 
LYS OXT    O N N 234 
LYS H      H N N 235 
LYS H2     H N N 236 
LYS HA     H N N 237 
LYS HB2    H N N 238 
LYS HB3    H N N 239 
LYS HG2    H N N 240 
LYS HG3    H N N 241 
LYS HD2    H N N 242 
LYS HD3    H N N 243 
LYS HE2    H N N 244 
LYS HE3    H N N 245 
LYS HZ1    H N N 246 
LYS HZ2    H N N 247 
LYS HZ3    H N N 248 
LYS HXT    H N N 249 
MET N      N N N 250 
MET CA     C N S 251 
MET C      C N N 252 
MET O      O N N 253 
MET CB     C N N 254 
MET CG     C N N 255 
MET SD     S N N 256 
MET CE     C N N 257 
MET OXT    O N N 258 
MET H      H N N 259 
MET H2     H N N 260 
MET HA     H N N 261 
MET HB2    H N N 262 
MET HB3    H N N 263 
MET HG2    H N N 264 
MET HG3    H N N 265 
MET HE1    H N N 266 
MET HE2    H N N 267 
MET HE3    H N N 268 
MET HXT    H N N 269 
PHE N      N N N 270 
PHE CA     C N S 271 
PHE C      C N N 272 
PHE O      O N N 273 
PHE CB     C N N 274 
PHE CG     C Y N 275 
PHE CD1    C Y N 276 
PHE CD2    C Y N 277 
PHE CE1    C Y N 278 
PHE CE2    C Y N 279 
PHE CZ     C Y N 280 
PHE OXT    O N N 281 
PHE H      H N N 282 
PHE H2     H N N 283 
PHE HA     H N N 284 
PHE HB2    H N N 285 
PHE HB3    H N N 286 
PHE HD1    H N N 287 
PHE HD2    H N N 288 
PHE HE1    H N N 289 
PHE HE2    H N N 290 
PHE HZ     H N N 291 
PHE HXT    H N N 292 
PRO N      N N N 293 
PRO CA     C N S 294 
PRO C      C N N 295 
PRO O      O N N 296 
PRO CB     C N N 297 
PRO CG     C N N 298 
PRO CD     C N N 299 
PRO OXT    O N N 300 
PRO H      H N N 301 
PRO HA     H N N 302 
PRO HB2    H N N 303 
PRO HB3    H N N 304 
PRO HG2    H N N 305 
PRO HG3    H N N 306 
PRO HD2    H N N 307 
PRO HD3    H N N 308 
PRO HXT    H N N 309 
SER N      N N N 310 
SER CA     C N S 311 
SER C      C N N 312 
SER O      O N N 313 
SER CB     C N N 314 
SER OG     O N N 315 
SER OXT    O N N 316 
SER H      H N N 317 
SER H2     H N N 318 
SER HA     H N N 319 
SER HB2    H N N 320 
SER HB3    H N N 321 
SER HG     H N N 322 
SER HXT    H N N 323 
THR N      N N N 324 
THR CA     C N S 325 
THR C      C N N 326 
THR O      O N N 327 
THR CB     C N R 328 
THR OG1    O N N 329 
THR CG2    C N N 330 
THR OXT    O N N 331 
THR H      H N N 332 
THR H2     H N N 333 
THR HA     H N N 334 
THR HB     H N N 335 
THR HG1    H N N 336 
THR HG21   H N N 337 
THR HG22   H N N 338 
THR HG23   H N N 339 
THR HXT    H N N 340 
TRP N      N N N 341 
TRP CA     C N S 342 
TRP C      C N N 343 
TRP O      O N N 344 
TRP CB     C N N 345 
TRP CG     C Y N 346 
TRP CD1    C Y N 347 
TRP CD2    C Y N 348 
TRP NE1    N Y N 349 
TRP CE2    C Y N 350 
TRP CE3    C Y N 351 
TRP CZ2    C Y N 352 
TRP CZ3    C Y N 353 
TRP CH2    C Y N 354 
TRP OXT    O N N 355 
TRP H      H N N 356 
TRP H2     H N N 357 
TRP HA     H N N 358 
TRP HB2    H N N 359 
TRP HB3    H N N 360 
TRP HD1    H N N 361 
TRP HE1    H N N 362 
TRP HE3    H N N 363 
TRP HZ2    H N N 364 
TRP HZ3    H N N 365 
TRP HH2    H N N 366 
TRP HXT    H N N 367 
TYR N      N N N 368 
TYR CA     C N S 369 
TYR C      C N N 370 
TYR O      O N N 371 
TYR CB     C N N 372 
TYR CG     C Y N 373 
TYR CD1    C Y N 374 
TYR CD2    C Y N 375 
TYR CE1    C Y N 376 
TYR CE2    C Y N 377 
TYR CZ     C Y N 378 
TYR OH     O N N 379 
TYR OXT    O N N 380 
TYR H      H N N 381 
TYR H2     H N N 382 
TYR HA     H N N 383 
TYR HB2    H N N 384 
TYR HB3    H N N 385 
TYR HD1    H N N 386 
TYR HD2    H N N 387 
TYR HE1    H N N 388 
TYR HE2    H N N 389 
TYR HH     H N N 390 
TYR HXT    H N N 391 
VAL N      N N N 392 
VAL CA     C N S 393 
VAL C      C N N 394 
VAL O      O N N 395 
VAL CB     C N N 396 
VAL CG1    C N N 397 
VAL CG2    C N N 398 
VAL OXT    O N N 399 
VAL H      H N N 400 
VAL H2     H N N 401 
VAL HA     H N N 402 
VAL HB     H N N 403 
VAL HG11   H N N 404 
VAL HG12   H N N 405 
VAL HG13   H N N 406 
VAL HG21   H N N 407 
VAL HG22   H N N 408 
VAL HG23   H N N 409 
VAL HXT    H N N 410 
# 
loop_
_chem_comp_bond.comp_id 
_chem_comp_bond.atom_id_1 
_chem_comp_bond.atom_id_2 
_chem_comp_bond.value_order 
_chem_comp_bond.pdbx_aromatic_flag 
_chem_comp_bond.pdbx_stereo_config 
_chem_comp_bond.pdbx_ordinal 
ALA N     CA     sing N N 1   
ALA N     H      sing N N 2   
ALA N     H2     sing N N 3   
ALA CA    C      sing N N 4   
ALA CA    CB     sing N N 5   
ALA CA    HA     sing N N 6   
ALA C     O      doub N N 7   
ALA C     OXT    sing N N 8   
ALA CB    HB1    sing N N 9   
ALA CB    HB2    sing N N 10  
ALA CB    HB3    sing N N 11  
ALA OXT   HXT    sing N N 12  
ARG N     CA     sing N N 13  
ARG N     H      sing N N 14  
ARG N     H2     sing N N 15  
ARG CA    C      sing N N 16  
ARG CA    CB     sing N N 17  
ARG CA    HA     sing N N 18  
ARG C     O      doub N N 19  
ARG C     OXT    sing N N 20  
ARG CB    CG     sing N N 21  
ARG CB    HB2    sing N N 22  
ARG CB    HB3    sing N N 23  
ARG CG    CD     sing N N 24  
ARG CG    HG2    sing N N 25  
ARG CG    HG3    sing N N 26  
ARG CD    NE     sing N N 27  
ARG CD    HD2    sing N N 28  
ARG CD    HD3    sing N N 29  
ARG NE    CZ     sing N N 30  
ARG NE    HE     sing N N 31  
ARG CZ    NH1    sing N N 32  
ARG CZ    NH2    doub N N 33  
ARG NH1   HH11   sing N N 34  
ARG NH1   HH12   sing N N 35  
ARG NH2   HH21   sing N N 36  
ARG NH2   HH22   sing N N 37  
ARG OXT   HXT    sing N N 38  
ASN N     CA     sing N N 39  
ASN N     H      sing N N 40  
ASN N     H2     sing N N 41  
ASN CA    C      sing N N 42  
ASN CA    CB     sing N N 43  
ASN CA    HA     sing N N 44  
ASN C     O      doub N N 45  
ASN C     OXT    sing N N 46  
ASN CB    CG     sing N N 47  
ASN CB    HB2    sing N N 48  
ASN CB    HB3    sing N N 49  
ASN CG    OD1    doub N N 50  
ASN CG    ND2    sing N N 51  
ASN ND2   HD21   sing N N 52  
ASN ND2   HD22   sing N N 53  
ASN OXT   HXT    sing N N 54  
ASP N     CA     sing N N 55  
ASP N     H      sing N N 56  
ASP N     H2     sing N N 57  
ASP CA    C      sing N N 58  
ASP CA    CB     sing N N 59  
ASP CA    HA     sing N N 60  
ASP C     O      doub N N 61  
ASP C     OXT    sing N N 62  
ASP CB    CG     sing N N 63  
ASP CB    HB2    sing N N 64  
ASP CB    HB3    sing N N 65  
ASP CG    OD1    doub N N 66  
ASP CG    OD2    sing N N 67  
ASP OD2   HD2    sing N N 68  
ASP OXT   HXT    sing N N 69  
CYS N     CA     sing N N 70  
CYS N     H      sing N N 71  
CYS N     H2     sing N N 72  
CYS CA    C      sing N N 73  
CYS CA    CB     sing N N 74  
CYS CA    HA     sing N N 75  
CYS C     O      doub N N 76  
CYS C     OXT    sing N N 77  
CYS CB    SG     sing N N 78  
CYS CB    HB2    sing N N 79  
CYS CB    HB3    sing N N 80  
CYS SG    HG     sing N N 81  
CYS OXT   HXT    sing N N 82  
GLN N     CA     sing N N 83  
GLN N     H      sing N N 84  
GLN N     H2     sing N N 85  
GLN CA    C      sing N N 86  
GLN CA    CB     sing N N 87  
GLN CA    HA     sing N N 88  
GLN C     O      doub N N 89  
GLN C     OXT    sing N N 90  
GLN CB    CG     sing N N 91  
GLN CB    HB2    sing N N 92  
GLN CB    HB3    sing N N 93  
GLN CG    CD     sing N N 94  
GLN CG    HG2    sing N N 95  
GLN CG    HG3    sing N N 96  
GLN CD    OE1    doub N N 97  
GLN CD    NE2    sing N N 98  
GLN NE2   HE21   sing N N 99  
GLN NE2   HE22   sing N N 100 
GLN OXT   HXT    sing N N 101 
GLU N     CA     sing N N 102 
GLU N     H      sing N N 103 
GLU N     H2     sing N N 104 
GLU CA    C      sing N N 105 
GLU CA    CB     sing N N 106 
GLU CA    HA     sing N N 107 
GLU C     O      doub N N 108 
GLU C     OXT    sing N N 109 
GLU CB    CG     sing N N 110 
GLU CB    HB2    sing N N 111 
GLU CB    HB3    sing N N 112 
GLU CG    CD     sing N N 113 
GLU CG    HG2    sing N N 114 
GLU CG    HG3    sing N N 115 
GLU CD    OE1    doub N N 116 
GLU CD    OE2    sing N N 117 
GLU OE2   HE2    sing N N 118 
GLU OXT   HXT    sing N N 119 
GLY N     CA     sing N N 120 
GLY N     H      sing N N 121 
GLY N     H2     sing N N 122 
GLY CA    C      sing N N 123 
GLY CA    HA2    sing N N 124 
GLY CA    HA3    sing N N 125 
GLY C     O      doub N N 126 
GLY C     OXT    sing N N 127 
GLY OXT   HXT    sing N N 128 
HC4 C1    O1     doub N N 129 
HC4 C1    O2     sing N N 130 
HC4 C1    C2     sing N N 131 
HC4 O2    HO2    sing N N 132 
HC4 C2    C3     doub N E 133 
HC4 C2    H2     sing N N 134 
HC4 C3    "C1'"  sing N N 135 
HC4 C3    H3     sing N N 136 
HC4 "C1'" "C2'"  doub Y N 137 
HC4 "C1'" "C6'"  sing Y N 138 
HC4 "C2'" "C3'"  sing Y N 139 
HC4 "C2'" "H2'"  sing N N 140 
HC4 "C3'" "C4'"  doub Y N 141 
HC4 "C3'" "H3'"  sing N N 142 
HC4 "C4'" "C5'"  sing Y N 143 
HC4 "C4'" "O4'"  sing N N 144 
HC4 "C5'" "C6'"  doub Y N 145 
HC4 "C5'" "H5'"  sing N N 146 
HC4 "C6'" "H6'"  sing N N 147 
HC4 "O4'" "HO4'" sing N N 148 
HIS N     CA     sing N N 149 
HIS N     H      sing N N 150 
HIS N     H2     sing N N 151 
HIS CA    C      sing N N 152 
HIS CA    CB     sing N N 153 
HIS CA    HA     sing N N 154 
HIS C     O      doub N N 155 
HIS C     OXT    sing N N 156 
HIS CB    CG     sing N N 157 
HIS CB    HB2    sing N N 158 
HIS CB    HB3    sing N N 159 
HIS CG    ND1    sing Y N 160 
HIS CG    CD2    doub Y N 161 
HIS ND1   CE1    doub Y N 162 
HIS ND1   HD1    sing N N 163 
HIS CD2   NE2    sing Y N 164 
HIS CD2   HD2    sing N N 165 
HIS CE1   NE2    sing Y N 166 
HIS CE1   HE1    sing N N 167 
HIS NE2   HE2    sing N N 168 
HIS OXT   HXT    sing N N 169 
HOH O     H1     sing N N 170 
HOH O     H2     sing N N 171 
ILE N     CA     sing N N 172 
ILE N     H      sing N N 173 
ILE N     H2     sing N N 174 
ILE CA    C      sing N N 175 
ILE CA    CB     sing N N 176 
ILE CA    HA     sing N N 177 
ILE C     O      doub N N 178 
ILE C     OXT    sing N N 179 
ILE CB    CG1    sing N N 180 
ILE CB    CG2    sing N N 181 
ILE CB    HB     sing N N 182 
ILE CG1   CD1    sing N N 183 
ILE CG1   HG12   sing N N 184 
ILE CG1   HG13   sing N N 185 
ILE CG2   HG21   sing N N 186 
ILE CG2   HG22   sing N N 187 
ILE CG2   HG23   sing N N 188 
ILE CD1   HD11   sing N N 189 
ILE CD1   HD12   sing N N 190 
ILE CD1   HD13   sing N N 191 
ILE OXT   HXT    sing N N 192 
LEU N     CA     sing N N 193 
LEU N     H      sing N N 194 
LEU N     H2     sing N N 195 
LEU CA    C      sing N N 196 
LEU CA    CB     sing N N 197 
LEU CA    HA     sing N N 198 
LEU C     O      doub N N 199 
LEU C     OXT    sing N N 200 
LEU CB    CG     sing N N 201 
LEU CB    HB2    sing N N 202 
LEU CB    HB3    sing N N 203 
LEU CG    CD1    sing N N 204 
LEU CG    CD2    sing N N 205 
LEU CG    HG     sing N N 206 
LEU CD1   HD11   sing N N 207 
LEU CD1   HD12   sing N N 208 
LEU CD1   HD13   sing N N 209 
LEU CD2   HD21   sing N N 210 
LEU CD2   HD22   sing N N 211 
LEU CD2   HD23   sing N N 212 
LEU OXT   HXT    sing N N 213 
LYS N     CA     sing N N 214 
LYS N     H      sing N N 215 
LYS N     H2     sing N N 216 
LYS CA    C      sing N N 217 
LYS CA    CB     sing N N 218 
LYS CA    HA     sing N N 219 
LYS C     O      doub N N 220 
LYS C     OXT    sing N N 221 
LYS CB    CG     sing N N 222 
LYS CB    HB2    sing N N 223 
LYS CB    HB3    sing N N 224 
LYS CG    CD     sing N N 225 
LYS CG    HG2    sing N N 226 
LYS CG    HG3    sing N N 227 
LYS CD    CE     sing N N 228 
LYS CD    HD2    sing N N 229 
LYS CD    HD3    sing N N 230 
LYS CE    NZ     sing N N 231 
LYS CE    HE2    sing N N 232 
LYS CE    HE3    sing N N 233 
LYS NZ    HZ1    sing N N 234 
LYS NZ    HZ2    sing N N 235 
LYS NZ    HZ3    sing N N 236 
LYS OXT   HXT    sing N N 237 
MET N     CA     sing N N 238 
MET N     H      sing N N 239 
MET N     H2     sing N N 240 
MET CA    C      sing N N 241 
MET CA    CB     sing N N 242 
MET CA    HA     sing N N 243 
MET C     O      doub N N 244 
MET C     OXT    sing N N 245 
MET CB    CG     sing N N 246 
MET CB    HB2    sing N N 247 
MET CB    HB3    sing N N 248 
MET CG    SD     sing N N 249 
MET CG    HG2    sing N N 250 
MET CG    HG3    sing N N 251 
MET SD    CE     sing N N 252 
MET CE    HE1    sing N N 253 
MET CE    HE2    sing N N 254 
MET CE    HE3    sing N N 255 
MET OXT   HXT    sing N N 256 
PHE N     CA     sing N N 257 
PHE N     H      sing N N 258 
PHE N     H2     sing N N 259 
PHE CA    C      sing N N 260 
PHE CA    CB     sing N N 261 
PHE CA    HA     sing N N 262 
PHE C     O      doub N N 263 
PHE C     OXT    sing N N 264 
PHE CB    CG     sing N N 265 
PHE CB    HB2    sing N N 266 
PHE CB    HB3    sing N N 267 
PHE CG    CD1    doub Y N 268 
PHE CG    CD2    sing Y N 269 
PHE CD1   CE1    sing Y N 270 
PHE CD1   HD1    sing N N 271 
PHE CD2   CE2    doub Y N 272 
PHE CD2   HD2    sing N N 273 
PHE CE1   CZ     doub Y N 274 
PHE CE1   HE1    sing N N 275 
PHE CE2   CZ     sing Y N 276 
PHE CE2   HE2    sing N N 277 
PHE CZ    HZ     sing N N 278 
PHE OXT   HXT    sing N N 279 
PRO N     CA     sing N N 280 
PRO N     CD     sing N N 281 
PRO N     H      sing N N 282 
PRO CA    C      sing N N 283 
PRO CA    CB     sing N N 284 
PRO CA    HA     sing N N 285 
PRO C     O      doub N N 286 
PRO C     OXT    sing N N 287 
PRO CB    CG     sing N N 288 
PRO CB    HB2    sing N N 289 
PRO CB    HB3    sing N N 290 
PRO CG    CD     sing N N 291 
PRO CG    HG2    sing N N 292 
PRO CG    HG3    sing N N 293 
PRO CD    HD2    sing N N 294 
PRO CD    HD3    sing N N 295 
PRO OXT   HXT    sing N N 296 
SER N     CA     sing N N 297 
SER N     H      sing N N 298 
SER N     H2     sing N N 299 
SER CA    C      sing N N 300 
SER CA    CB     sing N N 301 
SER CA    HA     sing N N 302 
SER C     O      doub N N 303 
SER C     OXT    sing N N 304 
SER CB    OG     sing N N 305 
SER CB    HB2    sing N N 306 
SER CB    HB3    sing N N 307 
SER OG    HG     sing N N 308 
SER OXT   HXT    sing N N 309 
THR N     CA     sing N N 310 
THR N     H      sing N N 311 
THR N     H2     sing N N 312 
THR CA    C      sing N N 313 
THR CA    CB     sing N N 314 
THR CA    HA     sing N N 315 
THR C     O      doub N N 316 
THR C     OXT    sing N N 317 
THR CB    OG1    sing N N 318 
THR CB    CG2    sing N N 319 
THR CB    HB     sing N N 320 
THR OG1   HG1    sing N N 321 
THR CG2   HG21   sing N N 322 
THR CG2   HG22   sing N N 323 
THR CG2   HG23   sing N N 324 
THR OXT   HXT    sing N N 325 
TRP N     CA     sing N N 326 
TRP N     H      sing N N 327 
TRP N     H2     sing N N 328 
TRP CA    C      sing N N 329 
TRP CA    CB     sing N N 330 
TRP CA    HA     sing N N 331 
TRP C     O      doub N N 332 
TRP C     OXT    sing N N 333 
TRP CB    CG     sing N N 334 
TRP CB    HB2    sing N N 335 
TRP CB    HB3    sing N N 336 
TRP CG    CD1    doub Y N 337 
TRP CG    CD2    sing Y N 338 
TRP CD1   NE1    sing Y N 339 
TRP CD1   HD1    sing N N 340 
TRP CD2   CE2    doub Y N 341 
TRP CD2   CE3    sing Y N 342 
TRP NE1   CE2    sing Y N 343 
TRP NE1   HE1    sing N N 344 
TRP CE2   CZ2    sing Y N 345 
TRP CE3   CZ3    doub Y N 346 
TRP CE3   HE3    sing N N 347 
TRP CZ2   CH2    doub Y N 348 
TRP CZ2   HZ2    sing N N 349 
TRP CZ3   CH2    sing Y N 350 
TRP CZ3   HZ3    sing N N 351 
TRP CH2   HH2    sing N N 352 
TRP OXT   HXT    sing N N 353 
TYR N     CA     sing N N 354 
TYR N     H      sing N N 355 
TYR N     H2     sing N N 356 
TYR CA    C      sing N N 357 
TYR CA    CB     sing N N 358 
TYR CA    HA     sing N N 359 
TYR C     O      doub N N 360 
TYR C     OXT    sing N N 361 
TYR CB    CG     sing N N 362 
TYR CB    HB2    sing N N 363 
TYR CB    HB3    sing N N 364 
TYR CG    CD1    doub Y N 365 
TYR CG    CD2    sing Y N 366 
TYR CD1   CE1    sing Y N 367 
TYR CD1   HD1    sing N N 368 
TYR CD2   CE2    doub Y N 369 
TYR CD2   HD2    sing N N 370 
TYR CE1   CZ     doub Y N 371 
TYR CE1   HE1    sing N N 372 
TYR CE2   CZ     sing Y N 373 
TYR CE2   HE2    sing N N 374 
TYR CZ    OH     sing N N 375 
TYR OH    HH     sing N N 376 
TYR OXT   HXT    sing N N 377 
VAL N     CA     sing N N 378 
VAL N     H      sing N N 379 
VAL N     H2     sing N N 380 
VAL CA    C      sing N N 381 
VAL CA    CB     sing N N 382 
VAL CA    HA     sing N N 383 
VAL C     O      doub N N 384 
VAL C     OXT    sing N N 385 
VAL CB    CG1    sing N N 386 
VAL CB    CG2    sing N N 387 
VAL CB    HB     sing N N 388 
VAL CG1   HG11   sing N N 389 
VAL CG1   HG12   sing N N 390 
VAL CG1   HG13   sing N N 391 
VAL CG2   HG21   sing N N 392 
VAL CG2   HG22   sing N N 393 
VAL CG2   HG23   sing N N 394 
VAL OXT   HXT    sing N N 395 
# 
_atom_sites.entry_id                    2PHY 
_atom_sites.fract_transf_matrix[1][1]   0.00881206 
_atom_sites.fract_transf_matrix[1][2]   0.00438107 
_atom_sites.fract_transf_matrix[1][3]   -0.01418004 
_atom_sites.fract_transf_matrix[2][1]   0.01225901 
_atom_sites.fract_transf_matrix[2][2]   -0.01049167 
_atom_sites.fract_transf_matrix[2][3]   -0.00612773 
_atom_sites.fract_transf_matrix[3][1]   -0.01668357 
_atom_sites.fract_transf_matrix[3][2]   -0.01138425 
_atom_sites.fract_transf_matrix[3][3]   -0.01388514 
_atom_sites.fract_transf_vector[1]      0.337290 
_atom_sites.fract_transf_vector[2]      0.028142 
_atom_sites.fract_transf_vector[3]      -0.298646 
# 
loop_
_atom_type.symbol 
C 
N 
O 
S 
# 
loop_
_atom_site.group_PDB 
_atom_site.id 
_atom_site.type_symbol 
_atom_site.label_atom_id 
_atom_site.label_alt_id 
_atom_site.label_comp_id 
_atom_site.label_asym_id 
_atom_site.label_entity_id 
_atom_site.label_seq_id 
_atom_site.pdbx_PDB_ins_code 
_atom_site.Cartn_x 
_atom_site.Cartn_y 
_atom_site.Cartn_z 
_atom_site.occupancy 
_atom_site.B_iso_or_equiv 
_atom_site.pdbx_formal_charge 
_atom_site.auth_seq_id 
_atom_site.auth_comp_id 
_atom_site.auth_asym_id 
_atom_site.auth_atom_id 
_atom_site.pdbx_PDB_model_num 
ATOM   1    N N     . MET A 1 1   ? -17.811 9.914   -2.050  1.00 38.82 ? 1   MET A N     1 
ATOM   2    C CA    . MET A 1 1   ? -16.817 8.848   -2.055  1.00 38.46 ? 1   MET A CA    1 
ATOM   3    C C     . MET A 1 1   ? -16.450 8.387   -3.485  1.00 38.03 ? 1   MET A C     1 
ATOM   4    O O     . MET A 1 1   ? -17.266 8.480   -4.421  1.00 38.18 ? 1   MET A O     1 
ATOM   5    C CB    . MET A 1 1   ? -17.308 7.665   -1.184  1.00 38.92 ? 1   MET A CB    1 
ATOM   6    C CG    . MET A 1 1   ? -16.444 6.399   -1.267  1.00 39.84 ? 1   MET A CG    1 
ATOM   7    S SD    . MET A 1 1   ? -16.540 5.229   0.124   1.00 39.94 ? 1   MET A SD    1 
ATOM   8    C CE    . MET A 1 1   ? -17.769 4.109   -0.458  1.00 39.07 ? 1   MET A CE    1 
ATOM   9    N N     . GLU A 1 2   ? -15.189 7.988   -3.669  1.00 36.66 ? 2   GLU A N     1 
ATOM   10   C CA    . GLU A 1 2   ? -14.714 7.486   -4.959  1.00 35.45 ? 2   GLU A CA    1 
ATOM   11   C C     . GLU A 1 2   ? -15.096 6.020   -5.035  1.00 32.33 ? 2   GLU A C     1 
ATOM   12   O O     . GLU A 1 2   ? -14.780 5.236   -4.138  1.00 31.39 ? 2   GLU A O     1 
ATOM   13   C CB    . GLU A 1 2   ? -13.203 7.657   -5.114  1.00 37.89 ? 2   GLU A CB    1 
ATOM   14   C CG    . GLU A 1 2   ? -12.802 8.947   -5.852  1.00 42.61 ? 2   GLU A CG    1 
ATOM   15   C CD    . GLU A 1 2   ? -13.201 8.957   -7.339  1.00 44.84 ? 2   GLU A CD    1 
ATOM   16   O OE1   . GLU A 1 2   ? -13.703 7.924   -7.858  1.00 45.81 ? 2   GLU A OE1   1 
ATOM   17   O OE2   . GLU A 1 2   ? -13.000 10.013  -7.989  1.00 47.05 ? 2   GLU A OE2   1 
ATOM   18   N N     . HIS A 1 3   ? -15.785 5.658   -6.108  1.00 29.30 ? 3   HIS A N     1 
ATOM   19   C CA    . HIS A 1 3   ? -16.269 4.293   -6.261  1.00 26.85 ? 3   HIS A CA    1 
ATOM   20   C C     . HIS A 1 3   ? -15.370 3.289   -6.966  1.00 22.28 ? 3   HIS A C     1 
ATOM   21   O O     . HIS A 1 3   ? -15.483 3.089   -8.167  1.00 21.37 ? 3   HIS A O     1 
ATOM   22   C CB    . HIS A 1 3   ? -17.679 4.292   -6.874  1.00 31.25 ? 3   HIS A CB    1 
ATOM   23   C CG    . HIS A 1 3   ? -17.806 5.106   -8.134  1.00 36.56 ? 3   HIS A CG    1 
ATOM   24   N ND1   . HIS A 1 3   ? -18.232 6.419   -8.136  1.00 39.21 ? 3   HIS A ND1   1 
ATOM   25   C CD2   . HIS A 1 3   ? -17.564 4.786   -9.432  1.00 38.67 ? 3   HIS A CD2   1 
ATOM   26   C CE1   . HIS A 1 3   ? -18.243 6.876   -9.378  1.00 40.26 ? 3   HIS A CE1   1 
ATOM   27   N NE2   . HIS A 1 3   ? -17.843 5.905   -10.183 1.00 39.82 ? 3   HIS A NE2   1 
ATOM   28   N N     . VAL A 1 4   ? -14.474 2.672   -6.202  1.00 18.41 ? 4   VAL A N     1 
ATOM   29   C CA    . VAL A 1 4   ? -13.575 1.648   -6.711  1.00 15.41 ? 4   VAL A CA    1 
ATOM   30   C C     . VAL A 1 4   ? -13.557 0.573   -5.620  1.00 13.21 ? 4   VAL A C     1 
ATOM   31   O O     . VAL A 1 4   ? -13.474 0.891   -4.426  1.00 12.73 ? 4   VAL A O     1 
ATOM   32   C CB    A VAL A 1 4   ? -12.159 2.186   -7.020  0.50 16.36 ? 4   VAL A CB    1 
ATOM   33   C CB    B VAL A 1 4   ? -12.127 2.190   -6.873  0.50 15.92 ? 4   VAL A CB    1 
ATOM   34   C CG1   A VAL A 1 4   ? -11.471 2.600   -5.765  0.50 16.77 ? 4   VAL A CG1   1 
ATOM   35   C CG1   B VAL A 1 4   ? -11.204 1.101   -7.410  0.50 15.86 ? 4   VAL A CG1   1 
ATOM   36   C CG2   A VAL A 1 4   ? -11.341 1.133   -7.760  0.50 16.54 ? 4   VAL A CG2   1 
ATOM   37   C CG2   B VAL A 1 4   ? -12.106 3.405   -7.787  0.50 15.52 ? 4   VAL A CG2   1 
ATOM   38   N N     . ALA A 1 5   ? -13.709 -0.682  -6.029  1.00 10.19 ? 5   ALA A N     1 
ATOM   39   C CA    . ALA A 1 5   ? -13.726 -1.792  -5.091  1.00 8.81  ? 5   ALA A CA    1 
ATOM   40   C C     . ALA A 1 5   ? -12.350 -2.376  -4.867  1.00 7.86  ? 5   ALA A C     1 
ATOM   41   O O     . ALA A 1 5   ? -11.558 -2.506  -5.795  1.00 7.56  ? 5   ALA A O     1 
ATOM   42   C CB    . ALA A 1 5   ? -14.670 -2.899  -5.579  1.00 7.85  ? 5   ALA A CB    1 
ATOM   43   N N     . PHE A 1 6   ? -12.055 -2.679  -3.611  1.00 6.28  ? 6   PHE A N     1 
ATOM   44   C CA    . PHE A 1 6   ? -10.807 -3.323  -3.250  1.00 5.89  ? 6   PHE A CA    1 
ATOM   45   C C     . PHE A 1 6   ? -10.695 -4.629  -4.068  1.00 6.84  ? 6   PHE A C     1 
ATOM   46   O O     . PHE A 1 6   ? -11.652 -5.416  -4.151  1.00 7.35  ? 6   PHE A O     1 
ATOM   47   C CB    . PHE A 1 6   ? -10.851 -3.650  -1.755  1.00 5.46  ? 6   PHE A CB    1 
ATOM   48   C CG    . PHE A 1 6   ? -9.627  -4.334  -1.247  1.00 5.39  ? 6   PHE A CG    1 
ATOM   49   C CD1   . PHE A 1 6   ? -9.510  -5.721  -1.321  1.00 7.03  ? 6   PHE A CD1   1 
ATOM   50   C CD2   . PHE A 1 6   ? -8.598  -3.607  -0.676  1.00 5.73  ? 6   PHE A CD2   1 
ATOM   51   C CE1   . PHE A 1 6   ? -8.391  -6.361  -0.833  1.00 6.67  ? 6   PHE A CE1   1 
ATOM   52   C CE2   . PHE A 1 6   ? -7.473  -4.246  -0.185  1.00 6.35  ? 6   PHE A CE2   1 
ATOM   53   C CZ    . PHE A 1 6   ? -7.368  -5.618  -0.263  1.00 6.62  ? 6   PHE A CZ    1 
ATOM   54   N N     . GLY A 1 7   ? -9.543  -4.842  -4.696  1.00 7.20  ? 7   GLY A N     1 
ATOM   55   C CA    . GLY A 1 7   ? -9.326  -6.052  -5.476  1.00 8.65  ? 7   GLY A CA    1 
ATOM   56   C C     . GLY A 1 7   ? -9.817  -6.055  -6.922  1.00 10.04 ? 7   GLY A C     1 
ATOM   57   O O     . GLY A 1 7   ? -9.744  -7.087  -7.596  1.00 10.51 ? 7   GLY A O     1 
ATOM   58   N N     . SER A 1 8   ? -10.304 -4.914  -7.405  1.00 10.18 ? 8   SER A N     1 
ATOM   59   C CA    . SER A 1 8   ? -10.804 -4.793  -8.770  1.00 11.37 ? 8   SER A CA    1 
ATOM   60   C C     . SER A 1 8   ? -9.693  -5.136  -9.759  1.00 12.83 ? 8   SER A C     1 
ATOM   61   O O     . SER A 1 8   ? -8.551  -4.687  -9.605  1.00 11.43 ? 8   SER A O     1 
ATOM   62   C CB    . SER A 1 8   ? -11.285 -3.364  -9.043  1.00 11.13 ? 8   SER A CB    1 
ATOM   63   O OG    . SER A 1 8   ? -12.506 -3.103  -8.390  1.00 17.38 ? 8   SER A OG    1 
ATOM   64   N N     . GLU A 1 9   ? -10.049 -5.867  -10.807 1.00 13.61 ? 9   GLU A N     1 
ATOM   65   C CA    . GLU A 1 9   ? -9.070  -6.302  -11.805 1.00 16.96 ? 9   GLU A CA    1 
ATOM   66   C C     . GLU A 1 9   ? -8.311  -5.167  -12.532 1.00 16.06 ? 9   GLU A C     1 
ATOM   67   O O     . GLU A 1 9   ? -7.128  -5.322  -12.851 1.00 16.06 ? 9   GLU A O     1 
ATOM   68   C CB    . GLU A 1 9   ? -9.711  -7.294  -12.811 1.00 20.80 ? 9   GLU A CB    1 
ATOM   69   C CG    . GLU A 1 9   ? -11.267 -7.325  -12.823 1.00 29.50 ? 9   GLU A CG    1 
ATOM   70   C CD    . GLU A 1 9   ? -11.881 -8.155  -13.974 1.00 34.28 ? 9   GLU A CD    1 
ATOM   71   O OE1   . GLU A 1 9   ? -11.872 -7.664  -15.137 1.00 36.90 ? 9   GLU A OE1   1 
ATOM   72   O OE2   . GLU A 1 9   ? -12.400 -9.278  -13.709 1.00 37.94 ? 9   GLU A OE2   1 
ATOM   73   N N     . ASP A 1 10  ? -8.972  -4.023  -12.715 1.00 14.87 ? 10  ASP A N     1 
ATOM   74   C CA    . ASP A 1 10  ? -8.383  -2.866  -13.406 1.00 15.08 ? 10  ASP A CA    1 
ATOM   75   C C     . ASP A 1 10  ? -8.088  -1.701  -12.461 1.00 13.42 ? 10  ASP A C     1 
ATOM   76   O O     . ASP A 1 10  ? -8.007  -0.560  -12.902 1.00 12.52 ? 10  ASP A O     1 
ATOM   77   C CB    A ASP A 1 10  ? -9.293  -2.412  -14.555 0.50 17.17 ? 10  ASP A CB    1 
ATOM   78   C CB    B ASP A 1 10  ? -9.351  -2.363  -14.501 0.50 15.96 ? 10  ASP A CB    1 
ATOM   79   C CG    A ASP A 1 10  ? -9.508  -3.504  -15.592 0.50 19.10 ? 10  ASP A CG    1 
ATOM   80   C CG    B ASP A 1 10  ? -10.666 -1.798  -13.932 0.50 16.36 ? 10  ASP A CG    1 
ATOM   81   O OD1   A ASP A 1 10  ? -8.507  -4.101  -16.053 0.50 20.97 ? 10  ASP A OD1   1 
ATOM   82   O OD1   B ASP A 1 10  ? -11.087 -2.209  -12.831 0.50 17.02 ? 10  ASP A OD1   1 
ATOM   83   O OD2   A ASP A 1 10  ? -10.679 -3.778  -15.936 0.50 20.17 ? 10  ASP A OD2   1 
ATOM   84   O OD2   B ASP A 1 10  ? -11.286 -0.930  -14.586 0.50 19.21 ? 10  ASP A OD2   1 
ATOM   85   N N     . ILE A 1 11  ? -7.863  -1.986  -11.180 1.00 11.53 ? 11  ILE A N     1 
ATOM   86   C CA    . ILE A 1 11  ? -7.631  -0.920  -10.213 1.00 11.05 ? 11  ILE A CA    1 
ATOM   87   C C     . ILE A 1 11  ? -6.490  0.048   -10.566 1.00 11.10 ? 11  ILE A C     1 
ATOM   88   O O     . ILE A 1 11  ? -6.618  1.264   -10.380 1.00 10.22 ? 11  ILE A O     1 
ATOM   89   C CB    . ILE A 1 11  ? -7.498  -1.463  -8.765  1.00 10.08 ? 11  ILE A CB    1 
ATOM   90   C CG1   . ILE A 1 11  ? -7.452  -0.296  -7.775  1.00 11.51 ? 11  ILE A CG1   1 
ATOM   91   C CG2   . ILE A 1 11  ? -6.261  -2.359  -8.626  1.00 9.79  ? 11  ILE A CG2   1 
ATOM   92   C CD1   . ILE A 1 11  ? -7.885  -0.658  -6.390  1.00 13.55 ? 11  ILE A CD1   1 
ATOM   93   N N     . GLU A 1 12  ? -5.402  -0.478  -11.127 1.00 11.15 ? 12  GLU A N     1 
ATOM   94   C CA    . GLU A 1 12  ? -4.267  0.370   -11.493 1.00 11.64 ? 12  GLU A CA    1 
ATOM   95   C C     . GLU A 1 12  ? -4.636  1.418   -12.558 1.00 11.81 ? 12  GLU A C     1 
ATOM   96   O O     . GLU A 1 12  ? -4.079  2.511   -12.544 1.00 12.29 ? 12  GLU A O     1 
ATOM   97   C CB    . GLU A 1 12  ? -3.047  -0.461  -11.935 1.00 13.11 ? 12  GLU A CB    1 
ATOM   98   C CG    . GLU A 1 12  ? -3.172  -1.183  -13.276 1.00 12.52 ? 12  GLU A CG    1 
ATOM   99   C CD    . GLU A 1 12  ? -3.750  -2.588  -13.182 1.00 14.52 ? 12  GLU A CD    1 
ATOM   100  O OE1   . GLU A 1 12  ? -4.540  -2.872  -12.255 1.00 13.68 ? 12  GLU A OE1   1 
ATOM   101  O OE2   . GLU A 1 12  ? -3.427  -3.413  -14.059 1.00 17.07 ? 12  GLU A OE2   1 
ATOM   102  N N     . ASN A 1 13  ? -5.550  1.083   -13.475 1.00 11.70 ? 13  ASN A N     1 
ATOM   103  C CA    . ASN A 1 13  ? -5.987  2.034   -14.505 1.00 12.36 ? 13  ASN A CA    1 
ATOM   104  C C     . ASN A 1 13  ? -6.838  3.099   -13.830 1.00 12.61 ? 13  ASN A C     1 
ATOM   105  O O     . ASN A 1 13  ? -6.677  4.276   -14.106 1.00 12.87 ? 13  ASN A O     1 
ATOM   106  C CB    . ASN A 1 13  ? -6.830  1.376   -15.624 1.00 13.05 ? 13  ASN A CB    1 
ATOM   107  C CG    . ASN A 1 13  ? -6.001  0.553   -16.588 1.00 15.66 ? 13  ASN A CG    1 
ATOM   108  O OD1   . ASN A 1 13  ? -5.411  -0.452  -16.205 1.00 17.55 ? 13  ASN A OD1   1 
ATOM   109  N ND2   . ASN A 1 13  ? -5.978  0.952   -17.846 1.00 14.24 ? 13  ASN A ND2   1 
ATOM   110  N N     . THR A 1 14  ? -7.724  2.687   -12.923 1.00 12.12 ? 14  THR A N     1 
ATOM   111  C CA    . THR A 1 14  ? -8.598  3.639   -12.249 1.00 12.20 ? 14  THR A CA    1 
ATOM   112  C C     . THR A 1 14  ? -7.836  4.639   -11.385 1.00 12.19 ? 14  THR A C     1 
ATOM   113  O O     . THR A 1 14  ? -8.093  5.841   -11.439 1.00 10.16 ? 14  THR A O     1 
ATOM   114  C CB    . THR A 1 14  ? -9.675  2.917   -11.396 1.00 12.32 ? 14  THR A CB    1 
ATOM   115  O OG1   . THR A 1 14  ? -10.337 1.933   -12.187 1.00 13.58 ? 14  THR A OG1   1 
ATOM   116  C CG2   . THR A 1 14  ? -10.713 3.903   -10.926 1.00 14.53 ? 14  THR A CG2   1 
ATOM   117  N N     . LEU A 1 15  ? -6.842  4.151   -10.637 1.00 11.77 ? 15  LEU A N     1 
ATOM   118  C CA    . LEU A 1 15  ? -6.077  5.021   -9.749  1.00 11.38 ? 15  LEU A CA    1 
ATOM   119  C C     . LEU A 1 15  ? -5.025  5.883   -10.443 1.00 11.37 ? 15  LEU A C     1 
ATOM   120  O O     . LEU A 1 15  ? -4.507  6.817   -9.845  1.00 12.74 ? 15  LEU A O     1 
ATOM   121  C CB    . LEU A 1 15  ? -5.416  4.231   -8.604  1.00 12.05 ? 15  LEU A CB    1 
ATOM   122  C CG    . LEU A 1 15  ? -6.210  3.419   -7.578  1.00 14.45 ? 15  LEU A CG    1 
ATOM   123  C CD1   . LEU A 1 15  ? -5.376  3.328   -6.330  1.00 14.27 ? 15  LEU A CD1   1 
ATOM   124  C CD2   . LEU A 1 15  ? -7.553  4.022   -7.259  1.00 14.24 ? 15  LEU A CD2   1 
ATOM   125  N N     . ALA A 1 16  ? -4.690  5.562   -11.687 1.00 11.79 ? 16  ALA A N     1 
ATOM   126  C CA    . ALA A 1 16  ? -3.701  6.344   -12.427 1.00 13.11 ? 16  ALA A CA    1 
ATOM   127  C C     . ALA A 1 16  ? -4.162  7.807   -12.612 1.00 14.10 ? 16  ALA A C     1 
ATOM   128  O O     . ALA A 1 16  ? -3.341  8.696   -12.763 1.00 14.59 ? 16  ALA A O     1 
ATOM   129  C CB    . ALA A 1 16  ? -3.446  5.700   -13.791 1.00 12.60 ? 16  ALA A CB    1 
ATOM   130  N N     . LYS A 1 17  ? -5.479  8.039   -12.570 1.00 16.45 ? 17  LYS A N     1 
ATOM   131  C CA    . LYS A 1 17  ? -6.079  9.368   -12.764 1.00 19.62 ? 17  LYS A CA    1 
ATOM   132  C C     . LYS A 1 17  ? -6.215  10.167  -11.470 1.00 22.33 ? 17  LYS A C     1 
ATOM   133  O O     . LYS A 1 17  ? -6.625  11.339  -11.486 1.00 21.85 ? 17  LYS A O     1 
ATOM   134  C CB    . LYS A 1 17  ? -7.481  9.208   -13.395 1.00 20.97 ? 17  LYS A CB    1 
ATOM   135  C CG    . LYS A 1 17  ? -8.612  8.818   -12.407 1.00 22.39 ? 17  LYS A CG    1 
ATOM   136  C CD    . LYS A 1 17  ? -9.849  8.250   -13.114 1.00 24.98 ? 17  LYS A CD    1 
ATOM   137  C CE    . LYS A 1 17  ? -11.004 7.929   -12.136 1.00 26.38 ? 17  LYS A CE    1 
ATOM   138  N NZ    . LYS A 1 17  ? -12.146 7.217   -12.821 1.00 27.68 ? 17  LYS A NZ    1 
ATOM   139  N N     . MET A 1 18  ? -5.881  9.526   -10.349 1.00 24.07 ? 18  MET A N     1 
ATOM   140  C CA    . MET A 1 18  ? -6.034  10.150  -9.039  1.00 25.78 ? 18  MET A CA    1 
ATOM   141  C C     . MET A 1 18  ? -4.880  10.898  -8.370  1.00 26.48 ? 18  MET A C     1 
ATOM   142  O O     . MET A 1 18  ? -3.776  10.364  -8.152  1.00 26.89 ? 18  MET A O     1 
ATOM   143  C CB    . MET A 1 18  ? -6.630  9.140   -8.046  1.00 23.58 ? 18  MET A CB    1 
ATOM   144  C CG    . MET A 1 18  ? -8.029  8.711   -8.400  1.00 23.74 ? 18  MET A CG    1 
ATOM   145  S SD    . MET A 1 18  ? -8.698  7.549   -7.230  1.00 25.42 ? 18  MET A SD    1 
ATOM   146  C CE    . MET A 1 18  ? -9.775  6.619   -8.299  1.00 26.51 ? 18  MET A CE    1 
ATOM   147  N N     . ASP A 1 19  ? -5.185  12.150  -8.038  1.00 27.87 ? 19  ASP A N     1 
ATOM   148  C CA    . ASP A 1 19  ? -4.291  13.044  -7.307  1.00 28.71 ? 19  ASP A CA    1 
ATOM   149  C C     . ASP A 1 19  ? -4.362  12.569  -5.838  1.00 28.43 ? 19  ASP A C     1 
ATOM   150  O O     . ASP A 1 19  ? -5.231  11.749  -5.489  1.00 25.67 ? 19  ASP A O     1 
ATOM   151  C CB    . ASP A 1 19  ? -4.774  14.517  -7.427  1.00 31.37 ? 19  ASP A CB    1 
ATOM   152  C CG    . ASP A 1 19  ? -6.288  14.706  -7.102  1.00 34.18 ? 19  ASP A CG    1 
ATOM   153  O OD1   . ASP A 1 19  ? -7.135  13.936  -7.612  1.00 35.84 ? 19  ASP A OD1   1 
ATOM   154  O OD2   . ASP A 1 19  ? -6.643  15.665  -6.367  1.00 36.58 ? 19  ASP A OD2   1 
ATOM   155  N N     . ASP A 1 20  ? -3.492  13.098  -4.976  1.00 27.68 ? 20  ASP A N     1 
ATOM   156  C CA    . ASP A 1 20  ? -3.506  12.695  -3.574  1.00 28.56 ? 20  ASP A CA    1 
ATOM   157  C C     . ASP A 1 20  ? -4.880  12.936  -2.917  1.00 26.99 ? 20  ASP A C     1 
ATOM   158  O O     . ASP A 1 20  ? -5.310  12.154  -2.073  1.00 26.67 ? 20  ASP A O     1 
ATOM   159  C CB    . ASP A 1 20  ? -2.354  13.356  -2.781  1.00 31.83 ? 20  ASP A CB    1 
ATOM   160  C CG    . ASP A 1 20  ? -2.742  14.688  -2.162  1.00 35.44 ? 20  ASP A CG    1 
ATOM   161  O OD1   . ASP A 1 20  ? -3.002  15.656  -2.918  1.00 39.02 ? 20  ASP A OD1   1 
ATOM   162  O OD2   . ASP A 1 20  ? -2.783  14.771  -0.911  1.00 38.10 ? 20  ASP A OD2   1 
ATOM   163  N N     . GLY A 1 21  ? -5.590  13.975  -3.357  1.00 25.20 ? 21  GLY A N     1 
ATOM   164  C CA    . GLY A 1 21  ? -6.906  14.292  -2.814  1.00 22.60 ? 21  GLY A CA    1 
ATOM   165  C C     . GLY A 1 21  ? -8.005  13.277  -3.119  1.00 21.54 ? 21  GLY A C     1 
ATOM   166  O O     . GLY A 1 21  ? -8.887  13.038  -2.288  1.00 21.65 ? 21  GLY A O     1 
ATOM   167  N N     . GLN A 1 22  ? -7.975  12.709  -4.325  1.00 20.88 ? 22  GLN A N     1 
ATOM   168  C CA    . GLN A 1 22  ? -8.952  11.702  -4.739  1.00 18.85 ? 22  GLN A CA    1 
ATOM   169  C C     . GLN A 1 22  ? -8.635  10.362  -4.083  1.00 16.08 ? 22  GLN A C     1 
ATOM   170  O O     . GLN A 1 22  ? -9.545  9.615   -3.731  1.00 15.70 ? 22  GLN A O     1 
ATOM   171  C CB    . GLN A 1 22  ? -8.990  11.554  -6.263  1.00 20.82 ? 22  GLN A CB    1 
ATOM   172  C CG    . GLN A 1 22  ? -10.004 12.492  -6.925  1.00 25.67 ? 22  GLN A CG    1 
ATOM   173  C CD    . GLN A 1 22  ? -10.046 12.363  -8.434  1.00 28.07 ? 22  GLN A CD    1 
ATOM   174  O OE1   . GLN A 1 22  ? -10.596 11.399  -8.978  1.00 29.86 ? 22  GLN A OE1   1 
ATOM   175  N NE2   . GLN A 1 22  ? -9.498  13.358  -9.121  1.00 29.59 ? 22  GLN A NE2   1 
ATOM   176  N N     . LEU A 1 23  ? -7.347  10.087  -3.878  1.00 14.60 ? 23  LEU A N     1 
ATOM   177  C CA    . LEU A 1 23  ? -6.919  8.847   -3.240  1.00 12.37 ? 23  LEU A CA    1 
ATOM   178  C C     . LEU A 1 23  ? -7.511  8.828   -1.817  1.00 10.80 ? 23  LEU A C     1 
ATOM   179  O O     . LEU A 1 23  ? -7.908  7.784   -1.312  1.00 9.84  ? 23  LEU A O     1 
ATOM   180  C CB    . LEU A 1 23  ? -5.386  8.764   -3.224  1.00 13.96 ? 23  LEU A CB    1 
ATOM   181  C CG    . LEU A 1 23  ? -4.712  7.395   -3.395  1.00 17.23 ? 23  LEU A CG    1 
ATOM   182  C CD1   . LEU A 1 23  ? -4.914  6.876   -4.809  1.00 15.58 ? 23  LEU A CD1   1 
ATOM   183  C CD2   . LEU A 1 23  ? -3.219  7.489   -3.071  1.00 17.04 ? 23  LEU A CD2   1 
ATOM   184  N N     . ASP A 1 24  ? -7.650  10.005  -1.212  1.00 10.37 ? 24  ASP A N     1 
ATOM   185  C CA    . ASP A 1 24  ? -8.235  10.123  0.134   1.00 10.28 ? 24  ASP A CA    1 
ATOM   186  C C     . ASP A 1 24  ? -9.723  9.778   0.198   1.00 11.10 ? 24  ASP A C     1 
ATOM   187  O O     . ASP A 1 24  ? -10.277 9.591   1.276   1.00 12.93 ? 24  ASP A O     1 
ATOM   188  C CB    . ASP A 1 24  ? -8.037  11.526  0.701   1.00 10.11 ? 24  ASP A CB    1 
ATOM   189  C CG    . ASP A 1 24  ? -6.628  11.770  1.183   1.00 11.86 ? 24  ASP A CG    1 
ATOM   190  O OD1   . ASP A 1 24  ? -5.847  10.794  1.306   1.00 11.57 ? 24  ASP A OD1   1 
ATOM   191  O OD2   . ASP A 1 24  ? -6.304  12.954  1.461   1.00 13.70 ? 24  ASP A OD2   1 
ATOM   192  N N     . GLY A 1 25  ? -10.382 9.732   -0.950  1.00 10.84 ? 25  GLY A N     1 
ATOM   193  C CA    . GLY A 1 25  ? -11.783 9.372   -0.961  1.00 11.09 ? 25  GLY A CA    1 
ATOM   194  C C     . GLY A 1 25  ? -12.031 7.878   -1.106  1.00 11.35 ? 25  GLY A C     1 
ATOM   195  O O     . GLY A 1 25  ? -13.189 7.485   -1.220  1.00 13.22 ? 25  GLY A O     1 
ATOM   196  N N     . LEU A 1 26  ? -10.980 7.051   -1.156  1.00 9.78  ? 26  LEU A N     1 
ATOM   197  C CA    . LEU A 1 26  ? -11.148 5.607   -1.308  1.00 8.74  ? 26  LEU A CA    1 
ATOM   198  C C     . LEU A 1 26  ? -11.676 4.930   -0.033  1.00 8.18  ? 26  LEU A C     1 
ATOM   199  O O     . LEU A 1 26  ? -11.375 5.352   1.083   1.00 9.73  ? 26  LEU A O     1 
ATOM   200  C CB    . LEU A 1 26  ? -9.825  4.951   -1.748  1.00 9.43  ? 26  LEU A CB    1 
ATOM   201  C CG    . LEU A 1 26  ? -9.199  5.311   -3.106  1.00 10.18 ? 26  LEU A CG    1 
ATOM   202  C CD1   . LEU A 1 26  ? -7.894  4.540   -3.345  1.00 11.89 ? 26  LEU A CD1   1 
ATOM   203  C CD2   . LEU A 1 26  ? -10.192 5.007   -4.219  1.00 12.14 ? 26  LEU A CD2   1 
ATOM   204  N N     . ALA A 1 27  ? -12.392 3.828   -0.211  1.00 7.57  ? 27  ALA A N     1 
ATOM   205  C CA    . ALA A 1 27  ? -12.953 3.086   0.898   1.00 7.28  ? 27  ALA A CA    1 
ATOM   206  C C     . ALA A 1 27  ? -11.929 2.194   1.583   1.00 8.24  ? 27  ALA A C     1 
ATOM   207  O O     . ALA A 1 27  ? -12.248 1.537   2.561   1.00 10.00 ? 27  ALA A O     1 
ATOM   208  C CB    . ALA A 1 27  ? -14.121 2.244   0.425   1.00 7.43  ? 27  ALA A CB    1 
ATOM   209  N N     . PHE A 1 28  ? -10.701 2.170   1.083   1.00 6.42  ? 28  PHE A N     1 
ATOM   210  C CA    . PHE A 1 28  ? -9.645  1.321   1.647   1.00 5.89  ? 28  PHE A CA    1 
ATOM   211  C C     . PHE A 1 28  ? -8.310  2.060   1.634   1.00 5.88  ? 28  PHE A C     1 
ATOM   212  O O     . PHE A 1 28  ? -8.160  3.102   0.976   1.00 5.98  ? 28  PHE A O     1 
ATOM   213  C CB    . PHE A 1 28  ? -9.526  -0.003  0.857   1.00 6.28  ? 28  PHE A CB    1 
ATOM   214  C CG    . PHE A 1 28  ? -9.465  0.180   -0.627  1.00 6.20  ? 28  PHE A CG    1 
ATOM   215  C CD1   . PHE A 1 28  ? -8.256  0.452   -1.259  1.00 7.79  ? 28  PHE A CD1   1 
ATOM   216  C CD2   . PHE A 1 28  ? -10.630 0.165   -1.385  1.00 6.59  ? 28  PHE A CD2   1 
ATOM   217  C CE1   . PHE A 1 28  ? -8.203  0.719   -2.632  1.00 8.59  ? 28  PHE A CE1   1 
ATOM   218  C CE2   . PHE A 1 28  ? -10.595 0.427   -2.753  1.00 8.04  ? 28  PHE A CE2   1 
ATOM   219  C CZ    . PHE A 1 28  ? -9.373  0.707   -3.378  1.00 8.77  ? 28  PHE A CZ    1 
ATOM   220  N N     . GLY A 1 29  ? -7.358  1.519   2.373   1.00 4.36  ? 29  GLY A N     1 
ATOM   221  C CA    . GLY A 1 29  ? -6.044  2.103   2.448   1.00 3.68  ? 29  GLY A CA    1 
ATOM   222  C C     . GLY A 1 29  ? -5.286  1.897   1.152   1.00 3.59  ? 29  GLY A C     1 
ATOM   223  O O     . GLY A 1 29  ? -5.406  0.853   0.506   1.00 3.73  ? 29  GLY A O     1 
ATOM   224  N N     . ALA A 1 30  ? -4.531  2.914   0.770   1.00 4.10  ? 30  ALA A N     1 
ATOM   225  C CA    . ALA A 1 30  ? -3.744  2.866   -0.455  1.00 4.47  ? 30  ALA A CA    1 
ATOM   226  C C     . ALA A 1 30  ? -2.437  3.581   -0.222  1.00 5.12  ? 30  ALA A C     1 
ATOM   227  O O     . ALA A 1 30  ? -2.394  4.687   0.312   1.00 5.67  ? 30  ALA A O     1 
ATOM   228  C CB    . ALA A 1 30  ? -4.502  3.495   -1.609  1.00 5.45  ? 30  ALA A CB    1 
ATOM   229  N N     . ILE A 1 31  ? -1.361  2.881   -0.547  1.00 4.22  ? 31  ILE A N     1 
ATOM   230  C CA    . ILE A 1 31  ? -0.002  3.393   -0.401  1.00 5.38  ? 31  ILE A CA    1 
ATOM   231  C C     . ILE A 1 31  ? 0.706   3.186   -1.737  1.00 5.32  ? 31  ILE A C     1 
ATOM   232  O O     . ILE A 1 31  ? 0.554   2.129   -2.350  1.00 6.15  ? 31  ILE A O     1 
ATOM   233  C CB    . ILE A 1 31  ? 0.805   2.566   0.645   1.00 5.10  ? 31  ILE A CB    1 
ATOM   234  C CG1   . ILE A 1 31  ? 0.098   2.528   2.002   1.00 6.49  ? 31  ILE A CG1   1 
ATOM   235  C CG2   . ILE A 1 31  ? 2.168   3.152   0.845   1.00 5.60  ? 31  ILE A CG2   1 
ATOM   236  C CD1   . ILE A 1 31  ? 0.758   1.572   2.982   1.00 7.04  ? 31  ILE A CD1   1 
ATOM   237  N N     . GLN A 1 32  ? 1.389   4.205   -2.244  1.00 5.04  ? 32  GLN A N     1 
ATOM   238  C CA    . GLN A 1 32  ? 2.136   4.018   -3.473  1.00 4.86  ? 32  GLN A CA    1 
ATOM   239  C C     . GLN A 1 32  ? 3.604   4.075   -3.092  1.00 4.62  ? 32  GLN A C     1 
ATOM   240  O O     . GLN A 1 32  ? 4.031   4.984   -2.389  1.00 4.76  ? 32  GLN A O     1 
ATOM   241  C CB    . GLN A 1 32  ? 1.810   5.066   -4.536  1.00 7.25  ? 32  GLN A CB    1 
ATOM   242  C CG    . GLN A 1 32  ? 2.352   4.632   -5.884  1.00 10.62 ? 32  GLN A CG    1 
ATOM   243  C CD    . GLN A 1 32  ? 2.125   5.642   -6.988  1.00 13.54 ? 32  GLN A CD    1 
ATOM   244  O OE1   . GLN A 1 32  ? 1.931   5.270   -8.136  1.00 18.66 ? 32  GLN A OE1   1 
ATOM   245  N NE2   . GLN A 1 32  ? 2.178   6.912   -6.656  1.00 14.81 ? 32  GLN A NE2   1 
ATOM   246  N N     . LEU A 1 33  ? 4.357   3.062   -3.522  1.00 5.79  ? 33  LEU A N     1 
ATOM   247  C CA    . LEU A 1 33  ? 5.787   2.916   -3.228  1.00 5.60  ? 33  LEU A CA    1 
ATOM   248  C C     . LEU A 1 33  ? 6.595   2.923   -4.515  1.00 5.68  ? 33  LEU A C     1 
ATOM   249  O O     . LEU A 1 33  ? 6.098   2.516   -5.564  1.00 5.97  ? 33  LEU A O     1 
ATOM   250  C CB    A LEU A 1 33  ? 6.075   1.569   -2.531  0.50 6.22  ? 33  LEU A CB    1 
ATOM   251  C CB    B LEU A 1 33  ? 6.059   1.570   -2.530  0.50 5.88  ? 33  LEU A CB    1 
ATOM   252  C CG    A LEU A 1 33  ? 5.514   1.157   -1.161  0.50 6.04  ? 33  LEU A CG    1 
ATOM   253  C CG    B LEU A 1 33  ? 5.097   1.018   -1.472  0.50 5.44  ? 33  LEU A CG    1 
ATOM   254  C CD1   A LEU A 1 33  ? 5.849   2.179   -0.112  0.50 5.24  ? 33  LEU A CD1   1 
ATOM   255  C CD1   B LEU A 1 33  ? 3.829   0.545   -2.148  0.50 8.35  ? 33  LEU A CD1   1 
ATOM   256  C CD2   A LEU A 1 33  ? 4.030   0.964   -1.254  0.50 8.81  ? 33  LEU A CD2   1 
ATOM   257  C CD2   B LEU A 1 33  ? 5.726   -0.153  -0.760  0.50 3.20  ? 33  LEU A CD2   1 
ATOM   258  N N     . ASP A 1 34  ? 7.844   3.365   -4.431  1.00 5.24  ? 34  ASP A N     1 
ATOM   259  C CA    . ASP A 1 34  ? 8.697   3.271   -5.598  1.00 6.88  ? 34  ASP A CA    1 
ATOM   260  C C     . ASP A 1 34  ? 9.361   1.888   -5.479  1.00 7.48  ? 34  ASP A C     1 
ATOM   261  O O     . ASP A 1 34  ? 9.097   1.152   -4.530  1.00 6.33  ? 34  ASP A O     1 
ATOM   262  C CB    . ASP A 1 34  ? 9.713   4.435   -5.692  1.00 7.05  ? 34  ASP A CB    1 
ATOM   263  C CG    . ASP A 1 34  ? 10.739  4.461   -4.566  1.00 8.38  ? 34  ASP A CG    1 
ATOM   264  O OD1   . ASP A 1 34  ? 10.895  3.495   -3.774  1.00 7.44  ? 34  ASP A OD1   1 
ATOM   265  O OD2   . ASP A 1 34  ? 11.431  5.501   -4.491  1.00 9.55  ? 34  ASP A OD2   1 
ATOM   266  N N     . GLY A 1 35  ? 10.236  1.554   -6.417  1.00 7.83  ? 35  GLY A N     1 
ATOM   267  C CA    . GLY A 1 35  ? 10.911  0.270   -6.411  1.00 8.48  ? 35  GLY A CA    1 
ATOM   268  C C     . GLY A 1 35  ? 11.762  -0.007  -5.194  1.00 9.17  ? 35  GLY A C     1 
ATOM   269  O O     . GLY A 1 35  ? 12.055  -1.156  -4.901  1.00 12.17 ? 35  GLY A O     1 
ATOM   270  N N     . ASP A 1 36  ? 12.173  1.026   -4.482  1.00 9.30  ? 36  ASP A N     1 
ATOM   271  C CA    . ASP A 1 36  ? 12.961  0.825   -3.280  1.00 10.15 ? 36  ASP A CA    1 
ATOM   272  C C     . ASP A 1 36  ? 12.138  0.753   -1.999  1.00 9.58  ? 36  ASP A C     1 
ATOM   273  O O     . ASP A 1 36  ? 12.700  0.587   -0.921  1.00 11.17 ? 36  ASP A O     1 
ATOM   274  C CB    . ASP A 1 36  ? 14.001  1.922   -3.143  1.00 14.00 ? 36  ASP A CB    1 
ATOM   275  C CG    . ASP A 1 36  ? 15.184  1.721   -4.073  1.00 18.26 ? 36  ASP A CG    1 
ATOM   276  O OD1   . ASP A 1 36  ? 15.620  0.561   -4.242  1.00 19.86 ? 36  ASP A OD1   1 
ATOM   277  O OD2   . ASP A 1 36  ? 15.680  2.730   -4.622  1.00 22.31 ? 36  ASP A OD2   1 
ATOM   278  N N     . GLY A 1 37  ? 10.825  0.908   -2.106  1.00 6.49  ? 37  GLY A N     1 
ATOM   279  C CA    . GLY A 1 37  ? 9.994   0.871   -0.920  1.00 6.81  ? 37  GLY A CA    1 
ATOM   280  C C     . GLY A 1 37  ? 9.741   2.238   -0.299  1.00 6.04  ? 37  GLY A C     1 
ATOM   281  O O     . GLY A 1 37  ? 9.220   2.330   0.805   1.00 7.30  ? 37  GLY A O     1 
ATOM   282  N N     . ASN A 1 38  ? 10.112  3.312   -0.994  1.00 6.45  ? 38  ASN A N     1 
ATOM   283  C CA    . ASN A 1 38  ? 9.873   4.663   -0.467  1.00 7.51  ? 38  ASN A CA    1 
ATOM   284  C C     . ASN A 1 38  ? 8.417   5.047   -0.719  1.00 6.00  ? 38  ASN A C     1 
ATOM   285  O O     . ASN A 1 38  ? 7.890   4.782   -1.793  1.00 6.78  ? 38  ASN A O     1 
ATOM   286  C CB    . ASN A 1 38  ? 10.820  5.678   -1.123  1.00 8.39  ? 38  ASN A CB    1 
ATOM   287  C CG    . ASN A 1 38  ? 12.276  5.366   -0.839  1.00 10.71 ? 38  ASN A CG    1 
ATOM   288  O OD1   . ASN A 1 38  ? 12.668  5.180   0.309   1.00 11.01 ? 38  ASN A OD1   1 
ATOM   289  N ND2   . ASN A 1 38  ? 13.078  5.259   -1.894  1.00 12.92 ? 38  ASN A ND2   1 
ATOM   290  N N     . ILE A 1 39  ? 7.787   5.704   0.253   1.00 5.64  ? 39  ILE A N     1 
ATOM   291  C CA    . ILE A 1 39  ? 6.383   6.078   0.149   1.00 5.08  ? 39  ILE A CA    1 
ATOM   292  C C     . ILE A 1 39  ? 6.181   7.354   -0.674  1.00 5.73  ? 39  ILE A C     1 
ATOM   293  O O     . ILE A 1 39  ? 6.712   8.409   -0.337  1.00 6.57  ? 39  ILE A O     1 
ATOM   294  C CB    . ILE A 1 39  ? 5.753   6.260   1.576   1.00 5.38  ? 39  ILE A CB    1 
ATOM   295  C CG1   . ILE A 1 39  ? 5.883   4.958   2.390   1.00 6.63  ? 39  ILE A CG1   1 
ATOM   296  C CG2   . ILE A 1 39  ? 4.306   6.718   1.485   1.00 4.02  ? 39  ILE A CG2   1 
ATOM   297  C CD1   . ILE A 1 39  ? 5.618   5.130   3.897   1.00 5.72  ? 39  ILE A CD1   1 
ATOM   298  N N     . LEU A 1 40  ? 5.410   7.243   -1.748  1.00 5.19  ? 40  LEU A N     1 
ATOM   299  C CA    . LEU A 1 40  ? 5.108   8.362   -2.637  1.00 5.75  ? 40  LEU A CA    1 
ATOM   300  C C     . LEU A 1 40  ? 3.731   8.949   -2.351  1.00 6.25  ? 40  LEU A C     1 
ATOM   301  O O     . LEU A 1 40  ? 3.529   10.162  -2.490  1.00 7.60  ? 40  LEU A O     1 
ATOM   302  C CB    . LEU A 1 40  ? 5.152   7.921   -4.108  1.00 6.40  ? 40  LEU A CB    1 
ATOM   303  C CG    . LEU A 1 40  ? 6.385   7.216   -4.666  1.00 9.83  ? 40  LEU A CG    1 
ATOM   304  C CD1   . LEU A 1 40  ? 6.106   6.823   -6.113  1.00 10.46 ? 40  LEU A CD1   1 
ATOM   305  C CD2   . LEU A 1 40  ? 7.601   8.105   -4.567  1.00 10.10 ? 40  LEU A CD2   1 
ATOM   306  N N     . GLN A 1 41  ? 2.788   8.090   -1.988  1.00 4.90  ? 41  GLN A N     1 
ATOM   307  C CA    . GLN A 1 41  ? 1.423   8.488   -1.687  1.00 5.83  ? 41  GLN A CA    1 
ATOM   308  C C     . GLN A 1 41  ? 0.969   7.626   -0.530  1.00 5.28  ? 41  GLN A C     1 
ATOM   309  O O     . GLN A 1 41  ? 1.410   6.488   -0.413  1.00 5.84  ? 41  GLN A O     1 
ATOM   310  C CB    . GLN A 1 41  ? 0.504   8.267   -2.881  1.00 7.96  ? 41  GLN A CB    1 
ATOM   311  C CG    . GLN A 1 41  ? 0.751   9.260   -3.993  1.00 13.17 ? 41  GLN A CG    1 
ATOM   312  C CD    . GLN A 1 41  ? -0.288  9.177   -5.081  1.00 17.92 ? 41  GLN A CD    1 
ATOM   313  O OE1   . GLN A 1 41  ? -0.399  8.160   -5.781  1.00 20.70 ? 41  GLN A OE1   1 
ATOM   314  N NE2   . GLN A 1 41  ? -1.046  10.256  -5.256  1.00 19.76 ? 41  GLN A NE2   1 
ATOM   315  N N     . TYR A 1 42  ? 0.077   8.158   0.299   1.00 4.70  ? 42  TYR A N     1 
ATOM   316  C CA    . TYR A 1 42  ? -0.404  7.436   1.481   1.00 5.22  ? 42  TYR A CA    1 
ATOM   317  C C     . TYR A 1 42  ? -1.740  8.099   1.785   1.00 5.77  ? 42  TYR A C     1 
ATOM   318  O O     . TYR A 1 42  ? -1.767  9.280   2.144   1.00 6.29  ? 42  TYR A O     1 
ATOM   319  C CB    . TYR A 1 42  ? 0.595   7.663   2.616   1.00 3.96  ? 42  TYR A CB    1 
ATOM   320  C CG    . TYR A 1 42  ? 0.400   6.790   3.826   1.00 4.63  ? 42  TYR A CG    1 
ATOM   321  C CD1   . TYR A 1 42  ? -0.555  7.112   4.789   1.00 4.17  ? 42  TYR A CD1   1 
ATOM   322  C CD2   . TYR A 1 42  ? 1.203   5.664   4.034   1.00 4.59  ? 42  TYR A CD2   1 
ATOM   323  C CE1   . TYR A 1 42  ? -0.697  6.346   5.926   1.00 4.12  ? 42  TYR A CE1   1 
ATOM   324  C CE2   . TYR A 1 42  ? 1.057   4.883   5.188   1.00 3.62  ? 42  TYR A CE2   1 
ATOM   325  C CZ    . TYR A 1 42  ? 0.112   5.237   6.121   1.00 3.77  ? 42  TYR A CZ    1 
ATOM   326  O OH    . TYR A 1 42  ? -0.020  4.514   7.270   1.00 5.91  ? 42  TYR A OH    1 
ATOM   327  N N     . ASN A 1 43  ? -2.844  7.371   1.619   1.00 5.42  ? 43  ASN A N     1 
ATOM   328  C CA    . ASN A 1 43  ? -4.151  7.989   1.808   1.00 4.46  ? 43  ASN A CA    1 
ATOM   329  C C     . ASN A 1 43  ? -4.713  8.042   3.221   1.00 3.96  ? 43  ASN A C     1 
ATOM   330  O O     . ASN A 1 43  ? -4.176  7.437   4.132   1.00 6.05  ? 43  ASN A O     1 
ATOM   331  C CB    . ASN A 1 43  ? -5.177  7.450   0.792   1.00 4.26  ? 43  ASN A CB    1 
ATOM   332  C CG    . ASN A 1 43  ? -5.775  6.111   1.187   1.00 4.41  ? 43  ASN A CG    1 
ATOM   333  O OD1   . ASN A 1 43  ? -5.284  5.451   2.102   1.00 5.04  ? 43  ASN A OD1   1 
ATOM   334  N ND2   . ASN A 1 43  ? -6.836  5.697   0.490   1.00 5.65  ? 43  ASN A ND2   1 
ATOM   335  N N     . ALA A 1 44  ? -5.797  8.793   3.381   1.00 5.74  ? 44  ALA A N     1 
ATOM   336  C CA    . ALA A 1 44  ? -6.443  8.978   4.658   1.00 5.81  ? 44  ALA A CA    1 
ATOM   337  C C     . ALA A 1 44  ? -6.977  7.684   5.273   1.00 6.62  ? 44  ALA A C     1 
ATOM   338  O O     . ALA A 1 44  ? -6.875  7.508   6.495   1.00 7.56  ? 44  ALA A O     1 
ATOM   339  C CB    . ALA A 1 44  ? -7.553  9.999   4.523   1.00 6.32  ? 44  ALA A CB    1 
ATOM   340  N N     . ALA A 1 45  ? -7.569  6.802   4.458   1.00 6.17  ? 45  ALA A N     1 
ATOM   341  C CA    . ALA A 1 45  ? -8.102  5.536   4.968   1.00 5.84  ? 45  ALA A CA    1 
ATOM   342  C C     . ALA A 1 45  ? -6.972  4.692   5.584   1.00 5.79  ? 45  ALA A C     1 
ATOM   343  O O     . ALA A 1 45  ? -7.162  4.035   6.604   1.00 6.67  ? 45  ALA A O     1 
ATOM   344  C CB    . ALA A 1 45  ? -8.817  4.772   3.874   1.00 5.95  ? 45  ALA A CB    1 
ATOM   345  N N     . GLU A 1 46  ? -5.776  4.763   5.007   1.00 4.75  ? 46  GLU A N     1 
ATOM   346  C CA    . GLU A 1 46  ? -4.650  4.007   5.543   1.00 4.52  ? 46  GLU A CA    1 
ATOM   347  C C     . GLU A 1 46  ? -4.278  4.590   6.906   1.00 4.83  ? 46  GLU A C     1 
ATOM   348  O O     . GLU A 1 46  ? -4.035  3.858   7.854   1.00 6.04  ? 46  GLU A O     1 
ATOM   349  C CB    . GLU A 1 46  ? -3.453  4.049   4.596   1.00 4.07  ? 46  GLU A CB    1 
ATOM   350  C CG    . GLU A 1 46  ? -2.295  3.161   5.067   1.00 5.76  ? 46  GLU A CG    1 
ATOM   351  C CD    . GLU A 1 46  ? -2.617  1.675   5.103   1.00 5.60  ? 46  GLU A CD    1 
ATOM   352  O OE1   . GLU A 1 46  ? -3.689  1.253   4.622   1.00 7.60  ? 46  GLU A OE1   1 
ATOM   353  O OE2   . GLU A 1 46  ? -1.770  0.907   5.625   1.00 6.22  ? 46  GLU A OE2   1 
ATOM   354  N N     . GLY A 1 47  ? -4.275  5.917   7.008   1.00 5.21  ? 47  GLY A N     1 
ATOM   355  C CA    . GLY A 1 47  ? -3.956  6.562   8.273   1.00 5.53  ? 47  GLY A CA    1 
ATOM   356  C C     . GLY A 1 47  ? -4.977  6.218   9.342   1.00 5.75  ? 47  GLY A C     1 
ATOM   357  O O     . GLY A 1 47  ? -4.646  6.117   10.515  1.00 7.46  ? 47  GLY A O     1 
ATOM   358  N N     . ASP A 1 48  ? -6.228  6.038   8.946   1.00 7.43  ? 48  ASP A N     1 
ATOM   359  C CA    . ASP A 1 48  ? -7.270  5.696   9.903   1.00 8.85  ? 48  ASP A CA    1 
ATOM   360  C C     . ASP A 1 48  ? -7.032  4.311   10.474  1.00 8.70  ? 48  ASP A C     1 
ATOM   361  O O     . ASP A 1 48  ? -7.289  4.056   11.644  1.00 9.66  ? 48  ASP A O     1 
ATOM   362  C CB    . ASP A 1 48  ? -8.641  5.702   9.237   1.00 12.31 ? 48  ASP A CB    1 
ATOM   363  C CG    . ASP A 1 48  ? -9.219  7.089   9.080   1.00 16.50 ? 48  ASP A CG    1 
ATOM   364  O OD1   . ASP A 1 48  ? -8.601  8.072   9.540   1.00 18.83 ? 48  ASP A OD1   1 
ATOM   365  O OD2   . ASP A 1 48  ? -10.314 7.186   8.487   1.00 20.44 ? 48  ASP A OD2   1 
ATOM   366  N N     . ILE A 1 49  ? -6.574  3.402   9.624   1.00 7.52  ? 49  ILE A N     1 
ATOM   367  C CA    . ILE A 1 49  ? -6.322  2.031   10.046  1.00 7.14  ? 49  ILE A CA    1 
ATOM   368  C C     . ILE A 1 49  ? -5.083  1.887   10.909  1.00 7.20  ? 49  ILE A C     1 
ATOM   369  O O     . ILE A 1 49  ? -5.093  1.160   11.905  1.00 9.39  ? 49  ILE A O     1 
ATOM   370  C CB    . ILE A 1 49  ? -6.139  1.112   8.815   1.00 7.89  ? 49  ILE A CB    1 
ATOM   371  C CG1   . ILE A 1 49  ? -7.432  1.066   7.985   1.00 8.37  ? 49  ILE A CG1   1 
ATOM   372  C CG2   . ILE A 1 49  ? -5.680  -0.281  9.266   1.00 8.25  ? 49  ILE A CG2   1 
ATOM   373  C CD1   . ILE A 1 49  ? -7.275  0.331   6.654   1.00 9.23  ? 49  ILE A CD1   1 
ATOM   374  N N     . THR A 1 50  ? -4.036  2.620   10.560  1.00 5.66  ? 50  THR A N     1 
ATOM   375  C CA    . THR A 1 50  ? -2.754  2.475   11.235  1.00 5.64  ? 50  THR A CA    1 
ATOM   376  C C     . THR A 1 50  ? -2.334  3.509   12.257  1.00 5.52  ? 50  THR A C     1 
ATOM   377  O O     . THR A 1 50  ? -1.420  3.255   13.028  1.00 6.36  ? 50  THR A O     1 
ATOM   378  C CB    . THR A 1 50  ? -1.621  2.371   10.181  1.00 6.73  ? 50  THR A CB    1 
ATOM   379  O OG1   . THR A 1 50  ? -1.473  3.638   9.536   1.00 7.85  ? 50  THR A OG1   1 
ATOM   380  C CG2   . THR A 1 50  ? -1.969  1.323   9.128   1.00 7.69  ? 50  THR A CG2   1 
ATOM   381  N N     . GLY A 1 51  ? -2.969  4.675   12.240  1.00 5.80  ? 51  GLY A N     1 
ATOM   382  C CA    . GLY A 1 51  ? -2.600  5.734   13.165  1.00 5.81  ? 51  GLY A CA    1 
ATOM   383  C C     . GLY A 1 51  ? -1.540  6.689   12.629  1.00 6.65  ? 51  GLY A C     1 
ATOM   384  O O     . GLY A 1 51  ? -1.281  7.737   13.221  1.00 6.98  ? 51  GLY A O     1 
ATOM   385  N N     . ARG A 1 52  ? -0.892  6.325   11.527  1.00 5.73  ? 52  ARG A N     1 
ATOM   386  C CA    . ARG A 1 52  ? 0.140   7.170   10.958  1.00 5.87  ? 52  ARG A CA    1 
ATOM   387  C C     . ARG A 1 52  ? -0.480  8.408   10.315  1.00 6.44  ? 52  ARG A C     1 
ATOM   388  O O     . ARG A 1 52  ? -1.604  8.365   9.821   1.00 7.07  ? 52  ARG A O     1 
ATOM   389  C CB    . ARG A 1 52  ? 0.945   6.398   9.913   1.00 6.69  ? 52  ARG A CB    1 
ATOM   390  C CG    . ARG A 1 52  ? 2.068   5.551   10.496  1.00 6.70  ? 52  ARG A CG    1 
ATOM   391  C CD    . ARG A 1 52  ? 1.553   4.468   11.377  1.00 5.62  ? 52  ARG A CD    1 
ATOM   392  N NE    . ARG A 1 52  ? 2.662   3.665   11.879  1.00 8.32  ? 52  ARG A NE    1 
ATOM   393  C CZ    . ARG A 1 52  ? 2.515   2.546   12.588  1.00 7.91  ? 52  ARG A CZ    1 
ATOM   394  N NH1   . ARG A 1 52  ? 1.308   2.101   12.878  1.00 8.30  ? 52  ARG A NH1   1 
ATOM   395  N NH2   . ARG A 1 52  ? 3.576   1.859   12.989  1.00 8.45  ? 52  ARG A NH2   1 
ATOM   396  N N     . ASP A 1 53  ? 0.242   9.516   10.355  1.00 6.86  ? 53  ASP A N     1 
ATOM   397  C CA    . ASP A 1 53  ? -0.236  10.750  9.757   1.00 9.43  ? 53  ASP A CA    1 
ATOM   398  C C     . ASP A 1 53  ? 0.279   10.690  8.300   1.00 9.55  ? 53  ASP A C     1 
ATOM   399  O O     . ASP A 1 53  ? 1.494   10.696  8.072   1.00 9.82  ? 53  ASP A O     1 
ATOM   400  C CB    . ASP A 1 53  ? 0.357   11.940  10.528  1.00 10.11 ? 53  ASP A CB    1 
ATOM   401  C CG    . ASP A 1 53  ? -0.231  13.267  10.096  1.00 13.49 ? 53  ASP A CG    1 
ATOM   402  O OD1   . ASP A 1 53  ? -0.107  13.611  8.898   1.00 14.37 ? 53  ASP A OD1   1 
ATOM   403  O OD2   . ASP A 1 53  ? -0.796  13.966  10.962  1.00 14.06 ? 53  ASP A OD2   1 
ATOM   404  N N     . PRO A 1 54  ? -0.632  10.715  7.300   1.00 10.86 ? 54  PRO A N     1 
ATOM   405  C CA    . PRO A 1 54  ? -0.216  10.638  5.889   1.00 12.67 ? 54  PRO A CA    1 
ATOM   406  C C     . PRO A 1 54  ? 0.929   11.546  5.427   1.00 14.21 ? 54  PRO A C     1 
ATOM   407  O O     . PRO A 1 54  ? 1.935   11.061  4.905   1.00 15.99 ? 54  PRO A O     1 
ATOM   408  C CB    . PRO A 1 54  ? -1.516  10.903  5.124   1.00 12.22 ? 54  PRO A CB    1 
ATOM   409  C CG    . PRO A 1 54  ? -2.571  10.409  6.062   1.00 12.24 ? 54  PRO A CG    1 
ATOM   410  C CD    . PRO A 1 54  ? -2.091  10.896  7.406   1.00 10.65 ? 54  PRO A CD    1 
ATOM   411  N N     . LYS A 1 55  ? 0.824   12.844  5.687   1.00 15.66 ? 55  LYS A N     1 
ATOM   412  C CA    . LYS A 1 55  ? 1.860   13.779  5.263   1.00 17.45 ? 55  LYS A CA    1 
ATOM   413  C C     . LYS A 1 55  ? 3.220   13.517  5.878   1.00 15.92 ? 55  LYS A C     1 
ATOM   414  O O     . LYS A 1 55  ? 4.246   13.846  5.287   1.00 16.99 ? 55  LYS A O     1 
ATOM   415  C CB    . LYS A 1 55  ? 1.442   15.220  5.580   1.00 20.85 ? 55  LYS A CB    1 
ATOM   416  C CG    . LYS A 1 55  ? 0.211   15.676  4.838   1.00 26.27 ? 55  LYS A CG    1 
ATOM   417  C CD    . LYS A 1 55  ? 0.375   15.488  3.336   1.00 29.54 ? 55  LYS A CD    1 
ATOM   418  C CE    . LYS A 1 55  ? -0.932  15.756  2.595   1.00 32.04 ? 55  LYS A CE    1 
ATOM   419  N NZ    . LYS A 1 55  ? -0.874  15.251  1.187   1.00 34.92 ? 55  LYS A NZ    1 
ATOM   420  N N     . GLN A 1 56  ? 3.226   12.925  7.066   1.00 12.46 ? 56  GLN A N     1 
ATOM   421  C CA    . GLN A 1 56  ? 4.467   12.669  7.755   1.00 12.73 ? 56  GLN A CA    1 
ATOM   422  C C     . GLN A 1 56  ? 5.243   11.453  7.291   1.00 10.96 ? 56  GLN A C     1 
ATOM   423  O O     . GLN A 1 56  ? 6.460   11.394  7.460   1.00 12.98 ? 56  GLN A O     1 
ATOM   424  C CB    . GLN A 1 56  ? 4.225   12.602  9.257   1.00 13.52 ? 56  GLN A CB    1 
ATOM   425  C CG    . GLN A 1 56  ? 3.535   13.846  9.788   1.00 15.38 ? 56  GLN A CG    1 
ATOM   426  C CD    . GLN A 1 56  ? 3.855   14.138  11.246  1.00 18.02 ? 56  GLN A CD    1 
ATOM   427  O OE1   . GLN A 1 56  ? 4.764   13.544  11.831  1.00 20.00 ? 56  GLN A OE1   1 
ATOM   428  N NE2   . GLN A 1 56  ? 3.142   15.089  11.820  1.00 13.89 ? 56  GLN A NE2   1 
ATOM   429  N N     . VAL A 1 57  ? 4.558   10.501  6.682   1.00 9.80  ? 57  VAL A N     1 
ATOM   430  C CA    . VAL A 1 57  ? 5.242   9.289   6.236   1.00 8.11  ? 57  VAL A CA    1 
ATOM   431  C C     . VAL A 1 57  ? 5.711   9.331   4.782   1.00 7.25  ? 57  VAL A C     1 
ATOM   432  O O     . VAL A 1 57  ? 6.541   8.526   4.371   1.00 7.05  ? 57  VAL A O     1 
ATOM   433  C CB    . VAL A 1 57  ? 4.388   8.011   6.489   1.00 8.00  ? 57  VAL A CB    1 
ATOM   434  C CG1   . VAL A 1 57  ? 4.257   7.743   7.985   1.00 9.40  ? 57  VAL A CG1   1 
ATOM   435  C CG2   . VAL A 1 57  ? 3.044   8.143   5.854   1.00 9.21  ? 57  VAL A CG2   1 
ATOM   436  N N     . ILE A 1 58  ? 5.207   10.282  4.006   1.00 6.69  ? 58  ILE A N     1 
ATOM   437  C CA    . ILE A 1 58  ? 5.626   10.384  2.623   1.00 7.17  ? 58  ILE A CA    1 
ATOM   438  C C     . ILE A 1 58  ? 7.120   10.718  2.585   1.00 7.66  ? 58  ILE A C     1 
ATOM   439  O O     . ILE A 1 58  ? 7.599   11.609  3.292   1.00 7.29  ? 58  ILE A O     1 
ATOM   440  C CB    . ILE A 1 58  ? 4.745   11.388  1.841   1.00 8.06  ? 58  ILE A CB    1 
ATOM   441  C CG1   . ILE A 1 58  ? 3.353   10.759  1.689   1.00 8.55  ? 58  ILE A CG1   1 
ATOM   442  C CG2   . ILE A 1 58  ? 5.377   11.717  0.484   1.00 7.04  ? 58  ILE A CG2   1 
ATOM   443  C CD1   . ILE A 1 58  ? 2.371   11.607  1.065   1.00 12.76 ? 58  ILE A CD1   1 
ATOM   444  N N     . GLY A 1 59  ? 7.856   9.932   1.805   1.00 7.57  ? 59  GLY A N     1 
ATOM   445  C CA    . GLY A 1 59  ? 9.285   10.116  1.693   1.00 7.07  ? 59  GLY A CA    1 
ATOM   446  C C     . GLY A 1 59  ? 10.057  9.135   2.567   1.00 7.43  ? 59  GLY A C     1 
ATOM   447  O O     . GLY A 1 59  ? 11.261  8.989   2.407   1.00 8.62  ? 59  GLY A O     1 
ATOM   448  N N     . LYS A 1 60  ? 9.385   8.500   3.527   1.00 7.37  ? 60  LYS A N     1 
ATOM   449  C CA    . LYS A 1 60  ? 10.032  7.511   4.396   1.00 7.88  ? 60  LYS A CA    1 
ATOM   450  C C     . LYS A 1 60  ? 10.055  6.152   3.682   1.00 7.80  ? 60  LYS A C     1 
ATOM   451  O O     . LYS A 1 60  ? 9.294   5.910   2.745   1.00 7.29  ? 60  LYS A O     1 
ATOM   452  C CB    . LYS A 1 60  ? 9.250   7.337   5.703   1.00 9.51  ? 60  LYS A CB    1 
ATOM   453  C CG    . LYS A 1 60  ? 9.023   8.584   6.500   1.00 13.81 ? 60  LYS A CG    1 
ATOM   454  C CD    . LYS A 1 60  ? 10.220  8.961   7.291   1.00 18.94 ? 60  LYS A CD    1 
ATOM   455  C CE    . LYS A 1 60  ? 9.877   10.103  8.236   1.00 23.63 ? 60  LYS A CE    1 
ATOM   456  N NZ    . LYS A 1 60  ? 8.749   9.772   9.181   1.00 24.90 ? 60  LYS A NZ    1 
ATOM   457  N N     . ASN A 1 61  ? 10.960  5.283   4.104   1.00 7.58  ? 61  ASN A N     1 
ATOM   458  C CA    . ASN A 1 61  ? 11.011  3.954   3.535   1.00 6.90  ? 61  ASN A CA    1 
ATOM   459  C C     . ASN A 1 61  ? 10.026  3.072   4.319   1.00 6.43  ? 61  ASN A C     1 
ATOM   460  O O     . ASN A 1 61  ? 10.117  2.953   5.550   1.00 6.87  ? 61  ASN A O     1 
ATOM   461  C CB    . ASN A 1 61  ? 12.418  3.379   3.585   1.00 7.55  ? 61  ASN A CB    1 
ATOM   462  C CG    . ASN A 1 61  ? 12.521  2.108   2.785   1.00 8.60  ? 61  ASN A CG    1 
ATOM   463  O OD1   . ASN A 1 61  ? 12.131  1.031   3.256   1.00 10.36 ? 61  ASN A OD1   1 
ATOM   464  N ND2   . ASN A 1 61  ? 12.925  2.233   1.530   1.00 9.62  ? 61  ASN A ND2   1 
ATOM   465  N N     . PHE A 1 62  ? 9.084   2.469   3.604   1.00 5.63  ? 62  PHE A N     1 
ATOM   466  C CA    . PHE A 1 62  ? 8.059   1.635   4.223   1.00 4.83  ? 62  PHE A CA    1 
ATOM   467  C C     . PHE A 1 62  ? 8.627   0.441   4.985   1.00 5.64  ? 62  PHE A C     1 
ATOM   468  O O     . PHE A 1 62  ? 8.277   0.222   6.140   1.00 6.70  ? 62  PHE A O     1 
ATOM   469  C CB    . PHE A 1 62  ? 7.073   1.156   3.154   1.00 5.63  ? 62  PHE A CB    1 
ATOM   470  C CG    . PHE A 1 62  ? 5.891   0.409   3.687   1.00 5.95  ? 62  PHE A CG    1 
ATOM   471  C CD1   . PHE A 1 62  ? 4.868   1.077   4.353   1.00 6.13  ? 62  PHE A CD1   1 
ATOM   472  C CD2   . PHE A 1 62  ? 5.784   -0.959  3.498   1.00 7.04  ? 62  PHE A CD2   1 
ATOM   473  C CE1   . PHE A 1 62  ? 3.762   0.375   4.815   1.00 6.49  ? 62  PHE A CE1   1 
ATOM   474  C CE2   . PHE A 1 62  ? 4.678   -1.667  3.964   1.00 7.82  ? 62  PHE A CE2   1 
ATOM   475  C CZ    . PHE A 1 62  ? 3.667   -1.001  4.623   1.00 6.33  ? 62  PHE A CZ    1 
ATOM   476  N N     . PHE A 1 63  ? 9.568   -0.275  4.373   1.00 6.70  ? 63  PHE A N     1 
ATOM   477  C CA    . PHE A 1 63  ? 10.109  -1.486  4.984   1.00 6.34  ? 63  PHE A CA    1 
ATOM   478  C C     . PHE A 1 63  ? 11.137  -1.287  6.067   1.00 7.32  ? 63  PHE A C     1 
ATOM   479  O O     . PHE A 1 63  ? 11.227  -2.082  6.991   1.00 8.97  ? 63  PHE A O     1 
ATOM   480  C CB    . PHE A 1 63  ? 10.641  -2.406  3.885   1.00 6.73  ? 63  PHE A CB    1 
ATOM   481  C CG    . PHE A 1 63  ? 9.596   -2.788  2.897   1.00 5.70  ? 63  PHE A CG    1 
ATOM   482  C CD1   . PHE A 1 63  ? 8.561   -3.649  3.268   1.00 6.15  ? 63  PHE A CD1   1 
ATOM   483  C CD2   . PHE A 1 63  ? 9.579   -2.225  1.619   1.00 6.39  ? 63  PHE A CD2   1 
ATOM   484  C CE1   . PHE A 1 63  ? 7.516   -3.945  2.389   1.00 6.82  ? 63  PHE A CE1   1 
ATOM   485  C CE2   . PHE A 1 63  ? 8.533   -2.514  0.727   1.00 6.27  ? 63  PHE A CE2   1 
ATOM   486  C CZ    . PHE A 1 63  ? 7.499   -3.377  1.122   1.00 6.34  ? 63  PHE A CZ    1 
ATOM   487  N N     . LYS A 1 64  ? 11.900  -0.215  5.974   1.00 6.97  ? 64  LYS A N     1 
ATOM   488  C CA    . LYS A 1 64  ? 12.931  0.040   6.950   1.00 9.55  ? 64  LYS A CA    1 
ATOM   489  C C     . LYS A 1 64  ? 12.484  0.917   8.102   1.00 9.90  ? 64  LYS A C     1 
ATOM   490  O O     . LYS A 1 64  ? 12.774  0.613   9.250   1.00 12.41 ? 64  LYS A O     1 
ATOM   491  C CB    . LYS A 1 64  ? 14.121  0.698   6.251   1.00 10.66 ? 64  LYS A CB    1 
ATOM   492  C CG    . LYS A 1 64  ? 15.276  1.093   7.134   1.00 14.12 ? 64  LYS A CG    1 
ATOM   493  C CD    . LYS A 1 64  ? 16.276  1.832   6.264   1.00 17.33 ? 64  LYS A CD    1 
ATOM   494  C CE    . LYS A 1 64  ? 17.569  2.120   6.959   1.00 21.22 ? 64  LYS A CE    1 
ATOM   495  N NZ    . LYS A 1 64  ? 18.451  2.877   6.027   1.00 24.12 ? 64  LYS A NZ    1 
ATOM   496  N N     . ASP A 1 65  ? 11.757  1.984   7.784   1.00 9.85  ? 65  ASP A N     1 
ATOM   497  C CA    . ASP A 1 65  ? 11.337  2.979   8.771   1.00 10.67 ? 65  ASP A CA    1 
ATOM   498  C C     . ASP A 1 65  ? 9.953   2.828   9.378   1.00 9.58  ? 65  ASP A C     1 
ATOM   499  O O     . ASP A 1 65  ? 9.789   2.754   10.591  1.00 10.82 ? 65  ASP A O     1 
ATOM   500  C CB    . ASP A 1 65  ? 11.411  4.396   8.146   1.00 13.66 ? 65  ASP A CB    1 
ATOM   501  C CG    . ASP A 1 65  ? 12.771  4.720   7.516   1.00 16.10 ? 65  ASP A CG    1 
ATOM   502  O OD1   . ASP A 1 65  ? 13.796  4.346   8.109   1.00 17.12 ? 65  ASP A OD1   1 
ATOM   503  O OD2   . ASP A 1 65  ? 12.818  5.386   6.443   1.00 17.18 ? 65  ASP A OD2   1 
ATOM   504  N N     . VAL A 1 66  ? 8.960   2.811   8.508   1.00 8.21  ? 66  VAL A N     1 
ATOM   505  C CA    . VAL A 1 66  ? 7.573   2.794   8.916   1.00 6.90  ? 66  VAL A CA    1 
ATOM   506  C C     . VAL A 1 66  ? 6.958   1.465   9.353   1.00 7.29  ? 66  VAL A C     1 
ATOM   507  O O     . VAL A 1 66  ? 6.243   1.403   10.363  1.00 7.16  ? 66  VAL A O     1 
ATOM   508  C CB    . VAL A 1 66  ? 6.699   3.399   7.763   1.00 8.28  ? 66  VAL A CB    1 
ATOM   509  C CG1   . VAL A 1 66  ? 5.234   3.468   8.146   1.00 8.70  ? 66  VAL A CG1   1 
ATOM   510  C CG2   . VAL A 1 66  ? 7.237   4.757   7.345   1.00 8.23  ? 66  VAL A CG2   1 
ATOM   511  N N     . ALA A 1 67  ? 7.259   0.409   8.618   1.00 5.69  ? 67  ALA A N     1 
ATOM   512  C CA    . ALA A 1 67  ? 6.614   -0.869  8.859   1.00 5.90  ? 67  ALA A CA    1 
ATOM   513  C C     . ALA A 1 67  ? 7.581   -2.018  8.992   1.00 4.56  ? 67  ALA A C     1 
ATOM   514  O O     . ALA A 1 67  ? 7.534   -2.945  8.183   1.00 4.29  ? 67  ALA A O     1 
ATOM   515  C CB    . ALA A 1 67  ? 5.634   -1.148  7.707   1.00 5.59  ? 67  ALA A CB    1 
ATOM   516  N N     . PRO A 1 68  ? 8.400   -2.023  10.060  1.00 5.13  ? 68  PRO A N     1 
ATOM   517  C CA    . PRO A 1 68  ? 9.365   -3.112  10.233  1.00 6.03  ? 68  PRO A CA    1 
ATOM   518  C C     . PRO A 1 68  ? 8.723   -4.488  10.327  1.00 5.44  ? 68  PRO A C     1 
ATOM   519  O O     . PRO A 1 68  ? 9.360   -5.482  9.967   1.00 6.28  ? 68  PRO A O     1 
ATOM   520  C CB    . PRO A 1 68  ? 10.130  -2.716  11.504  1.00 7.20  ? 68  PRO A CB    1 
ATOM   521  C CG    . PRO A 1 68  ? 9.142   -1.920  12.261  1.00 7.64  ? 68  PRO A CG    1 
ATOM   522  C CD    . PRO A 1 68  ? 8.470   -1.086  11.192  1.00 6.74  ? 68  PRO A CD    1 
ATOM   523  N N     . CYS A 1 69  ? 7.467   -4.559  10.767  1.00 4.40  ? 69  CYS A N     1 
ATOM   524  C CA    . CYS A 1 69  ? 6.808   -5.853  10.872  1.00 4.47  ? 69  CYS A CA    1 
ATOM   525  C C     . CYS A 1 69  ? 6.585   -6.498  9.497   1.00 4.88  ? 69  CYS A C     1 
ATOM   526  O O     . CYS A 1 69  ? 6.358   -7.704  9.414   1.00 6.82  ? 69  CYS A O     1 
ATOM   527  C CB    . CYS A 1 69  ? 5.499   -5.768  11.667  1.00 6.44  ? 69  CYS A CB    1 
ATOM   528  S SG    . CYS A 1 69  ? 4.056   -5.135  10.752  1.00 6.69  ? 69  CYS A SG    1 
ATOM   529  N N     . THR A 1 70  ? 6.667   -5.696  8.431   1.00 4.02  ? 70  THR A N     1 
ATOM   530  C CA    . THR A 1 70  ? 6.507   -6.187  7.062   1.00 4.89  ? 70  THR A CA    1 
ATOM   531  C C     . THR A 1 70  ? 7.851   -6.598  6.422   1.00 4.02  ? 70  THR A C     1 
ATOM   532  O O     . THR A 1 70  ? 7.873   -7.104  5.304   1.00 4.42  ? 70  THR A O     1 
ATOM   533  C CB    . THR A 1 70  ? 5.819   -5.157  6.136   1.00 5.36  ? 70  THR A CB    1 
ATOM   534  O OG1   . THR A 1 70  ? 6.716   -4.088  5.853   1.00 5.05  ? 70  THR A OG1   1 
ATOM   535  C CG2   . THR A 1 70  ? 4.517   -4.617  6.791   1.00 5.33  ? 70  THR A CG2   1 
ATOM   536  N N     . ASP A 1 71  ? 8.951   -6.340  7.121   1.00 3.47  ? 71  ASP A N     1 
ATOM   537  C CA    . ASP A 1 71  ? 10.283  -6.710  6.640   1.00 4.47  ? 71  ASP A CA    1 
ATOM   538  C C     . ASP A 1 71  ? 10.467  -8.200  6.959   1.00 4.97  ? 71  ASP A C     1 
ATOM   539  O O     . ASP A 1 71  ? 11.012  -8.569  8.001   1.00 5.27  ? 71  ASP A O     1 
ATOM   540  C CB    . ASP A 1 71  ? 11.344  -5.867  7.351   1.00 5.73  ? 71  ASP A CB    1 
ATOM   541  C CG    . ASP A 1 71  ? 12.759  -6.154  6.854   1.00 6.98  ? 71  ASP A CG    1 
ATOM   542  O OD1   . ASP A 1 71  ? 12.930  -7.027  5.990   1.00 7.90  ? 71  ASP A OD1   1 
ATOM   543  O OD2   . ASP A 1 71  ? 13.699  -5.507  7.347   1.00 9.19  ? 71  ASP A OD2   1 
ATOM   544  N N     . SER A 1 72  ? 9.975   -9.032  6.051   1.00 6.02  ? 72  SER A N     1 
ATOM   545  C CA    . SER A 1 72  ? 9.998   -10.477 6.197   1.00 7.33  ? 72  SER A CA    1 
ATOM   546  C C     . SER A 1 72  ? 9.800   -11.092 4.810   1.00 7.59  ? 72  SER A C     1 
ATOM   547  O O     . SER A 1 72  ? 9.377   -10.410 3.876   1.00 7.63  ? 72  SER A O     1 
ATOM   548  C CB    . SER A 1 72  ? 8.829   -10.931 7.105   1.00 8.48  ? 72  SER A CB    1 
ATOM   549  O OG    . SER A 1 72  ? 7.572   -10.888 6.437   1.00 11.30 ? 72  SER A OG    1 
ATOM   550  N N     . PRO A 1 73  ? 10.083  -12.396 4.659   1.00 7.96  ? 73  PRO A N     1 
ATOM   551  C CA    . PRO A 1 73  ? 9.892   -12.996 3.342   1.00 7.78  ? 73  PRO A CA    1 
ATOM   552  C C     . PRO A 1 73  ? 8.423   -12.947 2.898   1.00 8.97  ? 73  PRO A C     1 
ATOM   553  O O     . PRO A 1 73  ? 8.152   -12.867 1.697   1.00 9.29  ? 73  PRO A O     1 
ATOM   554  C CB    . PRO A 1 73  ? 10.364  -14.444 3.553   1.00 8.36  ? 73  PRO A CB    1 
ATOM   555  C CG    . PRO A 1 73  ? 11.410  -14.312 4.603   1.00 8.65  ? 73  PRO A CG    1 
ATOM   556  C CD    . PRO A 1 73  ? 10.767  -13.331 5.573   1.00 8.14  ? 73  PRO A CD    1 
ATOM   557  N N     . GLU A 1 74  ? 7.494   -12.929 3.862   1.00 9.11  ? 74  GLU A N     1 
ATOM   558  C CA    . GLU A 1 74  ? 6.065   -12.936 3.547   1.00 10.70 ? 74  GLU A CA    1 
ATOM   559  C C     . GLU A 1 74  ? 5.427   -11.658 3.041   1.00 10.14 ? 74  GLU A C     1 
ATOM   560  O O     . GLU A 1 74  ? 4.282   -11.683 2.561   1.00 10.71 ? 74  GLU A O     1 
ATOM   561  C CB    A GLU A 1 74  ? 5.267   -13.368 4.776   0.50 13.14 ? 74  GLU A CB    1 
ATOM   562  C CB    B GLU A 1 74  ? 5.240   -13.560 4.673   0.50 12.46 ? 74  GLU A CB    1 
ATOM   563  C CG    A GLU A 1 74  ? 5.497   -14.788 5.230   0.50 17.43 ? 74  GLU A CG    1 
ATOM   564  C CG    B GLU A 1 74  ? 5.210   -15.093 4.609   0.50 15.25 ? 74  GLU A CG    1 
ATOM   565  C CD    A GLU A 1 74  ? 4.253   -15.374 5.863   0.50 20.09 ? 74  GLU A CD    1 
ATOM   566  C CD    B GLU A 1 74  ? 4.646   -15.631 3.290   0.50 16.92 ? 74  GLU A CD    1 
ATOM   567  O OE1   A GLU A 1 74  ? 3.424   -15.930 5.108   0.50 22.06 ? 74  GLU A OE1   1 
ATOM   568  O OE1   B GLU A 1 74  ? 3.400   -15.632 3.130   0.50 17.55 ? 74  GLU A OE1   1 
ATOM   569  O OE2   A GLU A 1 74  ? 4.098   -15.264 7.103   0.50 22.56 ? 74  GLU A OE2   1 
ATOM   570  O OE2   B GLU A 1 74  ? 5.449   -16.058 2.418   0.50 17.60 ? 74  GLU A OE2   1 
ATOM   571  N N     . PHE A 1 75  ? 6.127   -10.540 3.180   1.00 7.48  ? 75  PHE A N     1 
ATOM   572  C CA    . PHE A 1 75  ? 5.578   -9.279  2.720   1.00 5.89  ? 75  PHE A CA    1 
ATOM   573  C C     . PHE A 1 75  ? 6.671   -8.619  1.871   1.00 4.85  ? 75  PHE A C     1 
ATOM   574  O O     . PHE A 1 75  ? 6.595   -8.653  0.639   1.00 5.29  ? 75  PHE A O     1 
ATOM   575  C CB    . PHE A 1 75  ? 5.124   -8.444  3.942   1.00 5.80  ? 75  PHE A CB    1 
ATOM   576  C CG    . PHE A 1 75  ? 4.203   -7.273  3.605   1.00 6.72  ? 75  PHE A CG    1 
ATOM   577  C CD1   . PHE A 1 75  ? 4.544   -6.342  2.622   1.00 6.94  ? 75  PHE A CD1   1 
ATOM   578  C CD2   . PHE A 1 75  ? 3.030   -7.080  4.313   1.00 5.88  ? 75  PHE A CD2   1 
ATOM   579  C CE1   . PHE A 1 75  ? 3.743   -5.241  2.353   1.00 7.17  ? 75  PHE A CE1   1 
ATOM   580  C CE2   . PHE A 1 75  ? 2.209   -5.978  4.060   1.00 6.61  ? 75  PHE A CE2   1 
ATOM   581  C CZ    . PHE A 1 75  ? 2.566   -5.055  3.076   1.00 8.20  ? 75  PHE A CZ    1 
ATOM   582  N N     . TYR A 1 76  ? 7.713   -8.088  2.507   1.00 4.64  ? 76  TYR A N     1 
ATOM   583  C CA    . TYR A 1 76  ? 8.817   -7.448  1.779   1.00 4.27  ? 76  TYR A CA    1 
ATOM   584  C C     . TYR A 1 76  ? 9.437   -8.397  0.742   1.00 5.50  ? 76  TYR A C     1 
ATOM   585  O O     . TYR A 1 76  ? 9.760   -7.979  -0.357  1.00 6.44  ? 76  TYR A O     1 
ATOM   586  C CB    . TYR A 1 76  ? 9.865   -6.991  2.778   1.00 5.73  ? 76  TYR A CB    1 
ATOM   587  C CG    . TYR A 1 76  ? 11.059  -6.241  2.236   1.00 6.38  ? 76  TYR A CG    1 
ATOM   588  C CD1   . TYR A 1 76  ? 11.004  -5.528  1.043   1.00 7.94  ? 76  TYR A CD1   1 
ATOM   589  C CD2   . TYR A 1 76  ? 12.237  -6.216  2.967   1.00 9.00  ? 76  TYR A CD2   1 
ATOM   590  C CE1   . TYR A 1 76  ? 12.110  -4.803  0.593   1.00 10.07 ? 76  TYR A CE1   1 
ATOM   591  C CE2   . TYR A 1 76  ? 13.346  -5.504  2.541   1.00 10.41 ? 76  TYR A CE2   1 
ATOM   592  C CZ    . TYR A 1 76  ? 13.281  -4.802  1.360   1.00 11.67 ? 76  TYR A CZ    1 
ATOM   593  O OH    . TYR A 1 76  ? 14.411  -4.109  0.987   1.00 13.55 ? 76  TYR A OH    1 
ATOM   594  N N     . GLY A 1 77  ? 9.571   -9.674  1.086   1.00 6.48  ? 77  GLY A N     1 
ATOM   595  C CA    . GLY A 1 77  ? 10.115  -10.648 0.152   1.00 6.71  ? 77  GLY A CA    1 
ATOM   596  C C     . GLY A 1 77  ? 9.291   -10.758 -1.123  1.00 7.44  ? 77  GLY A C     1 
ATOM   597  O O     . GLY A 1 77  ? 9.862   -10.877 -2.217  1.00 9.20  ? 77  GLY A O     1 
ATOM   598  N N     . LYS A 1 78  ? 7.965   -10.680 -1.013  1.00 7.27  ? 78  LYS A N     1 
ATOM   599  C CA    . LYS A 1 78  ? 7.092   -10.742 -2.183  1.00 7.24  ? 78  LYS A CA    1 
ATOM   600  C C     . LYS A 1 78  ? 7.205   -9.460  -2.989  1.00 7.12  ? 78  LYS A C     1 
ATOM   601  O O     . LYS A 1 78  ? 7.163   -9.482  -4.216  1.00 7.57  ? 78  LYS A O     1 
ATOM   602  C CB    . LYS A 1 78  ? 5.635   -10.956 -1.770  1.00 9.14  ? 78  LYS A CB    1 
ATOM   603  C CG    . LYS A 1 78  ? 5.358   -12.369 -1.276  1.00 12.28 ? 78  LYS A CG    1 
ATOM   604  C CD    . LYS A 1 78  ? 4.003   -12.470 -0.592  1.00 14.28 ? 78  LYS A CD    1 
ATOM   605  C CE    . LYS A 1 78  ? 3.844   -13.817 0.061   1.00 16.01 ? 78  LYS A CE    1 
ATOM   606  N NZ    . LYS A 1 78  ? 2.832   -13.731 1.131   1.00 18.86 ? 78  LYS A NZ    1 
ATOM   607  N N     . PHE A 1 79  ? 7.322   -8.337  -2.290  1.00 6.97  ? 79  PHE A N     1 
ATOM   608  C CA    . PHE A 1 79  ? 7.461   -7.044  -2.938  1.00 7.07  ? 79  PHE A CA    1 
ATOM   609  C C     . PHE A 1 79  ? 8.746   -6.984  -3.744  1.00 7.38  ? 79  PHE A C     1 
ATOM   610  O O     . PHE A 1 79  ? 8.723   -6.631  -4.911  1.00 7.79  ? 79  PHE A O     1 
ATOM   611  C CB    . PHE A 1 79  ? 7.479   -5.937  -1.890  1.00 7.12  ? 79  PHE A CB    1 
ATOM   612  C CG    . PHE A 1 79  ? 7.680   -4.567  -2.463  1.00 7.41  ? 79  PHE A CG    1 
ATOM   613  C CD1   . PHE A 1 79  ? 6.617   -3.872  -3.034  1.00 8.44  ? 79  PHE A CD1   1 
ATOM   614  C CD2   . PHE A 1 79  ? 8.933   -3.971  -2.432  1.00 8.33  ? 79  PHE A CD2   1 
ATOM   615  C CE1   . PHE A 1 79  ? 6.813   -2.609  -3.566  1.00 8.70  ? 79  PHE A CE1   1 
ATOM   616  C CE2   . PHE A 1 79  ? 9.130   -2.701  -2.965  1.00 8.43  ? 79  PHE A CE2   1 
ATOM   617  C CZ    . PHE A 1 79  ? 8.064   -2.031  -3.527  1.00 8.14  ? 79  PHE A CZ    1 
ATOM   618  N N     . LYS A 1 80  ? 9.866   -7.362  -3.141  1.00 8.92  ? 80  LYS A N     1 
ATOM   619  C CA    . LYS A 1 80  ? 11.146  -7.316  -3.854  1.00 11.24 ? 80  LYS A CA    1 
ATOM   620  C C     . LYS A 1 80  ? 11.234  -8.303  -5.024  1.00 11.65 ? 80  LYS A C     1 
ATOM   621  O O     . LYS A 1 80  ? 11.905  -7.994  -6.020  1.00 10.82 ? 80  LYS A O     1 
ATOM   622  C CB    . LYS A 1 80  ? 12.337  -7.448  -2.895  1.00 14.05 ? 80  LYS A CB    1 
ATOM   623  C CG    . LYS A 1 80  ? 12.559  -8.809  -2.327  1.00 15.86 ? 80  LYS A CG    1 
ATOM   624  C CD    . LYS A 1 80  ? 13.754  -9.479  -2.990  1.00 19.88 ? 80  LYS A CD    1 
ATOM   625  C CE    . LYS A 1 80  ? 14.000  -10.856 -2.391  1.00 21.23 ? 80  LYS A CE    1 
ATOM   626  N NZ    . LYS A 1 80  ? 15.038  -11.625 -3.139  1.00 23.26 ? 80  LYS A NZ    1 
ATOM   627  N N     . GLU A 1 81  ? 10.544  -9.447  -4.930  1.00 11.19 ? 81  GLU A N     1 
ATOM   628  C CA    . GLU A 1 81  ? 10.525  -10.433 -6.018  1.00 13.05 ? 81  GLU A CA    1 
ATOM   629  C C     . GLU A 1 81  ? 9.756   -9.800  -7.171  1.00 13.17 ? 81  GLU A C     1 
ATOM   630  O O     . GLU A 1 81  ? 10.164  -9.909  -8.324  1.00 14.66 ? 81  GLU A O     1 
ATOM   631  C CB    . GLU A 1 81  ? 9.822   -11.748 -5.616  1.00 17.48 ? 81  GLU A CB    1 
ATOM   632  C CG    . GLU A 1 81  ? 10.706  -12.793 -4.913  1.00 25.03 ? 81  GLU A CG    1 
ATOM   633  C CD    . GLU A 1 81  ? 10.028  -14.178 -4.743  1.00 28.71 ? 81  GLU A CD    1 
ATOM   634  O OE1   . GLU A 1 81  ? 9.362   -14.419 -3.693  1.00 30.75 ? 81  GLU A OE1   1 
ATOM   635  O OE2   . GLU A 1 81  ? 10.193  -15.042 -5.652  1.00 31.80 ? 81  GLU A OE2   1 
ATOM   636  N N     . GLY A 1 82  ? 8.661   -9.106  -6.857  1.00 11.19 ? 82  GLY A N     1 
ATOM   637  C CA    . GLY A 1 82  ? 7.851   -8.449  -7.875  1.00 12.09 ? 82  GLY A CA    1 
ATOM   638  C C     . GLY A 1 82  ? 8.533   -7.276  -8.576  1.00 12.26 ? 82  GLY A C     1 
ATOM   639  O O     . GLY A 1 82  ? 8.405   -7.104  -9.788  1.00 13.22 ? 82  GLY A O     1 
ATOM   640  N N     . VAL A 1 83  ? 9.244   -6.450  -7.825  1.00 11.05 ? 83  VAL A N     1 
ATOM   641  C CA    . VAL A 1 83  ? 9.943   -5.311  -8.407  1.00 12.03 ? 83  VAL A CA    1 
ATOM   642  C C     . VAL A 1 83  ? 11.016  -5.795  -9.387  1.00 12.15 ? 83  VAL A C     1 
ATOM   643  O O     . VAL A 1 83  ? 11.144  -5.268  -10.477 1.00 12.94 ? 83  VAL A O     1 
ATOM   644  C CB    . VAL A 1 83  ? 10.622  -4.421  -7.302  1.00 12.49 ? 83  VAL A CB    1 
ATOM   645  C CG1   . VAL A 1 83  ? 11.465  -3.312  -7.952  1.00 13.96 ? 83  VAL A CG1   1 
ATOM   646  C CG2   . VAL A 1 83  ? 9.558   -3.811  -6.335  1.00 11.35 ? 83  VAL A CG2   1 
ATOM   647  N N     . ALA A 1 84  ? 11.760  -6.822  -8.995  1.00 12.39 ? 84  ALA A N     1 
ATOM   648  C CA    . ALA A 1 84  ? 12.840  -7.349  -9.807  1.00 12.33 ? 84  ALA A CA    1 
ATOM   649  C C     . ALA A 1 84  ? 12.326  -7.973  -11.076 1.00 13.85 ? 84  ALA A C     1 
ATOM   650  O O     . ALA A 1 84  ? 12.972  -7.880  -12.123 1.00 15.44 ? 84  ALA A O     1 
ATOM   651  C CB    . ALA A 1 84  ? 13.622  -8.337  -9.021  1.00 12.25 ? 84  ALA A CB    1 
ATOM   652  N N     . SER A 1 85  ? 11.169  -8.613  -10.980 1.00 14.24 ? 85  SER A N     1 
ATOM   653  C CA    . SER A 1 85  ? 10.522  -9.267  -12.116 1.00 17.36 ? 85  SER A CA    1 
ATOM   654  C C     . SER A 1 85  ? 9.761   -8.312  -13.040 1.00 18.54 ? 85  SER A C     1 
ATOM   655  O O     . SER A 1 85  ? 9.468   -8.661  -14.175 1.00 19.49 ? 85  SER A O     1 
ATOM   656  C CB    . SER A 1 85  ? 9.523   -10.321 -11.619 1.00 18.25 ? 85  SER A CB    1 
ATOM   657  O OG    . SER A 1 85  ? 10.160  -11.357 -10.887 1.00 22.37 ? 85  SER A OG    1 
ATOM   658  N N     . GLY A 1 86  ? 9.380   -7.141  -12.528 1.00 18.80 ? 86  GLY A N     1 
ATOM   659  C CA    . GLY A 1 86  ? 8.625   -6.185  -13.322 1.00 18.65 ? 86  GLY A CA    1 
ATOM   660  C C     . GLY A 1 86  ? 7.141   -6.513  -13.361 1.00 18.58 ? 86  GLY A C     1 
ATOM   661  O O     . GLY A 1 86  ? 6.401   -6.006  -14.210 1.00 19.72 ? 86  GLY A O     1 
ATOM   662  N N     . ASN A 1 87  ? 6.699   -7.390  -12.464 1.00 17.97 ? 87  ASN A N     1 
ATOM   663  C CA    . ASN A 1 87  ? 5.286   -7.782  -12.390 1.00 16.20 ? 87  ASN A CA    1 
ATOM   664  C C     . ASN A 1 87  ? 4.958   -8.172  -10.945 1.00 14.18 ? 87  ASN A C     1 
ATOM   665  O O     . ASN A 1 87  ? 5.752   -8.851  -10.279 1.00 12.88 ? 87  ASN A O     1 
ATOM   666  C CB    A ASN A 1 87  ? 5.002   -8.965  -13.327 0.50 18.34 ? 87  ASN A CB    1 
ATOM   667  C CB    B ASN A 1 87  ? 4.966   -8.930  -13.360 0.50 17.72 ? 87  ASN A CB    1 
ATOM   668  C CG    A ASN A 1 87  ? 3.630   -9.599  -13.091 0.50 20.70 ? 87  ASN A CG    1 
ATOM   669  C CG    B ASN A 1 87  ? 5.856   -10.156 -13.159 0.50 19.72 ? 87  ASN A CG    1 
ATOM   670  O OD1   A ASN A 1 87  ? 2.627   -9.187  -13.683 0.50 22.20 ? 87  ASN A OD1   1 
ATOM   671  O OD1   B ASN A 1 87  ? 5.454   -11.137 -12.524 0.50 20.15 ? 87  ASN A OD1   1 
ATOM   672  N ND2   A ASN A 1 87  ? 3.586   -10.617 -12.228 0.50 22.57 ? 87  ASN A ND2   1 
ATOM   673  N ND2   B ASN A 1 87  ? 7.052   -10.125 -13.752 0.50 21.16 ? 87  ASN A ND2   1 
ATOM   674  N N     . LEU A 1 88  ? 3.795   -7.739  -10.469 1.00 10.55 ? 88  LEU A N     1 
ATOM   675  C CA    . LEU A 1 88  ? 3.373   -8.023  -9.096  1.00 9.71  ? 88  LEU A CA    1 
ATOM   676  C C     . LEU A 1 88  ? 1.867   -7.884  -8.970  1.00 8.43  ? 88  LEU A C     1 
ATOM   677  O O     . LEU A 1 88  ? 1.293   -6.874  -9.365  1.00 7.96  ? 88  LEU A O     1 
ATOM   678  C CB    . LEU A 1 88  ? 4.055   -7.050  -8.115  1.00 10.01 ? 88  LEU A CB    1 
ATOM   679  C CG    . LEU A 1 88  ? 3.677   -7.086  -6.625  1.00 11.58 ? 88  LEU A CG    1 
ATOM   680  C CD1   . LEU A 1 88  ? 4.165   -8.394  -5.979  1.00 12.06 ? 88  LEU A CD1   1 
ATOM   681  C CD2   . LEU A 1 88  ? 4.266   -5.869  -5.935  1.00 11.13 ? 88  LEU A CD2   1 
ATOM   682  N N     . ASN A 1 89  ? 1.239   -8.921  -8.421  1.00 7.60  ? 89  ASN A N     1 
ATOM   683  C CA    . ASN A 1 89  ? -0.200  -8.956  -8.197  1.00 7.08  ? 89  ASN A CA    1 
ATOM   684  C C     . ASN A 1 89  ? -0.459  -10.078 -7.192  1.00 7.97  ? 89  ASN A C     1 
ATOM   685  O O     . ASN A 1 89  ? -0.535  -11.251 -7.564  1.00 7.65  ? 89  ASN A O     1 
ATOM   686  C CB    A ASN A 1 89  ? -0.990  -9.207  -9.481  0.50 5.80  ? 89  ASN A CB    1 
ATOM   687  C CB    B ASN A 1 89  ? -0.904  -9.265  -9.529  0.50 10.51 ? 89  ASN A CB    1 
ATOM   688  C CG    A ASN A 1 89  ? -2.492  -9.133  -9.257  0.50 4.49  ? 89  ASN A CG    1 
ATOM   689  C CG    B ASN A 1 89  ? -0.077  -10.192 -10.435 0.50 13.81 ? 89  ASN A CG    1 
ATOM   690  O OD1   A ASN A 1 89  ? -2.955  -8.727  -8.193  0.50 3.50  ? 89  ASN A OD1   1 
ATOM   691  O OD1   B ASN A 1 89  ? 0.636   -9.728  -11.344 0.50 16.97 ? 89  ASN A OD1   1 
ATOM   692  N ND2   A ASN A 1 89  ? -3.258  -9.502  -10.273 0.50 6.13  ? 89  ASN A ND2   1 
ATOM   693  N ND2   B ASN A 1 89  ? -0.160  -11.502 -10.187 0.50 16.15 ? 89  ASN A ND2   1 
ATOM   694  N N     . THR A 1 90  ? -0.532  -9.725  -5.916  1.00 6.84  ? 90  THR A N     1 
ATOM   695  C CA    . THR A 1 90  ? -0.746  -10.728 -4.888  1.00 6.98  ? 90  THR A CA    1 
ATOM   696  C C     . THR A 1 90  ? -1.603  -10.182 -3.757  1.00 6.84  ? 90  THR A C     1 
ATOM   697  O O     . THR A 1 90  ? -1.557  -8.989  -3.454  1.00 7.05  ? 90  THR A O     1 
ATOM   698  C CB    . THR A 1 90  ? 0.599   -11.274 -4.358  1.00 7.16  ? 90  THR A CB    1 
ATOM   699  O OG1   . THR A 1 90  ? 0.348   -12.395 -3.503  1.00 8.82  ? 90  THR A OG1   1 
ATOM   700  C CG2   . THR A 1 90  ? 1.363   -10.198 -3.608  1.00 6.60  ? 90  THR A CG2   1 
ATOM   701  N N     . MET A 1 91  ? -2.401  -11.059 -3.163  1.00 5.55  ? 91  MET A N     1 
ATOM   702  C CA    . MET A 1 91  ? -3.287  -10.684 -2.084  1.00 6.82  ? 91  MET A CA    1 
ATOM   703  C C     . MET A 1 91  ? -3.102  -11.699 -0.949  1.00 6.29  ? 91  MET A C     1 
ATOM   704  O O     . MET A 1 91  ? -3.049  -12.902 -1.193  1.00 7.00  ? 91  MET A O     1 
ATOM   705  C CB    . MET A 1 91  ? -4.722  -10.712 -2.605  1.00 9.54  ? 91  MET A CB    1 
ATOM   706  C CG    . MET A 1 91  ? -5.697  -9.883  -1.828  1.00 15.45 ? 91  MET A CG    1 
ATOM   707  S SD    . MET A 1 91  ? -7.348  -10.069 -2.563  1.00 19.46 ? 91  MET A SD    1 
ATOM   708  C CE    . MET A 1 91  ? -7.134  -9.196  -4.049  1.00 17.93 ? 91  MET A CE    1 
ATOM   709  N N     . PHE A 1 92  ? -2.992  -11.207 0.281   1.00 5.02  ? 92  PHE A N     1 
ATOM   710  C CA    . PHE A 1 92  ? -2.801  -12.074 1.442   1.00 5.83  ? 92  PHE A CA    1 
ATOM   711  C C     . PHE A 1 92  ? -3.197  -11.342 2.720   1.00 6.21  ? 92  PHE A C     1 
ATOM   712  O O     . PHE A 1 92  ? -3.272  -10.122 2.744   1.00 6.92  ? 92  PHE A O     1 
ATOM   713  C CB    . PHE A 1 92  ? -1.322  -12.507 1.534   1.00 6.91  ? 92  PHE A CB    1 
ATOM   714  C CG    . PHE A 1 92  ? -0.346  -11.350 1.512   1.00 7.06  ? 92  PHE A CG    1 
ATOM   715  C CD1   . PHE A 1 92  ? 0.096   -10.803 0.297   1.00 6.76  ? 92  PHE A CD1   1 
ATOM   716  C CD2   . PHE A 1 92  ? 0.111   -10.784 2.702   1.00 7.43  ? 92  PHE A CD2   1 
ATOM   717  C CE1   . PHE A 1 92  ? 0.968   -9.714  0.272   1.00 6.75  ? 92  PHE A CE1   1 
ATOM   718  C CE2   . PHE A 1 92  ? 0.984   -9.702  2.679   1.00 7.08  ? 92  PHE A CE2   1 
ATOM   719  C CZ    . PHE A 1 92  ? 1.413   -9.166  1.469   1.00 6.97  ? 92  PHE A CZ    1 
ATOM   720  N N     . GLU A 1 93  ? -3.480  -12.088 3.778   1.00 6.16  ? 93  GLU A N     1 
ATOM   721  C CA    . GLU A 1 93  ? -3.810  -11.480 5.063   1.00 6.28  ? 93  GLU A CA    1 
ATOM   722  C C     . GLU A 1 93  ? -2.508  -11.290 5.831   1.00 5.99  ? 93  GLU A C     1 
ATOM   723  O O     . GLU A 1 93  ? -1.555  -12.063 5.646   1.00 7.00  ? 93  GLU A O     1 
ATOM   724  C CB    . GLU A 1 93  ? -4.793  -12.345 5.848   1.00 7.67  ? 93  GLU A CB    1 
ATOM   725  C CG    . GLU A 1 93  ? -6.172  -12.365 5.209   1.00 12.58 ? 93  GLU A CG    1 
ATOM   726  C CD    . GLU A 1 93  ? -7.241  -13.081 6.053   1.00 15.60 ? 93  GLU A CD    1 
ATOM   727  O OE1   . GLU A 1 93  ? -6.903  -13.794 7.032   1.00 17.74 ? 93  GLU A OE1   1 
ATOM   728  O OE2   . GLU A 1 93  ? -8.429  -12.926 5.709   1.00 18.35 ? 93  GLU A OE2   1 
ATOM   729  N N     . TYR A 1 94  ? -2.461  -10.267 6.682   1.00 5.54  ? 94  TYR A N     1 
ATOM   730  C CA    . TYR A 1 94  ? -1.268  -9.962  7.465   1.00 5.64  ? 94  TYR A CA    1 
ATOM   731  C C     . TYR A 1 94  ? -1.660  -9.266  8.752   1.00 5.80  ? 94  TYR A C     1 
ATOM   732  O O     . TYR A 1 94  ? -2.776  -8.753  8.859   1.00 5.95  ? 94  TYR A O     1 
ATOM   733  C CB    . TYR A 1 94  ? -0.349  -9.017  6.675   1.00 5.55  ? 94  TYR A CB    1 
ATOM   734  C CG    . TYR A 1 94  ? 1.098   -9.158  7.033   1.00 5.74  ? 94  TYR A CG    1 
ATOM   735  C CD1   . TYR A 1 94  ? 1.838   -10.239 6.565   1.00 7.36  ? 94  TYR A CD1   1 
ATOM   736  C CD2   . TYR A 1 94  ? 1.745   -8.208  7.822   1.00 7.39  ? 94  TYR A CD2   1 
ATOM   737  C CE1   . TYR A 1 94  ? 3.182   -10.373 6.861   1.00 7.72  ? 94  TYR A CE1   1 
ATOM   738  C CE2   . TYR A 1 94  ? 3.101   -8.333  8.135   1.00 7.01  ? 94  TYR A CE2   1 
ATOM   739  C CZ    . TYR A 1 94  ? 3.818   -9.420  7.651   1.00 7.73  ? 94  TYR A CZ    1 
ATOM   740  O OH    . TYR A 1 94  ? 5.169   -9.575  7.919   1.00 9.12  ? 94  TYR A OH    1 
ATOM   741  N N     . THR A 1 95  ? -0.775  -9.273  9.742   1.00 4.70  ? 95  THR A N     1 
ATOM   742  C CA    . THR A 1 95  ? -1.084  -8.568  10.982  1.00 6.04  ? 95  THR A CA    1 
ATOM   743  C C     . THR A 1 95  ? -0.107  -7.409  11.191  1.00 5.16  ? 95  THR A C     1 
ATOM   744  O O     . THR A 1 95  ? 1.105   -7.595  11.104  1.00 6.73  ? 95  THR A O     1 
ATOM   745  C CB    . THR A 1 95  ? -1.112  -9.510  12.235  1.00 6.71  ? 95  THR A CB    1 
ATOM   746  O OG1   . THR A 1 95  ? -2.174  -10.463 12.107  1.00 8.04  ? 95  THR A OG1   1 
ATOM   747  C CG2   . THR A 1 95  ? -1.378  -8.694  13.484  1.00 7.19  ? 95  THR A CG2   1 
ATOM   748  N N     . PHE A 1 96  ? -0.636  -6.191  11.298  1.00 3.81  ? 96  PHE A N     1 
ATOM   749  C CA    . PHE A 1 96  ? 0.198   -5.020  11.548  1.00 4.60  ? 96  PHE A CA    1 
ATOM   750  C C     . PHE A 1 96  ? 0.263   -4.858  13.055  1.00 4.16  ? 96  PHE A C     1 
ATOM   751  O O     . PHE A 1 96  ? -0.760  -4.677  13.692  1.00 5.24  ? 96  PHE A O     1 
ATOM   752  C CB    . PHE A 1 96  ? -0.390  -3.751  10.894  1.00 4.49  ? 96  PHE A CB    1 
ATOM   753  C CG    . PHE A 1 96  ? -0.395  -3.770  9.363   1.00 6.45  ? 96  PHE A CG    1 
ATOM   754  C CD1   . PHE A 1 96  ? 0.443   -4.629  8.635   1.00 5.67  ? 96  PHE A CD1   1 
ATOM   755  C CD2   . PHE A 1 96  ? -1.216  -2.892  8.649   1.00 5.38  ? 96  PHE A CD2   1 
ATOM   756  C CE1   . PHE A 1 96  ? 0.454   -4.603  7.223   1.00 5.72  ? 96  PHE A CE1   1 
ATOM   757  C CE2   . PHE A 1 96  ? -1.199  -2.870  7.232   1.00 6.53  ? 96  PHE A CE2   1 
ATOM   758  C CZ    . PHE A 1 96  ? -0.364  -3.722  6.525   1.00 5.87  ? 96  PHE A CZ    1 
ATOM   759  N N     . ASP A 1 97  ? 1.468   -4.838  13.613  1.00 5.21  ? 97  ASP A N     1 
ATOM   760  C CA    . ASP A 1 97  ? 1.595   -4.764  15.056  1.00 6.46  ? 97  ASP A CA    1 
ATOM   761  C C     . ASP A 1 97  ? 2.721   -3.907  15.601  1.00 6.93  ? 97  ASP A C     1 
ATOM   762  O O     . ASP A 1 97  ? 3.106   -4.080  16.755  1.00 9.72  ? 97  ASP A O     1 
ATOM   763  C CB    . ASP A 1 97  ? 1.704   -6.192  15.640  1.00 8.76  ? 97  ASP A CB    1 
ATOM   764  C CG    . ASP A 1 97  ? 2.929   -6.967  15.118  1.00 10.70 ? 97  ASP A CG    1 
ATOM   765  O OD1   . ASP A 1 97  ? 3.747   -6.371  14.395  1.00 10.71 ? 97  ASP A OD1   1 
ATOM   766  O OD2   . ASP A 1 97  ? 3.075   -8.170  15.447  1.00 12.85 ? 97  ASP A OD2   1 
ATOM   767  N N     . TYR A 1 98  ? 3.264   -3.008  14.799  1.00 5.87  ? 98  TYR A N     1 
ATOM   768  C CA    . TYR A 1 98  ? 4.348   -2.171  15.293  1.00 6.56  ? 98  TYR A CA    1 
ATOM   769  C C     . TYR A 1 98  ? 3.835   -0.852  15.886  1.00 7.77  ? 98  TYR A C     1 
ATOM   770  O O     . TYR A 1 98  ? 3.239   -0.048  15.179  1.00 8.82  ? 98  TYR A O     1 
ATOM   771  C CB    . TYR A 1 98  ? 5.347   -1.884  14.165  1.00 7.67  ? 98  TYR A CB    1 
ATOM   772  C CG    . TYR A 1 98  ? 6.539   -1.055  14.573  1.00 6.80  ? 98  TYR A CG    1 
ATOM   773  C CD1   . TYR A 1 98  ? 7.422   -1.507  15.555  1.00 7.67  ? 98  TYR A CD1   1 
ATOM   774  C CD2   . TYR A 1 98  ? 6.801   0.163   13.957  1.00 7.79  ? 98  TYR A CD2   1 
ATOM   775  C CE1   . TYR A 1 98  ? 8.541   -0.766  15.909  1.00 8.32  ? 98  TYR A CE1   1 
ATOM   776  C CE2   . TYR A 1 98  ? 7.914   0.916   14.303  1.00 8.37  ? 98  TYR A CE2   1 
ATOM   777  C CZ    . TYR A 1 98  ? 8.782   0.447   15.278  1.00 9.64  ? 98  TYR A CZ    1 
ATOM   778  O OH    . TYR A 1 98  ? 9.895   1.185   15.609  1.00 12.66 ? 98  TYR A OH    1 
ATOM   779  N N     . GLN A 1 99  ? 4.050   -0.648  17.178  1.00 9.18  ? 99  GLN A N     1 
ATOM   780  C CA    . GLN A 1 99  ? 3.628   0.586   17.853  1.00 10.45 ? 99  GLN A CA    1 
ATOM   781  C C     . GLN A 1 99  ? 2.138   0.839   17.707  1.00 10.08 ? 99  GLN A C     1 
ATOM   782  O O     . GLN A 1 99  ? 1.698   1.996   17.642  1.00 10.78 ? 99  GLN A O     1 
ATOM   783  C CB    . GLN A 1 99  ? 4.396   1.795   17.296  1.00 13.07 ? 99  GLN A CB    1 
ATOM   784  C CG    . GLN A 1 99  ? 5.906   1.726   17.510  1.00 17.10 ? 99  GLN A CG    1 
ATOM   785  C CD    . GLN A 1 99  ? 6.642   3.016   17.127  1.00 19.14 ? 99  GLN A CD    1 
ATOM   786  O OE1   . GLN A 1 99  ? 7.746   3.269   17.619  1.00 21.97 ? 99  GLN A OE1   1 
ATOM   787  N NE2   . GLN A 1 99  ? 6.048   3.822   16.245  1.00 20.14 ? 99  GLN A NE2   1 
ATOM   788  N N     . MET A 1 100 ? 1.367   -0.243  17.672  1.00 8.31  ? 100 MET A N     1 
ATOM   789  C CA    . MET A 1 100 ? -0.075  -0.153  17.512  1.00 8.51  ? 100 MET A CA    1 
ATOM   790  C C     . MET A 1 100 ? -0.721  -1.444  18.012  1.00 8.52  ? 100 MET A C     1 
ATOM   791  O O     . MET A 1 100 ? -0.045  -2.460  18.251  1.00 8.54  ? 100 MET A O     1 
ATOM   792  C CB    . MET A 1 100 ? -0.400  0.033   16.032  1.00 8.90  ? 100 MET A CB    1 
ATOM   793  C CG    . MET A 1 100 ? -0.104  -1.223  15.222  1.00 9.41  ? 100 MET A CG    1 
ATOM   794  S SD    . MET A 1 100 ? 0.105   -0.969  13.469  1.00 11.72 ? 100 MET A SD    1 
ATOM   795  C CE    . MET A 1 100 ? -1.438  -0.803  12.960  1.00 11.31 ? 100 MET A CE    1 
ATOM   796  N N     . THR A 1 101 ? -2.029  -1.390  18.200  1.00 8.66  ? 101 THR A N     1 
ATOM   797  C CA    . THR A 1 101 ? -2.766  -2.571  18.617  1.00 9.84  ? 101 THR A CA    1 
ATOM   798  C C     . THR A 1 101 ? -2.701  -3.532  17.424  1.00 8.46  ? 101 THR A C     1 
ATOM   799  O O     . THR A 1 101 ? -2.939  -3.115  16.294  1.00 9.23  ? 101 THR A O     1 
ATOM   800  C CB    . THR A 1 101 ? -4.233  -2.181  18.940  1.00 11.62 ? 101 THR A CB    1 
ATOM   801  O OG1   . THR A 1 101 ? -4.229  -1.284  20.053  1.00 14.69 ? 101 THR A OG1   1 
ATOM   802  C CG2   . THR A 1 101 ? -5.084  -3.396  19.269  1.00 13.75 ? 101 THR A CG2   1 
ATOM   803  N N     . PRO A 1 102 ? -2.346  -4.812  17.652  1.00 8.96  ? 102 PRO A N     1 
ATOM   804  C CA    . PRO A 1 102 ? -2.270  -5.764  16.538  1.00 8.32  ? 102 PRO A CA    1 
ATOM   805  C C     . PRO A 1 102 ? -3.565  -5.728  15.760  1.00 8.81  ? 102 PRO A C     1 
ATOM   806  O O     . PRO A 1 102 ? -4.637  -5.933  16.336  1.00 10.95 ? 102 PRO A O     1 
ATOM   807  C CB    . PRO A 1 102 ? -2.080  -7.095  17.258  1.00 9.07  ? 102 PRO A CB    1 
ATOM   808  C CG    . PRO A 1 102 ? -1.254  -6.710  18.445  1.00 9.04  ? 102 PRO A CG    1 
ATOM   809  C CD    . PRO A 1 102 ? -1.980  -5.472  18.918  1.00 8.97  ? 102 PRO A CD    1 
ATOM   810  N N     . THR A 1 103 ? -3.465  -5.438  14.467  1.00 7.96  ? 103 THR A N     1 
ATOM   811  C CA    . THR A 1 103 ? -4.622  -5.327  13.590  1.00 8.51  ? 103 THR A CA    1 
ATOM   812  C C     . THR A 1 103 ? -4.515  -6.261  12.364  1.00 8.20  ? 103 THR A C     1 
ATOM   813  O O     . THR A 1 103 ? -3.556  -6.169  11.576  1.00 6.96  ? 103 THR A O     1 
ATOM   814  C CB    . THR A 1 103 ? -4.778  -3.842  13.081  1.00 10.80 ? 103 THR A CB    1 
ATOM   815  O OG1   . THR A 1 103 ? -4.822  -2.936  14.198  1.00 12.27 ? 103 THR A OG1   1 
ATOM   816  C CG2   . THR A 1 103 ? -6.067  -3.681  12.266  1.00 11.48 ? 103 THR A CG2   1 
ATOM   817  N N     . LYS A 1 104 ? -5.493  -7.149  12.206  1.00 7.64  ? 104 LYS A N     1 
ATOM   818  C CA    . LYS A 1 104 ? -5.519  -8.061  11.059  1.00 9.61  ? 104 LYS A CA    1 
ATOM   819  C C     . LYS A 1 104 ? -6.073  -7.339  9.789   1.00 7.63  ? 104 LYS A C     1 
ATOM   820  O O     . LYS A 1 104 ? -7.124  -6.687  9.817   1.00 6.93  ? 104 LYS A O     1 
ATOM   821  C CB    . LYS A 1 104 ? -6.337  -9.319  11.407  1.00 12.57 ? 104 LYS A CB    1 
ATOM   822  C CG    . LYS A 1 104 ? -5.636  -10.658 11.089  1.00 20.09 ? 104 LYS A CG    1 
ATOM   823  C CD    . LYS A 1 104 ? -6.529  -11.903 11.425  1.00 24.50 ? 104 LYS A CD    1 
ATOM   824  C CE    . LYS A 1 104 ? -6.535  -12.339 12.930  1.00 27.26 ? 104 LYS A CE    1 
ATOM   825  N NZ    . LYS A 1 104 ? -7.517  -13.478 13.214  1.00 28.89 ? 104 LYS A NZ    1 
ATOM   826  N N     . VAL A 1 105 ? -5.347  -7.436  8.679   1.00 5.38  ? 105 VAL A N     1 
ATOM   827  C CA    . VAL A 1 105 ? -5.757  -6.780  7.441   1.00 4.76  ? 105 VAL A CA    1 
ATOM   828  C C     . VAL A 1 105 ? -5.576  -7.692  6.234   1.00 4.70  ? 105 VAL A C     1 
ATOM   829  O O     . VAL A 1 105 ? -4.936  -8.732  6.328   1.00 5.27  ? 105 VAL A O     1 
ATOM   830  C CB    . VAL A 1 105 ? -4.869  -5.525  7.130   1.00 4.25  ? 105 VAL A CB    1 
ATOM   831  C CG1   . VAL A 1 105 ? -5.035  -4.444  8.204   1.00 4.21  ? 105 VAL A CG1   1 
ATOM   832  C CG2   . VAL A 1 105 ? -3.415  -5.928  7.012   1.00 4.70  ? 105 VAL A CG2   1 
ATOM   833  N N     . LYS A 1 106 ? -6.234  -7.330  5.143   1.00 3.83  ? 106 LYS A N     1 
ATOM   834  C CA    . LYS A 1 106 ? -6.076  -8.023  3.875   1.00 4.78  ? 106 LYS A CA    1 
ATOM   835  C C     . LYS A 1 106 ? -5.250  -7.028  3.047   1.00 4.79  ? 106 LYS A C     1 
ATOM   836  O O     . LYS A 1 106 ? -5.543  -5.825  3.024   1.00 5.28  ? 106 LYS A O     1 
ATOM   837  C CB    . LYS A 1 106 ? -7.426  -8.297  3.221   1.00 5.83  ? 106 LYS A CB    1 
ATOM   838  C CG    . LYS A 1 106 ? -7.321  -9.157  1.983   1.00 10.77 ? 106 LYS A CG    1 
ATOM   839  C CD    . LYS A 1 106 ? -8.679  -9.739  1.621   1.00 15.71 ? 106 LYS A CD    1 
ATOM   840  C CE    . LYS A 1 106 ? -8.639  -10.319 0.232   1.00 18.86 ? 106 LYS A CE    1 
ATOM   841  N NZ    . LYS A 1 106 ? -9.858  -11.101 -0.134  1.00 22.21 ? 106 LYS A NZ    1 
ATOM   842  N N     . VAL A 1 107 ? -4.162  -7.511  2.466   1.00 4.34  ? 107 VAL A N     1 
ATOM   843  C CA    . VAL A 1 107 ? -3.263  -6.681  1.682   1.00 5.06  ? 107 VAL A CA    1 
ATOM   844  C C     . VAL A 1 107 ? -3.270  -7.111  0.222   1.00 4.97  ? 107 VAL A C     1 
ATOM   845  O O     . VAL A 1 107 ? -3.264  -8.300  -0.072  1.00 5.76  ? 107 VAL A O     1 
ATOM   846  C CB    . VAL A 1 107 ? -1.804  -6.807  2.203   1.00 5.46  ? 107 VAL A CB    1 
ATOM   847  C CG1   . VAL A 1 107 ? -0.832  -5.955  1.355   1.00 5.84  ? 107 VAL A CG1   1 
ATOM   848  C CG2   . VAL A 1 107 ? -1.728  -6.411  3.637   1.00 6.33  ? 107 VAL A CG2   1 
ATOM   849  N N     . HIS A 1 108 ? -3.339  -6.139  -0.678  1.00 3.93  ? 108 HIS A N     1 
ATOM   850  C CA    . HIS A 1 108 ? -3.272  -6.431  -2.091  1.00 4.47  ? 108 HIS A CA    1 
ATOM   851  C C     . HIS A 1 108 ? -2.124  -5.579  -2.649  1.00 4.25  ? 108 HIS A C     1 
ATOM   852  O O     . HIS A 1 108 ? -2.137  -4.358  -2.502  1.00 5.90  ? 108 HIS A O     1 
ATOM   853  C CB    . HIS A 1 108 ? -4.599  -6.088  -2.764  1.00 4.99  ? 108 HIS A CB    1 
ATOM   854  C CG    . HIS A 1 108 ? -4.611  -6.321  -4.242  1.00 6.35  ? 108 HIS A CG    1 
ATOM   855  N ND1   . HIS A 1 108 ? -5.473  -5.661  -5.086  1.00 7.86  ? 108 HIS A ND1   1 
ATOM   856  C CD2   . HIS A 1 108 ? -3.876  -7.148  -5.026  1.00 7.85  ? 108 HIS A CD2   1 
ATOM   857  C CE1   . HIS A 1 108 ? -5.275  -6.068  -6.325  1.00 8.31  ? 108 HIS A CE1   1 
ATOM   858  N NE2   . HIS A 1 108 ? -4.310  -6.971  -6.319  1.00 8.95  ? 108 HIS A NE2   1 
ATOM   859  N N     . MET A 1 109 ? -1.075  -6.228  -3.161  1.00 4.02  ? 109 MET A N     1 
ATOM   860  C CA    . MET A 1 109 ? 0.051   -5.512  -3.771  1.00 5.90  ? 109 MET A CA    1 
ATOM   861  C C     . MET A 1 109 ? -0.018  -5.667  -5.287  1.00 5.89  ? 109 MET A C     1 
ATOM   862  O O     . MET A 1 109 ? -0.176  -6.786  -5.801  1.00 6.61  ? 109 MET A O     1 
ATOM   863  C CB    . MET A 1 109 ? 1.403   -6.026  -3.277  1.00 8.15  ? 109 MET A CB    1 
ATOM   864  C CG    . MET A 1 109 ? 1.671   -5.691  -1.835  1.00 11.52 ? 109 MET A CG    1 
ATOM   865  S SD    . MET A 1 109 ? 3.386   -5.897  -1.389  1.00 16.72 ? 109 MET A SD    1 
ATOM   866  C CE    . MET A 1 109 ? 3.537   -7.561  -1.511  1.00 10.37 ? 109 MET A CE    1 
ATOM   867  N N     . LYS A 1 110 ? 0.079   -4.546  -5.997  1.00 5.68  ? 110 LYS A N     1 
ATOM   868  C CA    . LYS A 1 110 ? -0.010  -4.590  -7.442  1.00 7.19  ? 110 LYS A CA    1 
ATOM   869  C C     . LYS A 1 110 ? 0.839   -3.525  -8.098  1.00 7.07  ? 110 LYS A C     1 
ATOM   870  O O     . LYS A 1 110 ? 0.882   -2.393  -7.632  1.00 7.16  ? 110 LYS A O     1 
ATOM   871  C CB    . LYS A 1 110 ? -1.449  -4.410  -7.887  1.00 7.64  ? 110 LYS A CB    1 
ATOM   872  C CG    . LYS A 1 110 ? -1.615  -4.869  -9.306  1.00 10.53 ? 110 LYS A CG    1 
ATOM   873  C CD    . LYS A 1 110 ? -3.039  -4.945  -9.725  1.00 10.69 ? 110 LYS A CD    1 
ATOM   874  C CE    . LYS A 1 110 ? -3.138  -5.612  -11.071 1.00 10.36 ? 110 LYS A CE    1 
ATOM   875  N NZ    . LYS A 1 110 ? -4.552  -5.676  -11.483 1.00 11.01 ? 110 LYS A NZ    1 
ATOM   876  N N     . LYS A 1 111 ? 1.512   -3.900  -9.183  1.00 7.55  ? 111 LYS A N     1 
ATOM   877  C CA    . LYS A 1 111 ? 2.353   -2.969  -9.914  1.00 7.43  ? 111 LYS A CA    1 
ATOM   878  C C     . LYS A 1 111 ? 1.462   -1.881  -10.502 1.00 9.09  ? 111 LYS A C     1 
ATOM   879  O O     . LYS A 1 111 ? 0.369   -2.160  -11.004 1.00 9.58  ? 111 LYS A O     1 
ATOM   880  C CB    . LYS A 1 111 ? 3.096   -3.691  -11.033 1.00 10.99 ? 111 LYS A CB    1 
ATOM   881  C CG    . LYS A 1 111 ? 4.068   -2.809  -11.800 1.00 13.53 ? 111 LYS A CG    1 
ATOM   882  C CD    . LYS A 1 111 ? 4.564   -3.562  -13.011 1.00 18.63 ? 111 LYS A CD    1 
ATOM   883  C CE    . LYS A 1 111 ? 5.156   -2.634  -14.059 1.00 20.25 ? 111 LYS A CE    1 
ATOM   884  N NZ    . LYS A 1 111 ? 6.353   -1.948  -13.532 1.00 21.47 ? 111 LYS A NZ    1 
ATOM   885  N N     . ALA A 1 112 ? 1.890   -0.633  -10.385 1.00 9.05  ? 112 ALA A N     1 
ATOM   886  C CA    . ALA A 1 112 ? 1.102   0.474   -10.930 1.00 11.46 ? 112 ALA A CA    1 
ATOM   887  C C     . ALA A 1 112 ? 1.236   0.509   -12.459 1.00 13.85 ? 112 ALA A C     1 
ATOM   888  O O     . ALA A 1 112 ? 2.072   -0.195  -13.043 1.00 13.00 ? 112 ALA A O     1 
ATOM   889  C CB    . ALA A 1 112 ? 1.558   1.809   -10.319 1.00 11.99 ? 112 ALA A CB    1 
ATOM   890  N N     . LEU A 1 113 ? 0.382   1.298   -13.104 1.00 17.22 ? 113 LEU A N     1 
ATOM   891  C CA    . LEU A 1 113 ? 0.417   1.440   -14.559 1.00 21.72 ? 113 LEU A CA    1 
ATOM   892  C C     . LEU A 1 113 ? 1.732   2.177   -14.919 1.00 24.05 ? 113 LEU A C     1 
ATOM   893  O O     . LEU A 1 113 ? 2.365   1.906   -15.953 1.00 25.16 ? 113 LEU A O     1 
ATOM   894  C CB    . LEU A 1 113 ? -0.817  2.231   -15.020 1.00 21.71 ? 113 LEU A CB    1 
ATOM   895  C CG    . LEU A 1 113 ? -1.528  1.726   -16.268 1.00 21.88 ? 113 LEU A CG    1 
ATOM   896  C CD1   . LEU A 1 113 ? -2.897  2.303   -16.327 1.00 22.83 ? 113 LEU A CD1   1 
ATOM   897  C CD2   . LEU A 1 113 ? -0.763  2.090   -17.495 1.00 23.74 ? 113 LEU A CD2   1 
ATOM   898  N N     . SER A 1 114 ? 2.121   3.093   -14.028 1.00 26.30 ? 114 SER A N     1 
ATOM   899  C CA    . SER A 1 114 ? 3.341   3.891   -14.138 1.00 28.13 ? 114 SER A CA    1 
ATOM   900  C C     . SER A 1 114 ? 4.564   2.961   -14.095 1.00 27.96 ? 114 SER A C     1 
ATOM   901  O O     . SER A 1 114 ? 4.477   1.819   -13.636 1.00 30.01 ? 114 SER A O     1 
ATOM   902  C CB    . SER A 1 114 ? 3.386   4.916   -12.989 1.00 28.39 ? 114 SER A CB    1 
ATOM   903  O OG    . SER A 1 114 ? 4.552   5.720   -13.028 1.00 31.95 ? 114 SER A OG    1 
ATOM   904  N N     . GLY A 1 115 ? 5.711   3.470   -14.530 1.00 27.65 ? 115 GLY A N     1 
ATOM   905  C CA    . GLY A 1 115 ? 6.918   2.667   -14.572 1.00 25.53 ? 115 GLY A CA    1 
ATOM   906  C C     . GLY A 1 115 ? 7.465   1.999   -13.322 1.00 24.51 ? 115 GLY A C     1 
ATOM   907  O O     . GLY A 1 115 ? 7.417   0.772   -13.189 1.00 26.27 ? 115 GLY A O     1 
ATOM   908  N N     . ASP A 1 116 ? 8.063   2.782   -12.435 1.00 21.99 ? 116 ASP A N     1 
ATOM   909  C CA    . ASP A 1 116 ? 8.659   2.214   -11.229 1.00 20.23 ? 116 ASP A CA    1 
ATOM   910  C C     . ASP A 1 116 ? 7.858   2.536   -9.972  1.00 17.65 ? 116 ASP A C     1 
ATOM   911  O O     . ASP A 1 116 ? 8.355   3.186   -9.048  1.00 19.27 ? 116 ASP A O     1 
ATOM   912  C CB    A ASP A 1 116 ? 10.149  2.551   -11.098 0.50 21.41 ? 116 ASP A CB    1 
ATOM   913  C CB    B ASP A 1 116 ? 10.099  2.777   -11.101 0.50 20.43 ? 116 ASP A CB    1 
ATOM   914  C CG    A ASP A 1 116 ? 11.053  1.358   -11.463 0.50 22.19 ? 116 ASP A CG    1 
ATOM   915  C CG    B ASP A 1 116 ? 10.894  2.199   -9.912  0.50 20.96 ? 116 ASP A CG    1 
ATOM   916  O OD1   A ASP A 1 116 ? 10.847  0.242   -10.913 0.50 22.97 ? 116 ASP A OD1   1 
ATOM   917  O OD1   B ASP A 1 116 ? 11.248  0.993   -9.939  0.50 22.20 ? 116 ASP A OD1   1 
ATOM   918  O OD2   A ASP A 1 116 ? 11.971  1.533   -12.298 0.50 23.05 ? 116 ASP A OD2   1 
ATOM   919  O OD2   B ASP A 1 116 ? 11.210  2.973   -8.973  0.50 19.61 ? 116 ASP A OD2   1 
ATOM   920  N N     . SER A 1 117 ? 6.592   2.119   -9.965  1.00 14.26 ? 117 SER A N     1 
ATOM   921  C CA    . SER A 1 117 ? 5.741   2.355   -8.809  1.00 12.47 ? 117 SER A CA    1 
ATOM   922  C C     . SER A 1 117 ? 4.837   1.145   -8.548  1.00 9.68  ? 117 SER A C     1 
ATOM   923  O O     . SER A 1 117 ? 4.501   0.381   -9.453  1.00 7.89  ? 117 SER A O     1 
ATOM   924  C CB    . SER A 1 117 ? 4.963   3.671   -8.940  1.00 14.65 ? 117 SER A CB    1 
ATOM   925  O OG    . SER A 1 117 ? 4.064   3.635   -10.016 1.00 19.15 ? 117 SER A OG    1 
ATOM   926  N N     . TYR A 1 118 ? 4.534   0.919   -7.277  1.00 6.74  ? 118 TYR A N     1 
ATOM   927  C CA    . TYR A 1 118 ? 3.752   -0.233  -6.873  1.00 6.90  ? 118 TYR A CA    1 
ATOM   928  C C     . TYR A 1 118 ? 2.751   0.179   -5.838  1.00 6.31  ? 118 TYR A C     1 
ATOM   929  O O     . TYR A 1 118 ? 3.038   1.007   -4.982  1.00 7.89  ? 118 TYR A O     1 
ATOM   930  C CB    . TYR A 1 118 ? 4.685   -1.298  -6.275  1.00 7.89  ? 118 TYR A CB    1 
ATOM   931  C CG    . TYR A 1 118 ? 5.810   -1.654  -7.203  1.00 8.71  ? 118 TYR A CG    1 
ATOM   932  C CD1   . TYR A 1 118 ? 6.906   -0.806  -7.340  1.00 10.54 ? 118 TYR A CD1   1 
ATOM   933  C CD2   . TYR A 1 118 ? 5.724   -2.756  -8.037  1.00 11.00 ? 118 TYR A CD2   1 
ATOM   934  C CE1   . TYR A 1 118 ? 7.887   -1.031  -8.310  1.00 11.94 ? 118 TYR A CE1   1 
ATOM   935  C CE2   . TYR A 1 118 ? 6.707   -2.992  -9.009  1.00 12.38 ? 118 TYR A CE2   1 
ATOM   936  C CZ    . TYR A 1 118 ? 7.772   -2.109  -9.130  1.00 12.01 ? 118 TYR A CZ    1 
ATOM   937  O OH    . TYR A 1 118 ? 8.719   -2.267  -10.123 1.00 19.22 ? 118 TYR A OH    1 
ATOM   938  N N     . TRP A 1 119 ? 1.584   -0.430  -5.894  1.00 5.39  ? 119 TRP A N     1 
ATOM   939  C CA    . TRP A 1 119 ? 0.552   -0.103  -4.938  1.00 5.48  ? 119 TRP A CA    1 
ATOM   940  C C     . TRP A 1 119 ? 0.448   -1.144  -3.831  1.00 4.09  ? 119 TRP A C     1 
ATOM   941  O O     . TRP A 1 119 ? 0.679   -2.323  -4.077  1.00 5.24  ? 119 TRP A O     1 
ATOM   942  C CB    . TRP A 1 119 ? -0.807  -0.068  -5.641  1.00 7.02  ? 119 TRP A CB    1 
ATOM   943  C CG    . TRP A 1 119 ? -1.047  1.057   -6.591  1.00 8.09  ? 119 TRP A CG    1 
ATOM   944  C CD1   . TRP A 1 119 ? -1.070  0.989   -7.961  1.00 9.88  ? 119 TRP A CD1   1 
ATOM   945  C CD2   . TRP A 1 119 ? -1.363  2.400   -6.249  1.00 8.79  ? 119 TRP A CD2   1 
ATOM   946  N NE1   . TRP A 1 119 ? -1.386  2.219   -8.490  1.00 10.02 ? 119 TRP A NE1   1 
ATOM   947  C CE2   . TRP A 1 119 ? -1.573  3.104   -7.462  1.00 9.71  ? 119 TRP A CE2   1 
ATOM   948  C CE3   . TRP A 1 119 ? -1.501  3.081   -5.036  1.00 8.80  ? 119 TRP A CE3   1 
ATOM   949  C CZ2   . TRP A 1 119 ? -1.905  4.454   -7.491  1.00 9.89  ? 119 TRP A CZ2   1 
ATOM   950  C CZ3   . TRP A 1 119 ? -1.841  4.435   -5.067  1.00 10.72 ? 119 TRP A CZ3   1 
ATOM   951  C CH2   . TRP A 1 119 ? -2.038  5.100   -6.292  1.00 10.14 ? 119 TRP A CH2   1 
ATOM   952  N N     . VAL A 1 120 ? 0.099   -0.686  -2.629  1.00 4.08  ? 120 VAL A N     1 
ATOM   953  C CA    . VAL A 1 120 ? -0.191  -1.573  -1.500  1.00 4.47  ? 120 VAL A CA    1 
ATOM   954  C C     . VAL A 1 120 ? -1.564  -1.103  -1.033  1.00 4.60  ? 120 VAL A C     1 
ATOM   955  O O     . VAL A 1 120 ? -1.726  0.049   -0.637  1.00 5.73  ? 120 VAL A O     1 
ATOM   956  C CB    . VAL A 1 120 ? 0.787   -1.465  -0.327  1.00 4.68  ? 120 VAL A CB    1 
ATOM   957  C CG1   . VAL A 1 120 ? 0.314   -2.340  0.795   1.00 5.49  ? 120 VAL A CG1   1 
ATOM   958  C CG2   . VAL A 1 120 ? 2.156   -1.920  -0.741  1.00 7.77  ? 120 VAL A CG2   1 
ATOM   959  N N     . PHE A 1 121 ? -2.562  -1.966  -1.155  1.00 4.92  ? 121 PHE A N     1 
ATOM   960  C CA    . PHE A 1 121 ? -3.934  -1.657  -0.745  1.00 4.19  ? 121 PHE A CA    1 
ATOM   961  C C     . PHE A 1 121 ? -4.213  -2.452  0.512   1.00 4.15  ? 121 PHE A C     1 
ATOM   962  O O     . PHE A 1 121 ? -3.827  -3.607  0.616   1.00 3.97  ? 121 PHE A O     1 
ATOM   963  C CB    . PHE A 1 121 ? -4.933  -2.024  -1.842  1.00 4.15  ? 121 PHE A CB    1 
ATOM   964  C CG    . PHE A 1 121 ? -4.651  -1.352  -3.150  1.00 3.94  ? 121 PHE A CG    1 
ATOM   965  C CD1   . PHE A 1 121 ? -4.674  0.035   -3.249  1.00 5.49  ? 121 PHE A CD1   1 
ATOM   966  C CD2   . PHE A 1 121 ? -4.352  -2.102  -4.277  1.00 5.22  ? 121 PHE A CD2   1 
ATOM   967  C CE1   . PHE A 1 121 ? -4.396  0.667   -4.474  1.00 6.52  ? 121 PHE A CE1   1 
ATOM   968  C CE2   . PHE A 1 121 ? -4.078  -1.484  -5.495  1.00 5.28  ? 121 PHE A CE2   1 
ATOM   969  C CZ    . PHE A 1 121 ? -4.102  -0.096  -5.589  1.00 5.78  ? 121 PHE A CZ    1 
ATOM   970  N N     . VAL A 1 122 ? -4.957  -1.862  1.427   1.00 3.70  ? 122 VAL A N     1 
ATOM   971  C CA    . VAL A 1 122 ? -5.211  -2.497  2.712   1.00 3.96  ? 122 VAL A CA    1 
ATOM   972  C C     . VAL A 1 122 ? -6.645  -2.293  3.183   1.00 3.63  ? 122 VAL A C     1 
ATOM   973  O O     . VAL A 1 122 ? -7.200  -1.217  3.019   1.00 5.12  ? 122 VAL A O     1 
ATOM   974  C CB    . VAL A 1 122 ? -4.302  -1.834  3.812   1.00 5.07  ? 122 VAL A CB    1 
ATOM   975  C CG1   . VAL A 1 122 ? -4.568  -2.435  5.181   1.00 4.50  ? 122 VAL A CG1   1 
ATOM   976  C CG2   . VAL A 1 122 ? -2.820  -1.932  3.442   1.00 6.22  ? 122 VAL A CG2   1 
ATOM   977  N N     . LYS A 1 123 ? -7.258  -3.345  3.708   1.00 4.67  ? 123 LYS A N     1 
ATOM   978  C CA    . LYS A 1 123 ? -8.587  -3.211  4.299   1.00 4.96  ? 123 LYS A CA    1 
ATOM   979  C C     . LYS A 1 123 ? -8.669  -4.130  5.520   1.00 5.33  ? 123 LYS A C     1 
ATOM   980  O O     . LYS A 1 123 ? -7.928  -5.130  5.642   1.00 4.82  ? 123 LYS A O     1 
ATOM   981  C CB    . LYS A 1 123 ? -9.726  -3.467  3.304   1.00 6.36  ? 123 LYS A CB    1 
ATOM   982  C CG    . LYS A 1 123 ? -9.952  -4.891  2.953   1.00 8.27  ? 123 LYS A CG    1 
ATOM   983  C CD    . LYS A 1 123 ? -11.294 -5.059  2.240   1.00 9.19  ? 123 LYS A CD    1 
ATOM   984  C CE    . LYS A 1 123 ? -11.577 -6.520  1.965   1.00 10.56 ? 123 LYS A CE    1 
ATOM   985  N NZ    . LYS A 1 123 ? -12.895 -6.757  1.349   1.00 7.42  ? 123 LYS A NZ    1 
ATOM   986  N N     . ARG A 1 124 ? -9.532  -3.753  6.453   1.00 5.75  ? 124 ARG A N     1 
ATOM   987  C CA    . ARG A 1 124 ? -9.706  -4.516  7.672   1.00 6.53  ? 124 ARG A CA    1 
ATOM   988  C C     . ARG A 1 124 ? -10.421 -5.834  7.369   1.00 6.98  ? 124 ARG A C     1 
ATOM   989  O O     . ARG A 1 124 ? -11.176 -5.914  6.403   1.00 7.40  ? 124 ARG A O     1 
ATOM   990  C CB    A ARG A 1 124 ? -10.529 -3.672  8.653   0.50 9.02  ? 124 ARG A CB    1 
ATOM   991  C CB    B ARG A 1 124 ? -10.507 -3.713  8.697   0.50 5.44  ? 124 ARG A CB    1 
ATOM   992  C CG    A ARG A 1 124 ? -10.511 -4.165  10.072  0.50 14.15 ? 124 ARG A CG    1 
ATOM   993  C CG    B ARG A 1 124 ? -9.774  -2.503  9.261   0.50 3.99  ? 124 ARG A CG    1 
ATOM   994  C CD    A ARG A 1 124 ? -10.225 -3.051  11.075  0.50 16.64 ? 124 ARG A CD    1 
ATOM   995  C CD    B ARG A 1 124 ? -10.649 -1.837  10.304  0.50 6.56  ? 124 ARG A CD    1 
ATOM   996  N NE    A ARG A 1 124 ? -9.968  -3.608  12.398  0.50 19.81 ? 124 ARG A NE    1 
ATOM   997  N NE    B ARG A 1 124 ? -10.073 -0.633  10.897  0.50 9.30  ? 124 ARG A NE    1 
ATOM   998  C CZ    A ARG A 1 124 ? -10.251 -3.004  13.548  0.50 22.19 ? 124 ARG A CZ    1 
ATOM   999  C CZ    B ARG A 1 124 ? -10.338 0.602   10.483  0.50 10.35 ? 124 ARG A CZ    1 
ATOM   1000 N NH1   A ARG A 1 124 ? -10.812 -1.800  13.557  0.50 23.66 ? 124 ARG A NH1   1 
ATOM   1001 N NH1   B ARG A 1 124 ? -11.161 0.807   9.454   0.50 11.12 ? 124 ARG A NH1   1 
ATOM   1002 N NH2   A ARG A 1 124 ? -9.965  -3.609  14.697  0.50 22.72 ? 124 ARG A NH2   1 
ATOM   1003 N NH2   B ARG A 1 124 ? -9.814  1.634   11.127  0.50 10.52 ? 124 ARG A NH2   1 
ATOM   1004 N N     . VAL A 1 125 ? -10.108 -6.874  8.142   1.00 7.57  ? 125 VAL A N     1 
ATOM   1005 C CA    . VAL A 1 125 ? -10.749 -8.184  8.001   1.00 9.05  ? 125 VAL A CA    1 
ATOM   1006 C C     . VAL A 1 125 ? -11.235 -8.707  9.364   1.00 10.17 ? 125 VAL A C     1 
ATOM   1007 O O     . VAL A 1 125 ? -10.718 -8.236  10.400  1.00 10.64 ? 125 VAL A O     1 
ATOM   1008 C CB    . VAL A 1 125 ? -9.820  -9.264  7.364   1.00 10.05 ? 125 VAL A CB    1 
ATOM   1009 C CG1   . VAL A 1 125 ? -9.534  -8.933  5.918   1.00 10.78 ? 125 VAL A CG1   1 
ATOM   1010 C CG2   . VAL A 1 125 ? -8.534  -9.403  8.139   1.00 11.14 ? 125 VAL A CG2   1 
ATOM   1011 O OXT   . VAL A 1 125 ? -12.108 -9.603  9.363   1.00 10.75 ? 125 VAL A OXT   1 
HETATM 1012 C C1    . HC4 B 2 .   ? 4.292   -3.404  10.863  1.00 6.11  ? 126 HC4 A C1    1 
HETATM 1013 O O1    . HC4 B 2 .   ? 5.366   -2.951  11.275  1.00 6.03  ? 126 HC4 A O1    1 
HETATM 1014 C C2    . HC4 B 2 .   ? 3.293   -2.613  10.055  1.00 4.33  ? 126 HC4 A C2    1 
HETATM 1015 C C3    . HC4 B 2 .   ? 3.326   -1.312  10.140  1.00 5.19  ? 126 HC4 A C3    1 
HETATM 1016 C "C1'" . HC4 B 2 .   ? 2.463   -0.479  9.261   1.00 5.06  ? 126 HC4 A "C1'" 1 
HETATM 1017 C "C2'" . HC4 B 2 .   ? 2.585   0.907   9.347   1.00 5.22  ? 126 HC4 A "C2'" 1 
HETATM 1018 C "C3'" . HC4 B 2 .   ? 1.887   1.740   8.478   1.00 5.17  ? 126 HC4 A "C3'" 1 
HETATM 1019 C "C4'" . HC4 B 2 .   ? 1.073   1.179   7.520   1.00 5.43  ? 126 HC4 A "C4'" 1 
HETATM 1020 C "C5'" . HC4 B 2 .   ? 0.934   -0.189  7.415   1.00 5.66  ? 126 HC4 A "C5'" 1 
HETATM 1021 C "C6'" . HC4 B 2 .   ? 1.625   -1.007  8.283   1.00 4.67  ? 126 HC4 A "C6'" 1 
HETATM 1022 O "O4'" . HC4 B 2 .   ? 0.471   1.906   6.719   1.00 6.45  ? 126 HC4 A "O4'" 1 
HETATM 1023 O O     . HOH C 3 .   ? -7.094  -3.593  -4.163  1.00 11.92 ? 200 HOH A O     1 
HETATM 1024 O O     . HOH C 3 .   ? -6.200  -6.303  -9.408  1.00 13.37 ? 201 HOH A O     1 
HETATM 1025 O O     . HOH C 3 .   ? -8.285  -2.123  21.612  1.00 36.58 ? 202 HOH A O     1 
HETATM 1026 O O     . HOH C 3 .   ? 3.085   -9.295  12.404  1.00 24.71 ? 203 HOH A O     1 
HETATM 1027 O O     . HOH C 3 .   ? 6.520   -5.323  15.106  1.00 11.55 ? 204 HOH A O     1 
HETATM 1028 O O     . HOH C 3 .   ? -5.713  0.002   22.856  1.00 28.88 ? 205 HOH A O     1 
HETATM 1029 O O     . HOH C 3 .   ? 13.030  -3.454  8.874   1.00 9.09  ? 206 HOH A O     1 
HETATM 1030 O O     . HOH C 3 .   ? -3.760  -10.841 -6.194  1.00 25.88 ? 207 HOH A O     1 
HETATM 1031 O O     . HOH C 3 .   ? -5.559  -7.281  18.491  1.00 21.64 ? 208 HOH A O     1 
HETATM 1032 O O     . HOH C 3 .   ? -10.466 -14.130 6.728   1.00 26.75 ? 209 HOH A O     1 
HETATM 1033 O O     . HOH C 3 .   ? -13.321 -10.103 11.849  1.00 16.32 ? 210 HOH A O     1 
HETATM 1034 O O     . HOH C 3 .   ? 7.327   13.915  4.706   1.00 32.63 ? 211 HOH A O     1 
HETATM 1035 O O     . HOH C 3 .   ? -3.871  12.165  3.181   1.00 37.16 ? 212 HOH A O     1 
HETATM 1036 O O     . HOH C 3 .   ? -9.453  7.222   2.184   1.00 18.55 ? 213 HOH A O     1 
HETATM 1037 O O     . HOH C 3 .   ? -0.853  10.728  -0.576  1.00 9.02  ? 214 HOH A O     1 
HETATM 1038 O O     . HOH C 3 .   ? 0.267   6.054   -11.593 1.00 38.13 ? 215 HOH A O     1 
HETATM 1039 O O     . HOH C 3 .   ? -1.608  -12.898 10.798  1.00 26.39 ? 216 HOH A O     1 
HETATM 1040 O O     . HOH C 3 .   ? 1.383   -11.235 9.952   1.00 15.96 ? 217 HOH A O     1 
HETATM 1041 O O     . HOH C 3 .   ? -13.918 -0.835  -8.944  1.00 25.23 ? 218 HOH A O     1 
HETATM 1042 O O     . HOH C 3 .   ? -12.592 -12.614 5.717   1.00 34.94 ? 219 HOH A O     1 
HETATM 1043 O O     . HOH C 3 .   ? -13.241 -5.815  -11.019 1.00 30.44 ? 220 HOH A O     1 
HETATM 1044 O O     . HOH C 3 .   ? -11.252 -0.277  -10.910 1.00 24.42 ? 221 HOH A O     1 
HETATM 1045 O O     . HOH C 3 .   ? -1.559  2.849   -11.360 1.00 11.39 ? 222 HOH A O     1 
HETATM 1046 O O     . HOH C 3 .   ? -7.509  6.455   -15.371 1.00 14.67 ? 223 HOH A O     1 
HETATM 1047 O O     . HOH C 3 .   ? -3.709  10.875  -0.403  1.00 19.10 ? 224 HOH A O     1 
HETATM 1048 O O     . HOH C 3 .   ? -6.230  5.575   13.950  1.00 41.64 ? 225 HOH A O     1 
HETATM 1049 O O     . HOH C 3 .   ? -4.018  9.445   11.247  1.00 18.86 ? 226 HOH A O     1 
HETATM 1050 O O     . HOH C 3 .   ? 2.746   9.470   11.662  1.00 19.54 ? 227 HOH A O     1 
HETATM 1051 O O     . HOH C 3 .   ? -1.837  14.554  6.947   1.00 46.79 ? 228 HOH A O     1 
HETATM 1052 O O     . HOH C 3 .   ? 0.924   -13.481 5.165   1.00 22.65 ? 229 HOH A O     1 
HETATM 1053 O O     . HOH C 3 .   ? 1.909   -3.824  19.661  1.00 25.95 ? 230 HOH A O     1 
HETATM 1054 O O     . HOH C 3 .   ? -7.729  -7.216  13.929  1.00 20.26 ? 231 HOH A O     1 
HETATM 1055 O O     . HOH C 3 .   ? 1.972   -6.555  -12.765 1.00 16.87 ? 232 HOH A O     1 
HETATM 1056 O O     . HOH C 3 .   ? -13.466 3.291   -2.801  1.00 13.67 ? 233 HOH A O     1 
HETATM 1057 O O     . HOH C 3 .   ? -11.570 -8.183  -3.087  1.00 18.82 ? 234 HOH A O     1 
HETATM 1058 O O     . HOH C 3 .   ? -15.176 -3.970  -10.148 1.00 26.29 ? 235 HOH A O     1 
HETATM 1059 O O     . HOH C 3 .   ? -0.902  7.667   -9.271  1.00 45.55 ? 236 HOH A O     1 
HETATM 1060 O O     . HOH C 3 .   ? -1.111  12.372  2.141   1.00 32.66 ? 237 HOH A O     1 
HETATM 1061 O O     . HOH C 3 .   ? -9.434  13.105  4.549   1.00 42.54 ? 238 HOH A O     1 
HETATM 1062 O O     . HOH C 3 .   ? -10.931 1.054   5.126   1.00 20.83 ? 239 HOH A O     1 
HETATM 1063 O O     . HOH C 3 .   ? 13.413  7.155   2.235   1.00 26.81 ? 240 HOH A O     1 
HETATM 1064 O O     . HOH C 3 .   ? -2.111  3.267   16.044  1.00 21.33 ? 241 HOH A O     1 
HETATM 1065 O O     . HOH C 3 .   ? 5.714   6.569   11.463  1.00 46.05 ? 242 HOH A O     1 
HETATM 1066 O O     . HOH C 3 .   ? 5.567   3.717   12.044  1.00 14.98 ? 243 HOH A O     1 
HETATM 1067 O O     . HOH C 3 .   ? 4.148   4.993   14.606  1.00 23.61 ? 244 HOH A O     1 
HETATM 1068 O O     . HOH C 3 .   ? 2.512   7.794   14.163  1.00 20.24 ? 245 HOH A O     1 
HETATM 1069 O O     . HOH C 3 .   ? 20.800  3.862   7.982   1.00 35.88 ? 246 HOH A O     1 
HETATM 1070 O O     . HOH C 3 .   ? 14.143  4.311   10.653  1.00 35.35 ? 247 HOH A O     1 
HETATM 1071 O O     . HOH C 3 .   ? 8.218   4.259   12.671  1.00 36.36 ? 248 HOH A O     1 
HETATM 1072 O O     . HOH C 3 .   ? -12.948 -7.716  5.186   1.00 11.71 ? 249 HOH A O     1 
HETATM 1073 O O     . HOH C 3 .   ? 9.491   -14.477 -0.537  1.00 22.60 ? 250 HOH A O     1 
HETATM 1074 O O     . HOH C 3 .   ? 13.992  -2.725  -1.495  1.00 23.38 ? 251 HOH A O     1 
HETATM 1075 O O     . HOH C 3 .   ? 13.491  -3.342  -4.029  1.00 36.15 ? 252 HOH A O     1 
HETATM 1076 O O     . HOH C 3 .   ? 9.606   -14.521 -9.067  1.00 37.02 ? 253 HOH A O     1 
HETATM 1077 O O     . HOH C 3 .   ? 5.904   -11.656 -9.284  1.00 20.86 ? 254 HOH A O     1 
HETATM 1078 O O     . HOH C 3 .   ? 1.061   -9.825  16.463  1.00 26.44 ? 255 HOH A O     1 
HETATM 1079 O O     . HOH C 3 .   ? -3.490  1.194   17.595  1.00 21.61 ? 256 HOH A O     1 
HETATM 1080 O O     . HOH C 3 .   ? -9.184  -6.208  11.571  1.00 11.55 ? 257 HOH A O     1 
HETATM 1081 O O     . HOH C 3 .   ? -11.860 -9.197  -0.599  1.00 23.60 ? 258 HOH A O     1 
HETATM 1082 O O     . HOH C 3 .   ? -12.858 -12.576 -0.900  1.00 35.46 ? 259 HOH A O     1 
HETATM 1083 O O     . HOH C 3 .   ? -4.850  -8.036  -13.601 1.00 39.76 ? 260 HOH A O     1 
HETATM 1084 O O     . HOH C 3 .   ? -11.347 -1.352  6.211   1.00 18.56 ? 261 HOH A O     1 
HETATM 1085 O O     . HOH C 3 .   ? -10.373 3.163   6.893   1.00 20.52 ? 262 HOH A O     1 
HETATM 1086 O O     . HOH C 3 .   ? -3.797  -11.398 14.332  1.00 41.94 ? 263 HOH A O     1 
HETATM 1087 O O     . HOH C 3 .   ? 13.779  8.882   5.657   1.00 35.81 ? 264 HOH A O     1 
HETATM 1088 O O     . HOH C 3 .   ? 10.418  12.545  5.015   1.00 46.90 ? 265 HOH A O     1 
HETATM 1089 O O     . HOH C 3 .   ? 2.027   -8.695  19.036  1.00 30.59 ? 266 HOH A O     1 
HETATM 1090 O O     . HOH C 3 .   ? -2.987  -14.115 -11.185 1.00 24.98 ? 267 HOH A O     1 
HETATM 1091 O O     . HOH C 3 .   ? -1.686  -10.230 -12.939 1.00 35.49 ? 268 HOH A O     1 
HETATM 1092 O O     . HOH C 3 .   ? 4.790   7.370   -10.774 1.00 44.77 ? 269 HOH A O     1 
HETATM 1093 O O     . HOH C 3 .   ? -5.376  12.193  6.260   1.00 32.76 ? 270 HOH A O     1 
HETATM 1094 O O     . HOH C 3 .   ? -15.051 -14.416 -0.858  1.00 48.66 ? 271 HOH A O     1 
HETATM 1095 O O     . HOH C 3 .   ? -14.536 6.311   7.526   1.00 25.58 ? 272 HOH A O     1 
HETATM 1096 O O     . HOH C 3 .   ? -11.335 0.636   -17.107 1.00 40.23 ? 273 HOH A O     1 
HETATM 1097 O O     . HOH C 3 .   ? -6.505  -9.209  -9.950  1.00 42.78 ? 274 HOH A O     1 
HETATM 1098 O O     . HOH C 3 .   ? -7.399  -16.908 9.686   1.00 23.94 ? 275 HOH A O     1 
HETATM 1099 O O     . HOH C 3 .   ? -14.241 -0.982  -15.024 1.00 46.19 ? 276 HOH A O     1 
HETATM 1100 O O     . HOH C 3 .   ? -13.338 -0.897  8.288   1.00 38.97 ? 277 HOH A O     1 
HETATM 1101 O O     . HOH C 3 .   ? -5.082  3.296   15.144  1.00 42.60 ? 278 HOH A O     1 
HETATM 1102 O O     . HOH C 3 .   ? -1.354  2.813   18.883  1.00 47.41 ? 279 HOH A O     1 
HETATM 1103 O O     . HOH C 3 .   ? -1.676  -13.753 8.220   1.00 26.99 ? 280 HOH A O     1 
HETATM 1104 O O     . HOH C 3 .   ? 6.010   -12.766 8.464   1.00 40.77 ? 281 HOH A O     1 
HETATM 1105 O O     . HOH C 3 .   ? -15.482 11.605  -2.795  1.00 48.42 ? 282 HOH A O     1 
HETATM 1106 O O     . HOH C 3 .   ? 15.016  5.999   4.192   1.00 32.43 ? 283 HOH A O     1 
HETATM 1107 O O     . HOH C 3 .   ? 5.269   9.114   10.806  1.00 38.47 ? 284 HOH A O     1 
HETATM 1108 O O     . HOH C 3 .   ? -7.809  -5.310  19.069  1.00 49.22 ? 285 HOH A O     1 
HETATM 1109 O O     . HOH C 3 .   ? -3.579  -9.913  19.391  1.00 40.28 ? 286 HOH A O     1 
HETATM 1110 O O     . HOH C 3 .   ? 13.939  -0.454  -9.286  1.00 38.11 ? 287 HOH A O     1 
HETATM 1111 O O     . HOH C 3 .   ? 8.288   7.238   10.722  1.00 39.35 ? 288 HOH A O     1 
HETATM 1112 O O     . HOH C 3 .   ? 0.671   12.237  -7.310  1.00 47.82 ? 289 HOH A O     1 
HETATM 1113 O O     . HOH C 3 .   ? -19.307 -15.046 -2.903  1.00 52.83 ? 290 HOH A O     1 
HETATM 1114 O O     . HOH C 3 .   ? -9.634  -11.031 13.178  1.00 47.39 ? 291 HOH A O     1 
# 
